data_2J5D
#
_entry.id   2J5D
#
_cell.length_a   1.000
_cell.length_b   1.000
_cell.length_c   1.000
_cell.angle_alpha   90.00
_cell.angle_beta   90.00
_cell.angle_gamma   90.00
#
_symmetry.space_group_name_H-M   'P 1'
#
_entity_poly.entity_id   1
_entity_poly.type   'polypeptide(L)'
_entity_poly.pdbx_seq_one_letter_code
;RNTSVMKKGGIFSAEFLKVFLPSLLLSHLLAIGLGIYIGRRLTTS
;
_entity_poly.pdbx_strand_id   A,B
#
# COMPACT_ATOMS: atom_id res chain seq x y z
N ARG A 1 23.63 6.24 25.38
CA ARG A 1 23.56 7.66 25.03
C ARG A 1 22.32 7.90 24.14
N ASN A 2 22.45 7.81 22.82
CA ASN A 2 21.33 7.96 21.86
C ASN A 2 20.26 6.89 22.12
N THR A 3 19.02 7.35 22.26
CA THR A 3 17.86 6.47 22.52
C THR A 3 16.61 6.84 21.68
N SER A 4 16.85 7.12 20.41
CA SER A 4 15.81 7.68 19.52
C SER A 4 15.41 6.73 18.38
N VAL A 5 14.26 6.08 18.61
CA VAL A 5 13.53 5.34 17.55
C VAL A 5 12.15 6.00 17.41
N MET A 6 12.12 6.96 16.49
CA MET A 6 10.97 7.87 16.26
C MET A 6 9.68 7.19 15.79
N LYS A 7 8.82 6.92 16.75
CA LYS A 7 7.46 6.38 16.49
C LYS A 7 6.52 7.54 16.12
N LYS A 8 6.01 7.46 14.90
CA LYS A 8 5.27 8.57 14.25
C LYS A 8 3.74 8.41 14.19
N GLY A 9 3.27 7.48 13.38
CA GLY A 9 1.82 7.26 13.17
C GLY A 9 1.56 5.88 12.56
N GLY A 10 1.40 5.88 11.23
CA GLY A 10 1.09 4.66 10.45
C GLY A 10 -0.23 4.04 10.93
N ILE A 11 -0.10 2.82 11.44
CA ILE A 11 -1.22 2.08 12.04
C ILE A 11 -1.07 2.05 13.56
N PHE A 12 -1.94 2.81 14.21
CA PHE A 12 -1.96 2.93 15.69
C PHE A 12 -2.28 1.62 16.43
N SER A 13 -3.22 0.85 15.88
CA SER A 13 -3.61 -0.46 16.45
C SER A 13 -3.39 -1.63 15.49
N ALA A 14 -2.76 -2.66 16.05
CA ALA A 14 -2.58 -3.97 15.39
C ALA A 14 -3.90 -4.70 15.05
N GLU A 15 -4.94 -4.44 15.83
CA GLU A 15 -6.30 -4.94 15.55
C GLU A 15 -6.88 -4.35 14.25
N PHE A 16 -6.73 -3.03 14.10
CA PHE A 16 -7.04 -2.34 12.83
C PHE A 16 -6.19 -2.85 11.65
N LEU A 17 -4.91 -3.10 11.91
CA LEU A 17 -4.01 -3.74 10.93
C LEU A 17 -4.52 -5.11 10.48
N LYS A 18 -5.03 -5.92 11.40
CA LYS A 18 -5.72 -7.19 11.08
C LYS A 18 -6.89 -6.99 10.10
N VAL A 19 -7.77 -6.05 10.45
CA VAL A 19 -8.94 -5.63 9.62
C VAL A 19 -8.52 -5.26 8.19
N PHE A 20 -7.46 -4.47 8.08
CA PHE A 20 -6.91 -4.00 6.79
C PHE A 20 -6.07 -5.02 6.01
N LEU A 21 -5.53 -6.05 6.67
CA LEU A 21 -4.65 -7.05 6.04
C LEU A 21 -5.11 -7.69 4.72
N PRO A 22 -6.40 -8.04 4.53
CA PRO A 22 -6.91 -8.50 3.23
C PRO A 22 -6.69 -7.47 2.11
N SER A 23 -7.19 -6.25 2.29
CA SER A 23 -7.04 -5.15 1.31
C SER A 23 -5.59 -4.69 1.11
N LEU A 24 -4.81 -4.70 2.18
CA LEU A 24 -3.35 -4.49 2.14
C LEU A 24 -2.65 -5.51 1.24
N LEU A 25 -2.76 -6.78 1.61
CA LEU A 25 -2.19 -7.91 0.85
C LEU A 25 -2.64 -7.94 -0.62
N LEU A 26 -3.94 -7.74 -0.84
CA LEU A 26 -4.53 -7.68 -2.19
C LEU A 26 -3.88 -6.59 -3.05
N SER A 27 -3.85 -5.35 -2.54
CA SER A 27 -3.28 -4.20 -3.26
C SER A 27 -1.77 -4.33 -3.53
N HIS A 28 -1.01 -4.81 -2.53
CA HIS A 28 0.41 -5.13 -2.71
C HIS A 28 0.70 -6.27 -3.69
N LEU A 29 -0.08 -7.35 -3.61
CA LEU A 29 -0.01 -8.47 -4.58
C LEU A 29 -0.33 -8.02 -6.01
N LEU A 30 -1.35 -7.16 -6.15
CA LEU A 30 -1.68 -6.47 -7.42
C LEU A 30 -0.48 -5.71 -7.98
N ALA A 31 0.15 -4.89 -7.12
CA ALA A 31 1.37 -4.13 -7.45
C ALA A 31 2.57 -5.02 -7.85
N ILE A 32 2.81 -6.10 -7.11
CA ILE A 32 3.85 -7.10 -7.43
C ILE A 32 3.59 -7.78 -8.80
N GLY A 33 2.36 -8.27 -8.99
CA GLY A 33 1.92 -8.89 -10.25
C GLY A 33 2.06 -7.93 -11.45
N LEU A 34 1.59 -6.70 -11.24
CA LEU A 34 1.75 -5.59 -12.19
C LEU A 34 3.23 -5.31 -12.50
N GLY A 35 4.08 -5.30 -11.47
CA GLY A 35 5.54 -5.17 -11.61
C GLY A 35 6.19 -6.24 -12.51
N ILE A 36 5.79 -7.50 -12.31
CA ILE A 36 6.20 -8.64 -13.15
C ILE A 36 5.79 -8.40 -14.62
N TYR A 37 4.54 -7.97 -14.81
CA TYR A 37 3.98 -7.57 -16.12
C TYR A 37 4.74 -6.40 -16.77
N ILE A 38 5.03 -5.37 -15.98
CA ILE A 38 5.87 -4.21 -16.38
C ILE A 38 7.29 -4.66 -16.79
N GLY A 39 7.85 -5.58 -16.01
CA GLY A 39 9.12 -6.29 -16.35
C GLY A 39 9.06 -6.92 -17.75
N ARG A 40 7.97 -7.63 -18.03
CA ARG A 40 7.72 -8.16 -19.39
C ARG A 40 7.61 -7.08 -20.47
N ARG A 41 6.86 -6.00 -20.20
CA ARG A 41 6.74 -4.86 -21.14
C ARG A 41 8.03 -4.07 -21.41
N LEU A 42 8.97 -4.11 -20.47
CA LEU A 42 10.34 -3.59 -20.65
C LEU A 42 11.22 -4.40 -21.62
N THR A 43 10.89 -5.68 -21.80
CA THR A 43 11.64 -6.62 -22.68
C THR A 43 10.88 -7.07 -23.95
N THR A 44 9.59 -7.36 -23.79
CA THR A 44 8.67 -7.83 -24.87
C THR A 44 7.42 -6.96 -24.90
N SER A 45 7.43 -6.01 -25.83
CA SER A 45 6.38 -5.00 -25.98
C SER A 45 6.21 -4.66 -27.47
N ARG B 1 -28.65 14.19 7.50
CA ARG B 1 -29.41 13.45 6.46
C ARG B 1 -28.41 13.04 5.36
N ASN B 2 -28.66 11.93 4.66
CA ASN B 2 -27.79 11.51 3.55
C ASN B 2 -28.26 11.98 2.16
N THR B 3 -29.58 12.14 1.98
CA THR B 3 -30.14 12.89 0.84
C THR B 3 -29.89 14.40 1.02
N SER B 4 -28.63 14.70 0.70
CA SER B 4 -27.95 16.02 0.76
C SER B 4 -26.48 15.78 0.35
N VAL B 5 -25.88 16.79 -0.27
CA VAL B 5 -24.50 16.70 -0.80
C VAL B 5 -23.49 16.86 0.36
N MET B 6 -22.94 15.73 0.76
CA MET B 6 -22.08 15.63 1.96
C MET B 6 -20.61 15.34 1.64
N LYS B 7 -19.75 16.02 2.40
CA LYS B 7 -18.31 15.71 2.45
C LYS B 7 -18.15 14.65 3.56
N LYS B 8 -18.47 13.42 3.20
CA LYS B 8 -18.62 12.32 4.17
C LYS B 8 -17.53 11.24 4.01
N GLY B 9 -16.96 10.89 5.15
CA GLY B 9 -15.97 9.80 5.28
C GLY B 9 -16.53 8.70 6.20
N GLY B 10 -16.15 8.83 7.47
CA GLY B 10 -16.52 7.86 8.53
C GLY B 10 -15.84 6.49 8.37
N ILE B 11 -14.56 6.53 8.03
CA ILE B 11 -13.68 5.35 7.86
C ILE B 11 -13.34 4.68 9.21
N PHE B 12 -12.94 3.41 9.12
CA PHE B 12 -12.54 2.59 10.27
C PHE B 12 -11.43 3.21 11.15
N SER B 13 -10.26 3.42 10.56
CA SER B 13 -9.09 4.03 11.24
C SER B 13 -8.77 5.40 10.62
N ALA B 14 -9.21 6.41 11.35
CA ALA B 14 -9.15 7.83 10.91
C ALA B 14 -7.71 8.35 10.73
N GLU B 15 -6.86 7.94 11.66
CA GLU B 15 -5.41 8.23 11.71
C GLU B 15 -4.60 7.58 10.57
N PHE B 16 -4.81 6.28 10.35
CA PHE B 16 -4.08 5.49 9.33
C PHE B 16 -4.16 6.10 7.93
N LEU B 17 -5.40 6.28 7.45
CA LEU B 17 -5.68 6.88 6.13
C LEU B 17 -5.63 8.43 6.08
N LYS B 18 -4.76 8.95 6.93
CA LYS B 18 -4.23 10.31 6.90
C LYS B 18 -2.69 10.24 6.92
N VAL B 19 -2.17 9.88 8.10
CA VAL B 19 -0.72 9.87 8.40
C VAL B 19 0.13 8.92 7.53
N PHE B 20 -0.46 7.82 7.08
CA PHE B 20 0.25 6.81 6.27
C PHE B 20 -0.20 6.71 4.81
N LEU B 21 -1.24 7.45 4.42
CA LEU B 21 -1.83 7.38 3.07
C LEU B 21 -0.83 7.62 1.91
N PRO B 22 0.08 8.62 1.96
CA PRO B 22 1.14 8.77 0.95
C PRO B 22 2.15 7.60 0.95
N SER B 23 2.64 7.23 2.13
CA SER B 23 3.55 6.08 2.33
C SER B 23 2.99 4.74 1.83
N LEU B 24 1.68 4.56 1.98
CA LEU B 24 0.95 3.40 1.45
C LEU B 24 1.15 3.28 -0.07
N LEU B 25 0.81 4.35 -0.79
CA LEU B 25 1.01 4.46 -2.25
C LEU B 25 2.48 4.33 -2.68
N LEU B 26 3.38 4.92 -1.90
CA LEU B 26 4.84 4.77 -2.06
C LEU B 26 5.31 3.31 -2.00
N SER B 27 4.78 2.55 -1.04
CA SER B 27 5.09 1.10 -0.91
C SER B 27 4.51 0.24 -2.05
N HIS B 28 3.41 0.67 -2.65
CA HIS B 28 2.92 0.07 -3.91
C HIS B 28 3.89 0.23 -5.08
N LEU B 29 4.44 1.43 -5.23
CA LEU B 29 5.53 1.73 -6.20
C LEU B 29 6.77 0.85 -5.97
N LEU B 30 7.14 0.75 -4.69
CA LEU B 30 8.17 -0.19 -4.18
C LEU B 30 7.89 -1.65 -4.60
N ALA B 31 6.66 -2.12 -4.35
CA ALA B 31 6.18 -3.46 -4.72
C ALA B 31 6.21 -3.73 -6.23
N ILE B 32 5.89 -2.73 -7.05
CA ILE B 32 6.04 -2.79 -8.52
C ILE B 32 7.52 -3.00 -8.93
N GLY B 33 8.42 -2.25 -8.28
CA GLY B 33 9.88 -2.43 -8.44
C GLY B 33 10.35 -3.86 -8.10
N LEU B 34 9.89 -4.35 -6.95
CA LEU B 34 10.08 -5.74 -6.49
C LEU B 34 9.52 -6.78 -7.50
N GLY B 35 8.35 -6.48 -8.05
CA GLY B 35 7.70 -7.24 -9.13
C GLY B 35 8.60 -7.40 -10.36
N ILE B 36 9.22 -6.30 -10.79
CA ILE B 36 10.21 -6.30 -11.89
C ILE B 36 11.42 -7.21 -11.57
N TYR B 37 11.90 -7.15 -10.33
CA TYR B 37 13.01 -8.01 -9.86
C TYR B 37 12.67 -9.51 -9.86
N ILE B 38 11.54 -9.90 -9.26
CA ILE B 38 11.07 -11.30 -9.33
C ILE B 38 10.75 -11.73 -10.79
N GLY B 39 10.27 -10.78 -11.58
CA GLY B 39 10.10 -10.92 -13.05
C GLY B 39 11.40 -11.33 -13.77
N ARG B 40 12.48 -10.61 -13.50
CA ARG B 40 13.81 -11.02 -14.02
C ARG B 40 14.36 -12.31 -13.39
N ARG B 41 14.07 -12.57 -12.11
CA ARG B 41 14.42 -13.86 -11.47
C ARG B 41 13.84 -15.09 -12.19
N LEU B 42 12.65 -14.91 -12.74
CA LEU B 42 11.96 -15.87 -13.63
C LEU B 42 12.63 -16.13 -14.99
N THR B 43 13.42 -15.15 -15.46
CA THR B 43 13.99 -15.17 -16.83
C THR B 43 15.54 -15.22 -16.84
N THR B 44 16.16 -14.07 -16.64
CA THR B 44 17.63 -13.87 -16.55
C THR B 44 17.95 -12.73 -15.58
N SER B 45 18.49 -13.13 -14.43
CA SER B 45 18.67 -12.22 -13.28
C SER B 45 19.88 -12.58 -12.40
N ARG A 1 -10.50 -17.49 27.14
CA ARG A 1 -10.85 -18.16 25.87
C ARG A 1 -9.67 -18.10 24.91
N ASN A 2 -9.52 -19.12 24.05
CA ASN A 2 -8.59 -19.06 22.90
C ASN A 2 -8.68 -17.79 22.04
N THR A 3 -9.89 -17.36 21.67
CA THR A 3 -10.04 -16.07 20.96
C THR A 3 -10.45 -14.90 21.86
N SER A 4 -9.46 -14.02 22.02
CA SER A 4 -9.54 -12.88 22.96
C SER A 4 -8.93 -11.60 22.39
N VAL A 5 -8.91 -10.55 23.23
CA VAL A 5 -8.18 -9.30 22.93
C VAL A 5 -6.79 -9.41 23.58
N MET A 6 -5.83 -9.88 22.79
CA MET A 6 -4.42 -10.03 23.21
C MET A 6 -3.64 -8.71 23.02
N LYS A 7 -4.22 -7.62 23.53
CA LYS A 7 -3.77 -6.27 23.17
C LYS A 7 -3.32 -5.39 24.34
N LYS A 8 -2.22 -4.69 24.06
CA LYS A 8 -1.62 -3.71 24.98
C LYS A 8 -2.14 -2.29 24.70
N GLY A 9 -2.30 -1.99 23.41
CA GLY A 9 -2.86 -0.71 22.93
C GLY A 9 -4.35 -0.55 23.28
N GLY A 10 -5.13 -0.19 22.27
CA GLY A 10 -6.57 0.10 22.43
C GLY A 10 -7.14 0.68 21.14
N ILE A 11 -7.49 -0.22 20.24
CA ILE A 11 -7.99 0.14 18.89
C ILE A 11 -9.43 0.70 18.88
N PHE A 12 -9.63 1.67 17.99
CA PHE A 12 -10.95 2.25 17.67
C PHE A 12 -11.97 1.25 17.09
N SER A 13 -11.55 0.41 16.14
CA SER A 13 -12.40 -0.68 15.63
C SER A 13 -11.67 -1.92 15.08
N ALA A 14 -11.78 -2.98 15.85
CA ALA A 14 -11.39 -4.35 15.46
C ALA A 14 -12.17 -4.86 14.23
N GLU A 15 -13.47 -4.58 14.20
CA GLU A 15 -14.34 -4.86 13.02
C GLU A 15 -13.78 -4.22 11.75
N PHE A 16 -13.43 -2.94 11.84
CA PHE A 16 -12.79 -2.20 10.72
C PHE A 16 -11.48 -2.85 10.27
N LEU A 17 -10.57 -3.12 11.20
CA LEU A 17 -9.30 -3.81 10.88
C LEU A 17 -9.47 -5.19 10.23
N LYS A 18 -10.49 -5.92 10.68
CA LYS A 18 -10.91 -7.22 10.10
C LYS A 18 -11.06 -7.16 8.56
N VAL A 19 -11.91 -6.25 8.09
CA VAL A 19 -12.09 -6.01 6.63
C VAL A 19 -10.89 -5.35 5.94
N PHE A 20 -10.31 -4.35 6.61
CA PHE A 20 -9.15 -3.57 6.11
C PHE A 20 -7.92 -4.41 5.74
N LEU A 21 -7.59 -5.40 6.58
CA LEU A 21 -6.41 -6.27 6.37
C LEU A 21 -6.33 -7.00 5.00
N PRO A 22 -7.25 -7.89 4.61
CA PRO A 22 -7.14 -8.64 3.34
C PRO A 22 -7.17 -7.78 2.07
N SER A 23 -7.99 -6.70 2.07
CA SER A 23 -8.03 -5.75 0.96
C SER A 23 -6.71 -4.97 0.79
N LEU A 24 -6.15 -4.48 1.90
CA LEU A 24 -4.82 -3.85 1.90
C LEU A 24 -3.72 -4.82 1.42
N LEU A 25 -3.72 -6.03 2.00
CA LEU A 25 -2.86 -7.15 1.56
C LEU A 25 -2.91 -7.41 0.04
N LEU A 26 -4.13 -7.64 -0.46
CA LEU A 26 -4.37 -7.87 -1.91
C LEU A 26 -3.94 -6.71 -2.81
N SER A 27 -4.15 -5.48 -2.36
CA SER A 27 -3.71 -4.26 -3.09
C SER A 27 -2.20 -4.26 -3.43
N HIS A 28 -1.38 -4.57 -2.42
CA HIS A 28 0.08 -4.76 -2.60
C HIS A 28 0.43 -5.98 -3.46
N LEU A 29 -0.23 -7.10 -3.18
CA LEU A 29 -0.09 -8.33 -3.98
C LEU A 29 -0.25 -8.11 -5.50
N LEU A 30 -1.30 -7.37 -5.85
CA LEU A 30 -1.55 -6.92 -7.24
C LEU A 30 -0.47 -6.00 -7.82
N ALA A 31 0.08 -5.13 -6.99
CA ALA A 31 1.22 -4.25 -7.36
C ALA A 31 2.49 -5.05 -7.73
N ILE A 32 2.84 -6.05 -6.90
CA ILE A 32 3.93 -7.01 -7.20
C ILE A 32 3.61 -7.78 -8.48
N GLY A 33 2.36 -8.26 -8.55
CA GLY A 33 1.73 -8.87 -9.75
C GLY A 33 2.05 -8.09 -11.03
N LEU A 34 1.57 -6.85 -11.04
CA LEU A 34 1.86 -5.86 -12.10
C LEU A 34 3.37 -5.73 -12.38
N GLY A 35 4.16 -5.63 -11.32
CA GLY A 35 5.64 -5.57 -11.39
C GLY A 35 6.27 -6.65 -12.29
N ILE A 36 6.08 -7.91 -11.89
CA ILE A 36 6.60 -9.08 -12.65
C ILE A 36 6.00 -9.13 -14.06
N TYR A 37 4.68 -8.95 -14.13
CA TYR A 37 3.90 -8.87 -15.37
C TYR A 37 4.50 -7.89 -16.41
N ILE A 38 4.63 -6.63 -16.02
CA ILE A 38 5.19 -5.53 -16.85
C ILE A 38 6.70 -5.68 -17.15
N GLY A 39 7.42 -6.23 -16.14
CA GLY A 39 8.90 -6.34 -16.14
C GLY A 39 9.50 -7.11 -17.31
N ARG A 40 8.82 -8.17 -17.70
CA ARG A 40 9.25 -9.06 -18.79
C ARG A 40 9.40 -8.42 -20.18
N ARG A 41 8.70 -7.31 -20.43
CA ARG A 41 9.09 -6.42 -21.56
C ARG A 41 9.63 -5.02 -21.21
N LEU A 42 9.48 -4.61 -19.96
CA LEU A 42 9.98 -3.31 -19.46
C LEU A 42 11.51 -3.17 -19.55
N THR A 43 12.25 -4.09 -18.95
CA THR A 43 13.75 -4.08 -18.96
C THR A 43 14.31 -4.39 -20.34
N THR A 44 14.08 -5.63 -20.79
CA THR A 44 14.36 -6.08 -22.18
C THR A 44 13.06 -6.62 -22.81
N SER A 45 12.90 -6.33 -24.10
CA SER A 45 11.66 -6.64 -24.85
C SER A 45 11.96 -7.44 -26.12
N ARG B 1 -11.84 19.97 -8.52
CA ARG B 1 -13.30 19.98 -8.79
C ARG B 1 -13.91 21.36 -8.50
N ASN B 2 -14.94 21.69 -9.27
CA ASN B 2 -15.85 22.82 -8.99
C ASN B 2 -16.52 22.70 -7.62
N THR B 3 -16.91 21.47 -7.26
CA THR B 3 -17.36 21.16 -5.89
C THR B 3 -16.21 20.50 -5.13
N SER B 4 -15.42 21.37 -4.51
CA SER B 4 -14.24 20.99 -3.69
C SER B 4 -14.61 20.03 -2.56
N VAL B 5 -14.15 18.79 -2.73
CA VAL B 5 -14.41 17.66 -1.81
C VAL B 5 -13.59 17.80 -0.52
N MET B 6 -14.30 17.91 0.60
CA MET B 6 -13.72 17.86 1.96
C MET B 6 -14.19 16.64 2.76
N LYS B 7 -15.37 16.17 2.43
CA LYS B 7 -15.93 14.88 2.86
C LYS B 7 -16.19 14.04 1.60
N LYS B 8 -15.47 12.92 1.50
CA LYS B 8 -15.64 11.99 0.36
C LYS B 8 -17.02 11.33 0.40
N GLY B 9 -17.35 10.77 1.56
CA GLY B 9 -18.70 10.26 1.89
C GLY B 9 -18.72 8.75 2.11
N GLY B 10 -18.26 8.38 3.30
CA GLY B 10 -18.28 6.96 3.75
C GLY B 10 -17.14 6.55 4.67
N ILE B 11 -15.91 6.77 4.26
CA ILE B 11 -14.68 6.36 4.99
C ILE B 11 -14.75 6.46 6.52
N PHE B 12 -14.18 5.45 7.17
CA PHE B 12 -14.24 5.28 8.64
C PHE B 12 -13.38 6.30 9.42
N SER B 13 -12.09 6.32 9.13
CA SER B 13 -11.11 7.13 9.89
C SER B 13 -10.12 7.89 8.99
N ALA B 14 -10.46 9.17 8.77
CA ALA B 14 -9.78 10.04 7.80
C ALA B 14 -8.28 10.25 8.03
N GLU B 15 -7.89 10.79 9.20
CA GLU B 15 -6.47 11.07 9.52
C GLU B 15 -5.60 9.79 9.56
N PHE B 16 -6.18 8.69 10.04
CA PHE B 16 -5.58 7.33 10.00
C PHE B 16 -5.23 6.92 8.55
N LEU B 17 -6.24 6.98 7.69
CA LEU B 17 -6.08 6.73 6.24
C LEU B 17 -5.11 7.71 5.55
N LYS B 18 -5.15 8.98 5.95
CA LYS B 18 -4.21 10.02 5.51
C LYS B 18 -2.74 9.72 5.82
N VAL B 19 -2.43 9.48 7.09
CA VAL B 19 -1.06 9.13 7.51
C VAL B 19 -0.53 7.82 6.87
N PHE B 20 -1.47 6.91 6.59
CA PHE B 20 -1.20 5.67 5.83
C PHE B 20 -0.80 5.90 4.37
N LEU B 21 -1.54 6.76 3.65
CA LEU B 21 -1.33 7.05 2.22
C LEU B 21 0.09 7.25 1.66
N PRO B 22 0.97 8.15 2.19
CA PRO B 22 2.29 8.40 1.60
C PRO B 22 3.18 7.14 1.53
N SER B 23 3.37 6.51 2.69
CA SER B 23 4.10 5.23 2.85
C SER B 23 3.40 4.07 2.12
N LEU B 24 2.07 4.05 2.11
CA LEU B 24 1.29 3.14 1.24
C LEU B 24 1.64 3.26 -0.25
N LEU B 25 1.47 4.46 -0.81
CA LEU B 25 1.86 4.77 -2.22
C LEU B 25 3.31 4.35 -2.55
N LEU B 26 4.21 4.72 -1.65
CA LEU B 26 5.65 4.30 -1.70
C LEU B 26 5.77 2.77 -1.80
N SER B 27 5.21 2.06 -0.83
CA SER B 27 5.16 0.58 -0.82
C SER B 27 4.52 -0.07 -2.07
N HIS B 28 3.37 0.45 -2.53
CA HIS B 28 2.71 -0.01 -3.76
C HIS B 28 3.58 0.16 -5.02
N LEU B 29 4.12 1.37 -5.23
CA LEU B 29 5.04 1.65 -6.35
C LEU B 29 6.35 0.85 -6.31
N LEU B 30 6.91 0.69 -5.11
CA LEU B 30 8.11 -0.13 -4.91
C LEU B 30 7.87 -1.65 -4.93
N ALA B 31 6.65 -2.09 -4.62
CA ALA B 31 6.18 -3.46 -4.90
C ALA B 31 6.19 -3.76 -6.40
N ILE B 32 5.73 -2.79 -7.20
CA ILE B 32 5.90 -2.81 -8.67
C ILE B 32 7.39 -2.89 -9.02
N GLY B 33 8.18 -1.93 -8.50
CA GLY B 33 9.65 -1.89 -8.63
C GLY B 33 10.34 -3.25 -8.38
N LEU B 34 10.15 -3.77 -7.18
CA LEU B 34 10.66 -5.10 -6.75
C LEU B 34 10.20 -6.24 -7.68
N GLY B 35 8.93 -6.19 -8.08
CA GLY B 35 8.34 -7.07 -9.11
C GLY B 35 9.08 -7.01 -10.45
N ILE B 36 9.35 -5.82 -10.95
CA ILE B 36 10.13 -5.57 -12.19
C ILE B 36 11.54 -6.20 -12.07
N TYR B 37 12.18 -6.05 -10.90
CA TYR B 37 13.46 -6.72 -10.61
C TYR B 37 13.39 -8.25 -10.76
N ILE B 38 12.34 -8.85 -10.20
CA ILE B 38 12.02 -10.29 -10.38
C ILE B 38 11.83 -10.60 -11.87
N GLY B 39 11.04 -9.79 -12.58
CA GLY B 39 10.84 -9.84 -14.05
C GLY B 39 12.16 -9.87 -14.83
N ARG B 40 13.05 -8.93 -14.51
CA ARG B 40 14.43 -8.87 -15.05
C ARG B 40 15.20 -10.18 -14.82
N ARG B 41 15.13 -10.69 -13.59
CA ARG B 41 15.76 -11.97 -13.23
C ARG B 41 15.25 -13.21 -13.99
N LEU B 42 13.97 -13.21 -14.34
CA LEU B 42 13.40 -14.17 -15.31
C LEU B 42 14.07 -14.09 -16.69
N THR B 43 14.08 -12.91 -17.28
CA THR B 43 14.51 -12.71 -18.67
C THR B 43 16.01 -12.62 -18.95
N THR B 44 16.78 -11.97 -18.06
CA THR B 44 18.23 -11.75 -18.30
C THR B 44 19.23 -12.28 -17.26
N SER B 45 18.77 -13.00 -16.25
CA SER B 45 19.68 -13.61 -15.24
C SER B 45 19.78 -15.12 -15.47
N ARG A 1 22.54 24.10 9.53
CA ARG A 1 23.88 24.21 10.10
C ARG A 1 24.40 22.95 10.79
N ASN A 2 23.56 22.33 11.62
CA ASN A 2 24.01 21.37 12.65
C ASN A 2 23.05 20.17 12.69
N THR A 3 23.64 18.98 12.78
CA THR A 3 22.91 17.71 12.67
C THR A 3 21.87 17.51 13.79
N SER A 4 20.63 17.47 13.33
CA SER A 4 19.43 17.17 14.14
C SER A 4 18.50 16.18 13.42
N VAL A 5 18.40 15.00 13.98
CA VAL A 5 17.67 13.88 13.34
C VAL A 5 16.66 13.23 14.28
N MET A 6 15.37 13.39 13.97
CA MET A 6 14.29 12.82 14.80
C MET A 6 13.17 12.24 13.94
N LYS A 7 12.55 11.18 14.48
CA LYS A 7 11.47 10.42 13.82
C LYS A 7 10.18 10.56 14.64
N LYS A 8 9.15 11.12 13.99
CA LYS A 8 7.91 11.51 14.68
C LYS A 8 7.02 10.39 15.26
N GLY A 9 7.18 9.19 14.72
CA GLY A 9 6.16 8.13 14.87
C GLY A 9 5.27 8.11 13.62
N GLY A 10 4.40 7.10 13.55
CA GLY A 10 3.60 6.89 12.34
C GLY A 10 2.13 6.57 12.63
N ILE A 11 1.94 5.39 13.18
CA ILE A 11 0.59 4.81 13.41
C ILE A 11 -0.17 5.54 14.53
N PHE A 12 -1.39 5.96 14.15
CA PHE A 12 -2.39 6.53 15.06
C PHE A 12 -3.53 5.57 15.43
N SER A 13 -4.06 4.84 14.43
CA SER A 13 -5.13 3.85 14.67
C SER A 13 -4.69 2.44 14.21
N ALA A 14 -4.18 1.68 15.18
CA ALA A 14 -3.80 0.25 14.97
C ALA A 14 -4.92 -0.57 14.34
N GLU A 15 -6.12 -0.39 14.92
CA GLU A 15 -7.40 -0.99 14.50
C GLU A 15 -7.65 -0.90 12.98
N PHE A 16 -7.52 0.31 12.44
CA PHE A 16 -7.64 0.62 11.00
C PHE A 16 -6.76 -0.31 10.13
N LEU A 17 -5.46 -0.30 10.41
CA LEU A 17 -4.47 -1.10 9.65
C LEU A 17 -4.65 -2.63 9.77
N LYS A 18 -5.26 -3.06 10.86
CA LYS A 18 -5.60 -4.48 11.12
C LYS A 18 -6.80 -4.94 10.32
N VAL A 19 -7.90 -4.19 10.44
CA VAL A 19 -9.12 -4.37 9.63
C VAL A 19 -8.75 -4.34 8.14
N PHE A 20 -7.96 -3.35 7.77
CA PHE A 20 -7.40 -3.14 6.42
C PHE A 20 -6.63 -4.32 5.77
N LEU A 21 -5.93 -5.11 6.58
CA LEU A 21 -5.04 -6.19 6.12
C LEU A 21 -5.44 -7.05 4.89
N PRO A 22 -6.68 -7.56 4.72
CA PRO A 22 -7.10 -8.27 3.49
C PRO A 22 -6.84 -7.43 2.23
N SER A 23 -7.55 -6.31 2.12
CA SER A 23 -7.31 -5.27 1.09
C SER A 23 -5.84 -4.84 0.91
N LEU A 24 -5.12 -4.61 2.02
CA LEU A 24 -3.67 -4.33 1.99
C LEU A 24 -2.90 -5.40 1.19
N LEU A 25 -2.93 -6.63 1.72
CA LEU A 25 -2.31 -7.83 1.12
C LEU A 25 -2.59 -7.94 -0.40
N LEU A 26 -3.86 -8.00 -0.74
CA LEU A 26 -4.31 -8.14 -2.15
C LEU A 26 -3.86 -6.99 -3.06
N SER A 27 -4.06 -5.74 -2.65
CA SER A 27 -3.64 -4.56 -3.44
C SER A 27 -2.12 -4.52 -3.70
N HIS A 28 -1.32 -4.82 -2.70
CA HIS A 28 0.15 -4.98 -2.83
C HIS A 28 0.59 -6.12 -3.74
N LEU A 29 0.01 -7.31 -3.54
CA LEU A 29 0.26 -8.50 -4.38
C LEU A 29 -0.15 -8.28 -5.84
N LEU A 30 -1.22 -7.53 -6.05
CA LEU A 30 -1.62 -6.97 -7.36
C LEU A 30 -0.54 -6.08 -7.99
N ALA A 31 0.10 -5.24 -7.18
CA ALA A 31 1.23 -4.38 -7.59
C ALA A 31 2.51 -5.17 -7.94
N ILE A 32 2.86 -6.17 -7.11
CA ILE A 32 3.95 -7.12 -7.41
C ILE A 32 3.66 -7.85 -8.75
N GLY A 33 2.46 -8.40 -8.87
CA GLY A 33 1.93 -9.03 -10.09
C GLY A 33 2.11 -8.14 -11.32
N LEU A 34 1.57 -6.92 -11.22
CA LEU A 34 1.79 -5.81 -12.18
C LEU A 34 3.27 -5.68 -12.56
N GLY A 35 4.13 -5.47 -11.56
CA GLY A 35 5.59 -5.33 -11.70
C GLY A 35 6.25 -6.45 -12.50
N ILE A 36 5.91 -7.71 -12.17
CA ILE A 36 6.40 -8.91 -12.89
C ILE A 36 5.97 -8.84 -14.36
N TYR A 37 4.67 -8.76 -14.56
CA TYR A 37 4.02 -8.63 -15.88
C TYR A 37 4.68 -7.54 -16.76
N ILE A 38 4.64 -6.29 -16.29
CA ILE A 38 5.20 -5.14 -17.02
C ILE A 38 6.73 -5.20 -17.23
N GLY A 39 7.45 -5.56 -16.17
CA GLY A 39 8.92 -5.72 -16.16
C GLY A 39 9.40 -6.81 -17.14
N ARG A 40 8.64 -7.90 -17.23
CA ARG A 40 8.86 -8.96 -18.22
C ARG A 40 8.60 -8.45 -19.65
N ARG A 41 7.41 -7.88 -19.87
CA ARG A 41 6.97 -7.34 -21.17
C ARG A 41 7.99 -6.42 -21.85
N LEU A 42 8.72 -5.69 -21.02
CA LEU A 42 9.89 -4.85 -21.37
C LEU A 42 10.89 -5.50 -22.35
N THR A 43 11.17 -6.78 -22.13
CA THR A 43 12.23 -7.52 -22.88
C THR A 43 11.68 -8.63 -23.80
N THR A 44 10.47 -9.10 -23.51
CA THR A 44 9.83 -10.23 -24.22
C THR A 44 8.65 -9.79 -25.10
N SER A 45 8.28 -10.64 -26.06
CA SER A 45 7.25 -10.38 -27.08
C SER A 45 6.64 -11.62 -27.71
N ARG B 1 -29.80 5.58 1.80
CA ARG B 1 -28.51 5.56 1.10
C ARG B 1 -27.57 4.62 1.86
N ASN B 2 -27.38 3.42 1.31
CA ASN B 2 -26.66 2.35 2.03
C ASN B 2 -25.19 2.27 1.62
N THR B 3 -24.36 2.84 2.49
CA THR B 3 -22.96 3.18 2.16
C THR B 3 -22.07 3.18 3.41
N SER B 4 -20.81 2.77 3.19
CA SER B 4 -19.76 2.72 4.23
C SER B 4 -19.24 4.10 4.67
N VAL B 5 -20.13 4.80 5.38
CA VAL B 5 -19.90 6.20 5.83
C VAL B 5 -19.24 6.33 7.20
N MET B 6 -18.03 6.89 7.12
CA MET B 6 -16.98 6.96 8.17
C MET B 6 -16.48 5.54 8.50
N LYS B 7 -17.38 4.73 9.03
CA LYS B 7 -17.21 3.30 9.30
C LYS B 7 -16.83 2.51 8.03
N LYS B 8 -15.61 1.92 8.11
CA LYS B 8 -14.92 1.22 7.04
C LYS B 8 -14.86 1.94 5.64
N GLY B 9 -14.92 3.32 5.75
CA GLY B 9 -14.77 4.19 4.57
C GLY B 9 -14.03 5.48 4.96
N GLY B 10 -12.80 5.30 5.45
CA GLY B 10 -11.94 6.38 5.95
C GLY B 10 -12.10 6.60 7.47
N ILE B 11 -11.50 7.69 7.95
CA ILE B 11 -11.63 8.18 9.35
C ILE B 11 -11.44 9.70 9.45
N PHE B 12 -11.96 10.28 10.54
CA PHE B 12 -11.85 11.72 10.83
C PHE B 12 -10.40 12.21 11.03
N SER B 13 -9.55 11.36 11.63
CA SER B 13 -8.11 11.66 11.77
C SER B 13 -7.38 11.83 10.43
N ALA B 14 -7.34 13.11 10.05
CA ALA B 14 -6.54 13.59 8.92
C ALA B 14 -5.04 13.39 9.22
N GLU B 15 -4.66 13.55 10.49
CA GLU B 15 -3.29 13.24 10.98
C GLU B 15 -2.82 11.82 10.63
N PHE B 16 -3.68 10.81 10.80
CA PHE B 16 -3.33 9.46 10.35
C PHE B 16 -3.41 9.28 8.82
N LEU B 17 -4.50 9.73 8.20
CA LEU B 17 -4.67 9.61 6.73
C LEU B 17 -3.55 10.27 5.92
N LYS B 18 -3.14 11.47 6.32
CA LYS B 18 -2.01 12.21 5.73
C LYS B 18 -0.65 11.47 5.87
N VAL B 19 -0.47 10.67 6.91
CA VAL B 19 0.71 9.79 7.08
C VAL B 19 0.56 8.53 6.20
N PHE B 20 -0.58 7.85 6.40
CA PHE B 20 -0.92 6.58 5.73
C PHE B 20 -0.83 6.64 4.19
N LEU B 21 -1.44 7.64 3.56
CA LEU B 21 -1.51 7.70 2.08
C LEU B 21 -0.16 7.79 1.33
N PRO B 22 0.76 8.73 1.62
CA PRO B 22 2.10 8.73 0.99
C PRO B 22 2.91 7.45 1.28
N SER B 23 2.86 6.98 2.53
CA SER B 23 3.45 5.68 2.95
C SER B 23 2.95 4.52 2.07
N LEU B 24 1.62 4.41 2.01
CA LEU B 24 0.87 3.47 1.16
C LEU B 24 1.27 3.59 -0.34
N LEU B 25 1.23 4.80 -0.88
CA LEU B 25 1.68 5.09 -2.26
C LEU B 25 3.09 4.55 -2.56
N LEU B 26 4.05 4.94 -1.74
CA LEU B 26 5.44 4.44 -1.84
C LEU B 26 5.58 2.92 -1.64
N SER B 27 4.79 2.34 -0.74
CA SER B 27 4.73 0.87 -0.55
C SER B 27 4.29 0.10 -1.80
N HIS B 28 3.32 0.68 -2.51
CA HIS B 28 2.83 0.15 -3.81
C HIS B 28 3.88 0.27 -4.93
N LEU B 29 4.55 1.42 -4.99
CA LEU B 29 5.70 1.63 -5.90
C LEU B 29 6.83 0.62 -5.63
N LEU B 30 7.12 0.39 -4.35
CA LEU B 30 8.07 -0.66 -3.90
C LEU B 30 7.62 -2.08 -4.28
N ALA B 31 6.32 -2.37 -4.11
CA ALA B 31 5.71 -3.62 -4.58
C ALA B 31 5.87 -3.85 -6.10
N ILE B 32 5.61 -2.81 -6.88
CA ILE B 32 5.90 -2.78 -8.33
C ILE B 32 7.41 -3.01 -8.60
N GLY B 33 8.26 -2.38 -7.79
CA GLY B 33 9.73 -2.56 -7.76
C GLY B 33 10.18 -4.02 -7.55
N LEU B 34 9.64 -4.66 -6.51
CA LEU B 34 9.84 -6.11 -6.24
C LEU B 34 9.39 -6.96 -7.45
N GLY B 35 8.21 -6.61 -7.97
CA GLY B 35 7.69 -7.14 -9.25
C GLY B 35 8.73 -7.04 -10.38
N ILE B 36 9.16 -5.81 -10.67
CA ILE B 36 10.22 -5.50 -11.66
C ILE B 36 11.50 -6.32 -11.45
N TYR B 37 12.00 -6.37 -10.22
CA TYR B 37 13.07 -7.29 -9.78
C TYR B 37 12.92 -8.71 -10.35
N ILE B 38 11.77 -9.31 -10.04
CA ILE B 38 11.36 -10.63 -10.56
C ILE B 38 11.31 -10.62 -12.09
N GLY B 39 10.60 -9.66 -12.68
CA GLY B 39 10.47 -9.46 -14.15
C GLY B 39 11.84 -9.46 -14.87
N ARG B 40 12.70 -8.54 -14.43
CA ARG B 40 14.10 -8.40 -14.89
C ARG B 40 14.95 -9.67 -14.73
N ARG B 41 14.91 -10.25 -13.52
CA ARG B 41 15.59 -11.52 -13.21
C ARG B 41 15.10 -12.74 -13.99
N LEU B 42 13.79 -12.81 -14.23
CA LEU B 42 13.14 -13.82 -15.10
C LEU B 42 13.60 -13.76 -16.57
N THR B 43 13.81 -12.54 -17.05
CA THR B 43 14.21 -12.29 -18.46
C THR B 43 15.73 -12.41 -18.69
N THR B 44 16.48 -11.43 -18.21
CA THR B 44 17.97 -11.39 -18.36
C THR B 44 18.62 -11.16 -16.99
N SER B 45 19.22 -12.23 -16.50
CA SER B 45 19.78 -12.30 -15.13
C SER B 45 21.28 -12.06 -15.13
N ARG A 1 -19.05 -14.61 17.10
CA ARG A 1 -18.26 -13.78 18.03
C ARG A 1 -17.03 -13.20 17.32
N ASN A 2 -16.87 -11.90 17.50
CA ASN A 2 -15.66 -11.17 17.08
C ASN A 2 -15.03 -10.40 18.25
N THR A 3 -13.71 -10.38 18.25
CA THR A 3 -12.89 -9.96 19.40
C THR A 3 -11.85 -8.91 18.96
N SER A 4 -11.62 -7.92 19.80
CA SER A 4 -10.66 -6.85 19.49
C SER A 4 -9.26 -7.09 20.06
N VAL A 5 -8.26 -6.98 19.20
CA VAL A 5 -6.86 -6.89 19.66
C VAL A 5 -6.49 -5.40 19.68
N MET A 6 -6.28 -4.93 20.89
CA MET A 6 -6.13 -3.50 21.21
C MET A 6 -4.90 -2.78 20.64
N LYS A 7 -3.92 -3.56 20.17
CA LYS A 7 -2.57 -3.06 19.77
C LYS A 7 -2.55 -1.80 18.90
N LYS A 8 -1.92 -0.81 19.50
CA LYS A 8 -1.53 0.49 18.93
C LYS A 8 -2.61 1.19 18.06
N GLY A 9 -3.45 1.91 18.78
CA GLY A 9 -4.59 2.66 18.23
C GLY A 9 -4.16 3.85 17.36
N GLY A 10 -4.40 5.03 17.92
CA GLY A 10 -4.12 6.34 17.28
C GLY A 10 -4.91 6.59 16.00
N ILE A 11 -6.07 5.92 15.86
CA ILE A 11 -6.90 5.95 14.65
C ILE A 11 -8.37 6.32 14.90
N PHE A 12 -8.92 6.98 13.90
CA PHE A 12 -10.37 7.23 13.80
C PHE A 12 -11.19 5.93 13.62
N SER A 13 -11.10 5.29 12.45
CA SER A 13 -11.92 4.11 12.09
C SER A 13 -11.19 2.78 12.15
N ALA A 14 -11.74 1.88 12.96
CA ALA A 14 -11.37 0.46 13.02
C ALA A 14 -12.05 -0.37 11.90
N GLU A 15 -13.29 0.01 11.56
CA GLU A 15 -14.07 -0.55 10.44
C GLU A 15 -13.25 -0.53 9.14
N PHE A 16 -12.73 0.65 8.81
CA PHE A 16 -11.81 0.86 7.67
C PHE A 16 -10.65 -0.14 7.73
N LEU A 17 -9.92 -0.12 8.85
CA LEU A 17 -8.77 -1.01 9.12
C LEU A 17 -9.06 -2.51 8.95
N LYS A 18 -10.22 -2.95 9.45
CA LYS A 18 -10.67 -4.35 9.31
C LYS A 18 -10.86 -4.80 7.86
N VAL A 19 -11.59 -4.00 7.08
CA VAL A 19 -11.82 -4.26 5.63
C VAL A 19 -10.51 -4.03 4.82
N PHE A 20 -9.77 -3.02 5.26
CA PHE A 20 -8.43 -2.64 4.77
C PHE A 20 -7.42 -3.80 4.82
N LEU A 21 -7.44 -4.64 5.85
CA LEU A 21 -6.43 -5.71 6.01
C LEU A 21 -6.39 -6.75 4.88
N PRO A 22 -7.52 -7.38 4.45
CA PRO A 22 -7.53 -8.24 3.25
C PRO A 22 -7.13 -7.48 1.98
N SER A 23 -7.67 -6.28 1.83
CA SER A 23 -7.39 -5.37 0.70
C SER A 23 -5.88 -5.01 0.59
N LEU A 24 -5.28 -4.56 1.69
CA LEU A 24 -3.86 -4.18 1.82
C LEU A 24 -2.92 -5.32 1.37
N LEU A 25 -3.08 -6.47 2.01
CA LEU A 25 -2.38 -7.74 1.69
C LEU A 25 -2.36 -8.07 0.19
N LEU A 26 -3.55 -8.25 -0.36
CA LEU A 26 -3.73 -8.61 -1.79
C LEU A 26 -3.29 -7.49 -2.75
N SER A 27 -3.50 -6.23 -2.38
CA SER A 27 -3.07 -5.06 -3.18
C SER A 27 -1.55 -4.97 -3.39
N HIS A 28 -0.77 -5.19 -2.35
CA HIS A 28 0.71 -5.29 -2.47
C HIS A 28 1.13 -6.44 -3.40
N LEU A 29 0.51 -7.62 -3.21
CA LEU A 29 0.69 -8.77 -4.11
C LEU A 29 0.34 -8.41 -5.57
N LEU A 30 -0.78 -7.73 -5.78
CA LEU A 30 -1.19 -7.23 -7.11
C LEU A 30 -0.26 -6.16 -7.71
N ALA A 31 0.26 -5.25 -6.89
CA ALA A 31 1.31 -4.29 -7.29
C ALA A 31 2.59 -5.01 -7.78
N ILE A 32 3.00 -6.02 -7.02
CA ILE A 32 4.07 -6.96 -7.42
C ILE A 32 3.71 -7.64 -8.75
N GLY A 33 2.48 -8.15 -8.87
CA GLY A 33 1.92 -8.73 -10.11
C GLY A 33 2.05 -7.81 -11.33
N LEU A 34 1.54 -6.59 -11.20
CA LEU A 34 1.68 -5.49 -12.19
C LEU A 34 3.14 -5.30 -12.62
N GLY A 35 4.02 -5.21 -11.62
CA GLY A 35 5.48 -5.15 -11.81
C GLY A 35 6.03 -6.36 -12.57
N ILE A 36 5.65 -7.56 -12.14
CA ILE A 36 5.99 -8.84 -12.81
C ILE A 36 5.59 -8.78 -14.30
N TYR A 37 4.37 -8.34 -14.60
CA TYR A 37 3.95 -8.16 -16.01
C TYR A 37 4.93 -7.27 -16.81
N ILE A 38 5.20 -6.07 -16.28
CA ILE A 38 6.20 -5.12 -16.83
C ILE A 38 7.58 -5.82 -17.05
N GLY A 39 8.10 -6.40 -15.96
CA GLY A 39 9.38 -7.13 -15.93
C GLY A 39 9.47 -8.23 -17.00
N ARG A 40 8.48 -9.12 -16.96
CA ARG A 40 8.23 -10.16 -17.98
C ARG A 40 8.27 -9.59 -19.40
N ARG A 41 7.42 -8.58 -19.60
CA ARG A 41 7.20 -7.95 -20.91
C ARG A 41 8.43 -7.26 -21.52
N LEU A 42 9.25 -6.62 -20.67
CA LEU A 42 10.56 -6.08 -21.05
C LEU A 42 11.45 -7.09 -21.80
N THR A 43 11.35 -8.34 -21.38
CA THR A 43 12.11 -9.48 -21.95
C THR A 43 11.34 -10.37 -22.94
N THR A 44 10.12 -10.74 -22.57
CA THR A 44 9.30 -11.72 -23.33
C THR A 44 7.89 -11.20 -23.64
N SER A 45 7.52 -11.36 -24.91
CA SER A 45 6.22 -10.98 -25.45
C SER A 45 5.28 -12.19 -25.55
N ARG B 1 -22.77 8.86 -4.55
CA ARG B 1 -22.86 8.53 -3.12
C ARG B 1 -22.36 7.09 -2.89
N ASN B 2 -21.53 6.91 -1.85
CA ASN B 2 -20.91 5.60 -1.54
C ASN B 2 -21.36 5.06 -0.18
N THR B 3 -21.08 3.78 0.03
CA THR B 3 -21.42 2.96 1.21
C THR B 3 -20.22 2.26 1.85
N SER B 4 -20.48 1.65 3.02
CA SER B 4 -19.52 0.87 3.85
C SER B 4 -18.36 1.71 4.38
N VAL B 5 -18.34 1.79 5.72
CA VAL B 5 -17.44 2.64 6.55
C VAL B 5 -17.85 4.12 6.40
N MET B 6 -17.90 4.80 7.54
CA MET B 6 -18.30 6.23 7.65
C MET B 6 -17.76 7.15 6.54
N LYS B 7 -18.69 7.58 5.71
CA LYS B 7 -18.40 8.53 4.62
C LYS B 7 -18.41 9.97 5.17
N LYS B 8 -17.21 10.53 5.18
CA LYS B 8 -16.93 11.83 5.81
C LYS B 8 -16.47 12.89 4.79
N GLY B 9 -17.41 13.81 4.54
CA GLY B 9 -17.30 14.87 3.51
C GLY B 9 -16.03 15.72 3.63
N GLY B 10 -15.90 16.42 4.74
CA GLY B 10 -14.75 17.28 5.09
C GLY B 10 -13.47 16.46 5.16
N ILE B 11 -13.17 15.99 6.36
CA ILE B 11 -12.06 15.03 6.55
C ILE B 11 -12.51 13.70 7.13
N PHE B 12 -12.05 12.62 6.50
CA PHE B 12 -12.18 11.26 7.07
C PHE B 12 -11.44 11.21 8.42
N SER B 13 -10.16 11.58 8.37
CA SER B 13 -9.27 11.81 9.52
C SER B 13 -7.82 12.02 9.06
N ALA B 14 -7.15 12.96 9.74
CA ALA B 14 -5.78 13.38 9.41
C ALA B 14 -4.76 12.26 9.23
N GLU B 15 -4.74 11.24 10.09
CA GLU B 15 -3.81 10.10 9.92
C GLU B 15 -3.96 9.31 8.62
N PHE B 16 -5.18 9.27 8.09
CA PHE B 16 -5.50 8.61 6.80
C PHE B 16 -5.02 9.46 5.62
N LEU B 17 -5.25 10.77 5.73
CA LEU B 17 -4.78 11.81 4.81
C LEU B 17 -3.24 12.02 4.80
N LYS B 18 -2.66 12.21 5.98
CA LYS B 18 -1.25 12.58 6.17
C LYS B 18 -0.29 11.39 6.29
N VAL B 19 -0.46 10.59 7.35
CA VAL B 19 0.43 9.44 7.63
C VAL B 19 0.28 8.29 6.62
N PHE B 20 -0.94 7.75 6.55
CA PHE B 20 -1.27 6.58 5.71
C PHE B 20 -0.93 6.75 4.21
N LEU B 21 -1.30 7.90 3.64
CA LEU B 21 -1.12 8.18 2.19
C LEU B 21 0.27 7.93 1.58
N PRO B 22 1.38 8.55 1.99
CA PRO B 22 2.72 8.33 1.39
C PRO B 22 3.14 6.87 1.54
N SER B 23 3.12 6.35 2.77
CA SER B 23 3.47 4.94 3.07
C SER B 23 2.67 3.92 2.24
N LEU B 24 1.36 4.13 2.11
CA LEU B 24 0.51 3.39 1.16
C LEU B 24 1.00 3.50 -0.31
N LEU B 25 0.93 4.70 -0.89
CA LEU B 25 1.36 4.95 -2.29
C LEU B 25 2.78 4.44 -2.62
N LEU B 26 3.72 4.81 -1.76
CA LEU B 26 5.14 4.43 -1.85
C LEU B 26 5.41 2.92 -1.71
N SER B 27 4.77 2.26 -0.75
CA SER B 27 4.91 0.80 -0.58
C SER B 27 4.43 0.02 -1.81
N HIS B 28 3.30 0.45 -2.37
CA HIS B 28 2.81 -0.03 -3.67
C HIS B 28 3.77 0.26 -4.85
N LEU B 29 4.30 1.48 -4.91
CA LEU B 29 5.37 1.87 -5.84
C LEU B 29 6.57 0.90 -5.80
N LEU B 30 7.12 0.69 -4.60
CA LEU B 30 8.25 -0.23 -4.39
C LEU B 30 7.87 -1.71 -4.61
N ALA B 31 6.62 -2.06 -4.36
CA ALA B 31 6.05 -3.39 -4.73
C ALA B 31 6.03 -3.62 -6.26
N ILE B 32 5.57 -2.64 -7.03
CA ILE B 32 5.69 -2.64 -8.51
C ILE B 32 7.18 -2.79 -8.91
N GLY B 33 8.04 -1.97 -8.28
CA GLY B 33 9.51 -2.04 -8.41
C GLY B 33 10.07 -3.45 -8.22
N LEU B 34 9.72 -4.04 -7.07
CA LEU B 34 10.02 -5.43 -6.69
C LEU B 34 9.55 -6.41 -7.78
N GLY B 35 8.30 -6.24 -8.19
CA GLY B 35 7.70 -6.97 -9.34
C GLY B 35 8.55 -6.94 -10.59
N ILE B 36 8.95 -5.74 -11.03
CA ILE B 36 9.84 -5.55 -12.21
C ILE B 36 11.15 -6.34 -12.02
N TYR B 37 11.79 -6.11 -10.87
CA TYR B 37 12.99 -6.84 -10.42
C TYR B 37 12.87 -8.37 -10.60
N ILE B 38 11.81 -8.92 -10.00
CA ILE B 38 11.41 -10.34 -10.10
C ILE B 38 11.18 -10.77 -11.56
N GLY B 39 10.20 -10.11 -12.20
CA GLY B 39 9.76 -10.37 -13.58
C GLY B 39 10.93 -10.41 -14.58
N ARG B 40 11.75 -9.36 -14.57
CA ARG B 40 12.98 -9.29 -15.35
C ARG B 40 13.91 -10.48 -15.04
N ARG B 41 14.31 -10.60 -13.77
CA ARG B 41 15.16 -11.70 -13.28
C ARG B 41 14.75 -13.11 -13.76
N LEU B 42 13.47 -13.45 -13.55
CA LEU B 42 12.86 -14.70 -14.01
C LEU B 42 12.95 -14.94 -15.52
N THR B 43 12.48 -13.96 -16.28
CA THR B 43 12.31 -14.07 -17.75
C THR B 43 13.62 -13.88 -18.56
N THR B 44 14.57 -13.16 -17.99
CA THR B 44 15.91 -12.97 -18.58
C THR B 44 16.96 -13.91 -17.97
N SER B 45 17.89 -14.35 -18.79
CA SER B 45 19.01 -15.22 -18.34
C SER B 45 20.35 -14.50 -18.41
N ARG A 1 -22.10 15.79 0.47
CA ARG A 1 -23.02 16.36 1.48
C ARG A 1 -22.29 16.51 2.82
N ASN A 2 -22.49 17.66 3.44
CA ASN A 2 -21.65 18.11 4.59
C ASN A 2 -22.37 18.05 5.94
N THR A 3 -21.77 17.33 6.88
CA THR A 3 -22.32 17.18 8.25
C THR A 3 -21.56 17.95 9.34
N SER A 4 -22.18 17.98 10.51
CA SER A 4 -21.54 18.51 11.74
C SER A 4 -21.34 17.38 12.79
N VAL A 5 -20.67 16.32 12.37
CA VAL A 5 -20.46 15.13 13.24
C VAL A 5 -19.37 15.34 14.30
N MET A 6 -19.61 14.80 15.49
CA MET A 6 -18.68 14.95 16.61
C MET A 6 -17.57 13.89 16.65
N LYS A 7 -16.49 14.30 15.99
CA LYS A 7 -15.26 13.51 15.85
C LYS A 7 -14.01 14.40 15.92
N LYS A 8 -13.12 13.98 16.79
CA LYS A 8 -11.73 14.51 16.86
C LYS A 8 -10.68 13.63 16.18
N GLY A 9 -10.92 12.32 16.14
CA GLY A 9 -10.03 11.32 15.50
C GLY A 9 -10.22 11.17 13.99
N GLY A 10 -10.82 10.04 13.61
CA GLY A 10 -11.08 9.67 12.21
C GLY A 10 -12.45 9.00 12.00
N ILE A 11 -12.43 7.80 11.44
CA ILE A 11 -13.64 6.95 11.38
C ILE A 11 -14.39 6.76 12.71
N PHE A 12 -15.71 6.63 12.60
CA PHE A 12 -16.58 6.23 13.73
C PHE A 12 -16.52 4.73 13.98
N SER A 13 -16.48 3.97 12.87
CA SER A 13 -16.41 2.49 12.88
C SER A 13 -15.07 2.00 12.32
N ALA A 14 -14.54 0.99 13.00
CA ALA A 14 -13.27 0.32 12.64
C ALA A 14 -13.40 -0.67 11.47
N GLU A 15 -14.56 -0.68 10.79
CA GLU A 15 -14.76 -1.45 9.54
C GLU A 15 -13.70 -1.05 8.50
N PHE A 16 -13.53 0.26 8.34
CA PHE A 16 -12.42 0.88 7.59
C PHE A 16 -11.05 0.24 7.88
N LEU A 17 -10.68 0.21 9.15
CA LEU A 17 -9.40 -0.36 9.65
C LEU A 17 -9.28 -1.88 9.43
N LYS A 18 -10.37 -2.60 9.67
CA LYS A 18 -10.45 -4.07 9.49
C LYS A 18 -10.49 -4.53 8.02
N VAL A 19 -11.19 -3.78 7.16
CA VAL A 19 -11.21 -4.00 5.70
C VAL A 19 -9.93 -3.53 4.99
N PHE A 20 -9.29 -2.52 5.59
CA PHE A 20 -7.95 -2.00 5.21
C PHE A 20 -6.93 -3.12 5.04
N LEU A 21 -6.85 -4.01 6.04
CA LEU A 21 -5.84 -5.10 6.09
C LEU A 21 -5.87 -6.09 4.90
N PRO A 22 -7.03 -6.66 4.48
CA PRO A 22 -7.12 -7.42 3.23
C PRO A 22 -6.73 -6.58 2.00
N SER A 23 -7.34 -5.40 1.88
CA SER A 23 -7.04 -4.44 0.79
C SER A 23 -5.52 -4.16 0.65
N LEU A 24 -4.87 -3.93 1.79
CA LEU A 24 -3.41 -3.78 1.92
C LEU A 24 -2.65 -4.97 1.29
N LEU A 25 -2.79 -6.18 1.87
CA LEU A 25 -2.08 -7.37 1.37
C LEU A 25 -2.42 -7.80 -0.05
N LEU A 26 -3.72 -7.79 -0.39
CA LEU A 26 -4.21 -8.08 -1.76
C LEU A 26 -3.61 -7.12 -2.80
N SER A 27 -3.69 -5.82 -2.55
CA SER A 27 -3.11 -4.79 -3.44
C SER A 27 -1.58 -4.88 -3.56
N HIS A 28 -0.89 -5.14 -2.44
CA HIS A 28 0.56 -5.43 -2.47
C HIS A 28 0.95 -6.60 -3.38
N LEU A 29 0.27 -7.74 -3.19
CA LEU A 29 0.39 -8.92 -4.08
C LEU A 29 0.12 -8.58 -5.56
N LEU A 30 -1.01 -7.93 -5.80
CA LEU A 30 -1.41 -7.40 -7.13
C LEU A 30 -0.38 -6.46 -7.76
N ALA A 31 0.18 -5.55 -6.97
CA ALA A 31 1.27 -4.65 -7.35
C ALA A 31 2.52 -5.37 -7.89
N ILE A 32 2.93 -6.41 -7.17
CA ILE A 32 4.03 -7.31 -7.58
C ILE A 32 3.69 -8.04 -8.90
N GLY A 33 2.43 -8.47 -9.03
CA GLY A 33 1.83 -8.98 -10.29
C GLY A 33 2.00 -7.98 -11.47
N LEU A 34 1.49 -6.77 -11.28
CA LEU A 34 1.67 -5.63 -12.20
C LEU A 34 3.16 -5.44 -12.58
N GLY A 35 4.02 -5.49 -11.56
CA GLY A 35 5.49 -5.48 -11.70
C GLY A 35 6.02 -6.52 -12.70
N ILE A 36 5.70 -7.79 -12.46
CA ILE A 36 6.04 -8.94 -13.33
C ILE A 36 5.57 -8.70 -14.79
N TYR A 37 4.34 -8.20 -14.95
CA TYR A 37 3.79 -7.76 -16.24
C TYR A 37 4.74 -6.77 -16.98
N ILE A 38 5.11 -5.70 -16.29
CA ILE A 38 6.04 -4.67 -16.79
C ILE A 38 7.38 -5.33 -17.19
N GLY A 39 7.98 -6.07 -16.26
CA GLY A 39 9.23 -6.85 -16.45
C GLY A 39 9.25 -7.63 -17.77
N ARG A 40 8.29 -8.54 -17.90
CA ARG A 40 8.14 -9.39 -19.10
C ARG A 40 7.79 -8.62 -20.38
N ARG A 41 6.98 -7.57 -20.29
CA ARG A 41 6.71 -6.64 -21.43
C ARG A 41 7.97 -5.92 -21.93
N LEU A 42 8.81 -5.48 -20.99
CA LEU A 42 10.15 -4.94 -21.29
C LEU A 42 11.04 -5.98 -22.00
N THR A 43 11.02 -7.22 -21.50
CA THR A 43 11.73 -8.36 -22.14
C THR A 43 11.22 -8.64 -23.57
N THR A 44 9.89 -8.72 -23.74
CA THR A 44 9.28 -9.04 -25.04
C THR A 44 8.53 -7.88 -25.73
N SER A 45 9.27 -6.77 -25.88
CA SER A 45 8.81 -5.56 -26.60
C SER A 45 8.91 -5.68 -28.12
N ARG B 1 -24.38 10.41 0.37
CA ARG B 1 -23.35 10.20 1.40
C ARG B 1 -23.03 11.52 2.12
N ASN B 2 -22.84 11.43 3.44
CA ASN B 2 -22.61 12.60 4.30
C ASN B 2 -21.26 12.56 5.06
N THR B 3 -20.55 13.68 4.99
CA THR B 3 -19.25 13.85 5.69
C THR B 3 -18.79 15.31 5.95
N SER B 4 -18.59 15.62 7.23
CA SER B 4 -17.82 16.78 7.74
C SER B 4 -17.90 16.86 9.28
N VAL B 5 -16.79 17.21 9.94
CA VAL B 5 -16.71 17.22 11.42
C VAL B 5 -16.85 18.60 12.09
N MET B 6 -17.67 18.59 13.14
CA MET B 6 -18.07 19.75 13.98
C MET B 6 -18.77 20.89 13.22
N LYS B 7 -18.18 21.27 12.10
CA LYS B 7 -18.72 22.24 11.13
C LYS B 7 -18.85 21.55 9.78
N LYS B 8 -19.65 22.16 8.90
CA LYS B 8 -19.92 21.64 7.54
C LYS B 8 -18.79 21.93 6.52
N GLY B 9 -17.77 22.63 7.00
CA GLY B 9 -16.45 22.71 6.36
C GLY B 9 -15.35 22.35 7.36
N GLY B 10 -15.15 21.04 7.53
CA GLY B 10 -14.14 20.46 8.44
C GLY B 10 -13.82 19.01 8.08
N ILE B 11 -12.54 18.72 7.90
CA ILE B 11 -12.05 17.38 7.47
C ILE B 11 -12.44 16.26 8.43
N PHE B 12 -13.16 15.28 7.88
CA PHE B 12 -13.73 14.17 8.67
C PHE B 12 -12.67 13.41 9.51
N SER B 13 -11.60 12.95 8.86
CA SER B 13 -10.46 12.34 9.55
C SER B 13 -9.52 13.44 10.13
N ALA B 14 -10.11 14.19 11.04
CA ALA B 14 -9.55 15.39 11.70
C ALA B 14 -8.10 15.24 12.20
N GLU B 15 -7.87 14.18 12.99
CA GLU B 15 -6.51 13.81 13.43
C GLU B 15 -5.89 12.75 12.51
N PHE B 16 -6.72 11.97 11.83
CA PHE B 16 -6.30 10.79 11.05
C PHE B 16 -6.06 11.04 9.55
N LEU B 17 -5.31 12.11 9.32
CA LEU B 17 -4.77 12.50 7.98
C LEU B 17 -3.32 13.02 8.07
N LYS B 18 -2.38 12.10 8.10
CA LYS B 18 -0.98 12.47 7.80
C LYS B 18 -0.13 11.36 7.13
N VAL B 19 -0.30 10.11 7.57
CA VAL B 19 0.74 9.07 7.34
C VAL B 19 0.34 7.91 6.39
N PHE B 20 -0.78 7.26 6.68
CA PHE B 20 -1.18 6.00 5.98
C PHE B 20 -1.20 6.08 4.45
N LEU B 21 -2.13 6.81 3.84
CA LEU B 21 -2.22 6.92 2.36
C LEU B 21 -0.87 7.13 1.63
N PRO B 22 -0.01 8.12 1.98
CA PRO B 22 1.31 8.28 1.33
C PRO B 22 2.17 7.01 1.42
N SER B 23 2.34 6.49 2.65
CA SER B 23 3.16 5.27 2.89
C SER B 23 2.65 4.01 2.18
N LEU B 24 1.33 3.89 2.06
CA LEU B 24 0.67 2.88 1.19
C LEU B 24 1.15 2.97 -0.28
N LEU B 25 0.86 4.10 -0.92
CA LEU B 25 1.26 4.39 -2.31
C LEU B 25 2.77 4.17 -2.56
N LEU B 26 3.58 4.76 -1.68
CA LEU B 26 5.04 4.64 -1.63
C LEU B 26 5.51 3.17 -1.60
N SER B 27 5.01 2.41 -0.63
CA SER B 27 5.27 0.96 -0.51
C SER B 27 4.74 0.12 -1.67
N HIS B 28 3.63 0.55 -2.28
CA HIS B 28 3.16 -0.01 -3.57
C HIS B 28 4.18 0.17 -4.70
N LEU B 29 4.71 1.37 -4.88
CA LEU B 29 5.82 1.62 -5.83
C LEU B 29 7.07 0.74 -5.56
N LEU B 30 7.43 0.63 -4.29
CA LEU B 30 8.47 -0.33 -3.83
C LEU B 30 8.18 -1.78 -4.24
N ALA B 31 6.97 -2.24 -3.93
CA ALA B 31 6.44 -3.57 -4.30
C ALA B 31 6.39 -3.84 -5.82
N ILE B 32 5.85 -2.88 -6.59
CA ILE B 32 5.85 -2.95 -8.08
C ILE B 32 7.31 -3.05 -8.59
N GLY B 33 8.17 -2.15 -8.09
CA GLY B 33 9.62 -2.17 -8.36
C GLY B 33 10.24 -3.57 -8.18
N LEU B 34 10.02 -4.11 -6.98
CA LEU B 34 10.37 -5.50 -6.61
C LEU B 34 9.80 -6.54 -7.59
N GLY B 35 8.52 -6.40 -7.94
CA GLY B 35 7.82 -7.20 -8.97
C GLY B 35 8.53 -7.18 -10.34
N ILE B 36 8.87 -5.98 -10.83
CA ILE B 36 9.61 -5.79 -12.10
C ILE B 36 10.98 -6.47 -11.99
N TYR B 37 11.68 -6.20 -10.89
CA TYR B 37 12.91 -6.91 -10.48
C TYR B 37 12.83 -8.42 -10.72
N ILE B 38 11.85 -9.07 -10.09
CA ILE B 38 11.54 -10.50 -10.28
C ILE B 38 11.24 -10.83 -11.77
N GLY B 39 10.27 -10.10 -12.34
CA GLY B 39 9.81 -10.22 -13.75
C GLY B 39 10.91 -10.20 -14.83
N ARG B 40 11.97 -9.47 -14.52
CA ARG B 40 13.15 -9.31 -15.40
C ARG B 40 14.33 -10.21 -15.03
N ARG B 41 14.60 -10.33 -13.73
CA ARG B 41 15.81 -10.95 -13.15
C ARG B 41 16.16 -12.37 -13.65
N LEU B 42 15.14 -13.20 -13.84
CA LEU B 42 15.29 -14.55 -14.40
C LEU B 42 16.03 -14.58 -15.75
N THR B 43 15.64 -13.64 -16.60
CA THR B 43 16.26 -13.40 -17.92
C THR B 43 17.54 -12.56 -17.80
N THR B 44 17.50 -11.54 -16.96
CA THR B 44 18.64 -10.60 -16.82
C THR B 44 19.43 -10.80 -15.53
N SER B 45 20.13 -11.94 -15.54
CA SER B 45 21.21 -12.29 -14.62
C SER B 45 22.21 -13.14 -15.43
N ARG A 1 4.14 13.09 28.10
CA ARG A 1 3.56 11.86 27.49
C ARG A 1 4.57 11.22 26.56
N ASN A 2 4.56 9.87 26.54
CA ASN A 2 5.43 9.08 25.65
C ASN A 2 4.60 8.52 24.48
N THR A 3 5.02 8.94 23.28
CA THR A 3 4.44 8.50 21.99
C THR A 3 4.20 6.99 21.79
N SER A 4 4.99 6.16 22.49
CA SER A 4 4.88 4.68 22.49
C SER A 4 3.44 4.15 22.54
N VAL A 5 3.05 3.53 21.44
CA VAL A 5 1.66 3.04 21.17
C VAL A 5 0.54 3.94 21.67
N MET A 6 0.61 5.19 21.36
CA MET A 6 -0.50 6.18 21.48
C MET A 6 -1.50 5.95 20.34
N LYS A 7 -2.37 5.01 20.55
CA LYS A 7 -3.32 4.42 19.56
C LYS A 7 -3.92 5.43 18.57
N LYS A 8 -4.67 6.41 19.10
CA LYS A 8 -5.28 7.49 18.29
C LYS A 8 -4.61 8.84 18.64
N GLY A 9 -3.46 9.03 18.03
CA GLY A 9 -2.68 10.28 18.12
C GLY A 9 -1.27 10.06 18.73
N GLY A 10 -0.31 9.92 17.82
CA GLY A 10 1.08 9.52 18.16
C GLY A 10 1.63 8.51 17.14
N ILE A 11 0.97 7.35 17.08
CA ILE A 11 1.23 6.34 16.03
C ILE A 11 0.24 6.52 14.86
N PHE A 12 0.45 5.74 13.80
CA PHE A 12 -0.53 5.61 12.69
C PHE A 12 -1.69 4.75 13.25
N SER A 13 -2.73 5.49 13.62
CA SER A 13 -3.94 5.02 14.31
C SER A 13 -4.18 3.50 14.31
N ALA A 14 -4.32 2.95 15.53
CA ALA A 14 -4.62 1.53 15.75
C ALA A 14 -5.81 1.02 14.91
N GLU A 15 -6.90 1.78 14.91
CA GLU A 15 -8.06 1.55 14.01
C GLU A 15 -7.72 1.54 12.52
N PHE A 16 -6.97 2.54 12.06
CA PHE A 16 -6.53 2.63 10.65
C PHE A 16 -5.53 1.53 10.22
N LEU A 17 -4.65 1.11 11.14
CA LEU A 17 -3.83 -0.11 11.00
C LEU A 17 -4.72 -1.35 10.69
N LYS A 18 -5.79 -1.49 11.46
CA LYS A 18 -6.78 -2.57 11.29
C LYS A 18 -7.56 -2.50 9.96
N VAL A 19 -7.97 -1.28 9.58
CA VAL A 19 -8.58 -1.01 8.26
C VAL A 19 -7.63 -1.41 7.12
N PHE A 20 -6.35 -1.13 7.32
CA PHE A 20 -5.25 -1.47 6.38
C PHE A 20 -5.09 -2.98 6.10
N LEU A 21 -5.55 -3.86 7.00
CA LEU A 21 -5.45 -5.33 6.81
C LEU A 21 -5.80 -5.89 5.41
N PRO A 22 -6.93 -5.50 4.78
CA PRO A 22 -7.16 -5.80 3.34
C PRO A 22 -6.16 -5.11 2.42
N SER A 23 -6.14 -3.78 2.50
CA SER A 23 -5.25 -2.89 1.71
C SER A 23 -3.79 -3.36 1.60
N LEU A 24 -3.23 -3.79 2.74
CA LEU A 24 -1.89 -4.40 2.89
C LEU A 24 -1.60 -5.47 1.81
N LEU A 25 -2.35 -6.57 1.89
CA LEU A 25 -2.21 -7.71 0.99
C LEU A 25 -2.70 -7.43 -0.45
N LEU A 26 -3.80 -6.67 -0.56
CA LEU A 26 -4.29 -6.11 -1.83
C LEU A 26 -3.17 -5.42 -2.62
N SER A 27 -2.54 -4.43 -1.97
CA SER A 27 -1.39 -3.67 -2.48
C SER A 27 -0.25 -4.59 -2.92
N HIS A 28 0.23 -5.38 -1.96
CA HIS A 28 1.36 -6.30 -2.13
C HIS A 28 1.24 -7.22 -3.35
N LEU A 29 0.28 -8.15 -3.29
CA LEU A 29 0.05 -9.13 -4.37
C LEU A 29 -0.19 -8.50 -5.74
N LEU A 30 -1.19 -7.62 -5.80
CA LEU A 30 -1.56 -6.91 -7.05
C LEU A 30 -0.44 -6.09 -7.69
N ALA A 31 0.25 -5.27 -6.87
CA ALA A 31 1.35 -4.41 -7.33
C ALA A 31 2.58 -5.21 -7.80
N ILE A 32 2.93 -6.30 -7.10
CA ILE A 32 3.95 -7.25 -7.55
C ILE A 32 3.62 -7.78 -8.97
N GLY A 33 2.35 -8.16 -9.18
CA GLY A 33 1.81 -8.56 -10.50
C GLY A 33 2.03 -7.50 -11.58
N LEU A 34 1.59 -6.27 -11.30
CA LEU A 34 1.82 -5.09 -12.18
C LEU A 34 3.31 -4.91 -12.54
N GLY A 35 4.15 -5.01 -11.51
CA GLY A 35 5.63 -5.01 -11.64
C GLY A 35 6.14 -6.08 -12.60
N ILE A 36 5.69 -7.32 -12.37
CA ILE A 36 5.99 -8.48 -13.25
C ILE A 36 5.75 -8.20 -14.74
N TYR A 37 4.62 -7.59 -15.07
CA TYR A 37 4.33 -7.13 -16.45
C TYR A 37 5.43 -6.23 -17.01
N ILE A 38 5.73 -5.14 -16.29
CA ILE A 38 6.79 -4.16 -16.64
C ILE A 38 8.12 -4.88 -16.94
N GLY A 39 8.55 -5.71 -15.98
CA GLY A 39 9.80 -6.49 -16.04
C GLY A 39 9.89 -7.36 -17.31
N ARG A 40 8.90 -8.25 -17.43
CA ARG A 40 8.67 -9.12 -18.59
C ARG A 40 8.71 -8.36 -19.93
N ARG A 41 7.90 -7.30 -19.99
CA ARG A 41 7.74 -6.41 -21.16
C ARG A 41 9.06 -5.81 -21.68
N LEU A 42 9.98 -5.48 -20.77
CA LEU A 42 11.32 -4.97 -21.14
C LEU A 42 12.10 -5.94 -22.05
N THR A 43 11.98 -7.24 -21.76
CA THR A 43 12.52 -8.33 -22.61
C THR A 43 11.63 -8.80 -23.79
N THR A 44 10.30 -8.78 -23.61
CA THR A 44 9.36 -9.21 -24.67
C THR A 44 8.28 -8.17 -24.97
N SER A 45 8.17 -7.85 -26.25
CA SER A 45 7.28 -6.76 -26.74
C SER A 45 6.24 -7.26 -27.77
N ARG B 1 -2.16 3.63 26.43
CA ARG B 1 -1.85 4.93 25.79
C ARG B 1 -2.66 5.12 24.49
N ASN B 2 -3.22 6.31 24.35
CA ASN B 2 -4.10 6.65 23.22
C ASN B 2 -3.73 7.98 22.53
N THR B 3 -3.58 9.08 23.28
CA THR B 3 -3.33 10.39 22.65
C THR B 3 -2.16 11.16 23.28
N SER B 4 -1.14 11.36 22.44
CA SER B 4 0.01 12.26 22.70
C SER B 4 -0.05 13.48 21.77
N VAL B 5 -0.33 13.23 20.49
CA VAL B 5 -0.47 14.28 19.46
C VAL B 5 -1.96 14.63 19.33
N MET B 6 -2.26 15.89 19.62
CA MET B 6 -3.66 16.40 19.54
C MET B 6 -3.86 17.05 18.16
N LYS B 7 -4.33 16.23 17.23
CA LYS B 7 -4.50 16.63 15.82
C LYS B 7 -5.65 17.63 15.58
N LYS B 8 -5.20 18.88 15.56
CA LYS B 8 -6.03 20.08 15.32
C LYS B 8 -5.83 20.61 13.89
N GLY B 9 -6.87 21.26 13.38
CA GLY B 9 -6.94 21.79 12.01
C GLY B 9 -7.16 20.62 11.04
N GLY B 10 -6.05 20.04 10.61
CA GLY B 10 -5.99 18.69 10.03
C GLY B 10 -6.27 17.63 11.12
N ILE B 11 -7.55 17.57 11.48
CA ILE B 11 -8.09 16.60 12.44
C ILE B 11 -7.83 15.13 12.04
N PHE B 12 -7.85 14.25 13.05
CA PHE B 12 -7.29 12.88 13.00
C PHE B 12 -7.59 12.08 11.71
N SER B 13 -8.88 11.94 11.40
CA SER B 13 -9.39 11.16 10.26
C SER B 13 -8.68 11.52 8.93
N ALA B 14 -8.70 12.83 8.61
CA ALA B 14 -8.03 13.43 7.44
C ALA B 14 -6.53 13.10 7.37
N GLU B 15 -5.83 13.40 8.45
CA GLU B 15 -4.38 13.10 8.61
C GLU B 15 -4.05 11.60 8.42
N PHE B 16 -4.90 10.75 8.98
CA PHE B 16 -4.70 9.29 8.92
C PHE B 16 -5.10 8.64 7.59
N LEU B 17 -6.14 9.14 6.92
CA LEU B 17 -6.37 8.87 5.48
C LEU B 17 -5.16 9.30 4.63
N LYS B 18 -4.64 10.49 4.94
CA LYS B 18 -3.42 11.01 4.30
C LYS B 18 -2.06 10.54 4.88
N VAL B 19 -2.11 9.50 5.72
CA VAL B 19 -0.95 8.60 5.90
C VAL B 19 -1.25 7.26 5.20
N PHE B 20 -2.49 6.77 5.33
CA PHE B 20 -2.99 5.53 4.70
C PHE B 20 -2.65 5.47 3.20
N LEU B 21 -3.19 6.40 2.43
CA LEU B 21 -2.97 6.46 0.97
C LEU B 21 -1.49 6.73 0.56
N PRO B 22 -0.75 7.63 1.22
CA PRO B 22 0.74 7.71 1.10
C PRO B 22 1.46 6.38 1.33
N SER B 23 1.18 5.72 2.44
CA SER B 23 1.71 4.37 2.78
C SER B 23 1.33 3.30 1.76
N LEU B 24 0.09 3.35 1.29
CA LEU B 24 -0.41 2.48 0.19
C LEU B 24 0.35 2.71 -1.12
N LEU B 25 0.56 3.97 -1.48
CA LEU B 25 1.43 4.37 -2.62
C LEU B 25 2.87 3.86 -2.46
N LEU B 26 3.47 4.12 -1.30
CA LEU B 26 4.78 3.58 -0.87
C LEU B 26 4.87 2.05 -1.06
N SER B 27 3.88 1.35 -0.50
CA SER B 27 3.70 -0.12 -0.63
C SER B 27 3.66 -0.56 -2.09
N HIS B 28 2.70 0.01 -2.83
CA HIS B 28 2.52 -0.20 -4.29
C HIS B 28 3.82 -0.07 -5.07
N LEU B 29 4.54 1.05 -4.88
CA LEU B 29 5.82 1.34 -5.55
C LEU B 29 6.91 0.28 -5.30
N LEU B 30 7.13 -0.05 -4.03
CA LEU B 30 8.15 -1.05 -3.65
C LEU B 30 7.76 -2.51 -4.01
N ALA B 31 6.46 -2.80 -3.98
CA ALA B 31 5.89 -4.06 -4.50
C ALA B 31 6.04 -4.16 -6.03
N ILE B 32 5.69 -3.09 -6.74
CA ILE B 32 5.98 -2.89 -8.18
C ILE B 32 7.49 -3.13 -8.47
N GLY B 33 8.36 -2.45 -7.72
CA GLY B 33 9.83 -2.61 -7.76
C GLY B 33 10.27 -4.08 -7.74
N LEU B 34 9.89 -4.75 -6.67
CA LEU B 34 10.08 -6.20 -6.48
C LEU B 34 9.56 -7.02 -7.67
N GLY B 35 8.36 -6.68 -8.14
CA GLY B 35 7.71 -7.27 -9.33
C GLY B 35 8.56 -7.14 -10.61
N ILE B 36 8.98 -5.91 -10.94
CA ILE B 36 9.82 -5.63 -12.13
C ILE B 36 11.07 -6.52 -12.14
N TYR B 37 11.71 -6.58 -10.97
CA TYR B 37 12.84 -7.46 -10.65
C TYR B 37 12.60 -8.94 -11.03
N ILE B 38 11.55 -9.54 -10.46
CA ILE B 38 11.15 -10.93 -10.74
C ILE B 38 10.81 -11.13 -12.24
N GLY B 39 9.96 -10.22 -12.74
CA GLY B 39 9.44 -10.19 -14.12
C GLY B 39 10.54 -10.29 -15.19
N ARG B 40 11.56 -9.46 -15.01
CA ARG B 40 12.73 -9.39 -15.90
C ARG B 40 13.51 -10.72 -16.04
N ARG B 41 13.56 -11.52 -14.98
CA ARG B 41 14.21 -12.85 -14.96
C ARG B 41 13.36 -13.99 -15.57
N LEU B 42 12.10 -14.10 -15.12
CA LEU B 42 11.16 -15.23 -15.34
C LEU B 42 11.62 -16.52 -16.03
N THR B 43 11.84 -16.52 -17.35
CA THR B 43 12.21 -17.75 -18.08
C THR B 43 13.57 -18.37 -17.69
N THR B 44 14.61 -17.55 -17.55
CA THR B 44 15.97 -18.02 -17.24
C THR B 44 16.25 -18.10 -15.73
N SER B 45 15.41 -18.90 -15.10
CA SER B 45 15.40 -19.15 -13.64
C SER B 45 15.08 -20.64 -13.43
N ARG A 1 12.07 5.30 30.09
CA ARG A 1 12.86 6.48 29.73
C ARG A 1 13.40 6.31 28.29
N ASN A 2 13.18 7.34 27.48
CA ASN A 2 13.62 7.48 26.07
C ASN A 2 13.95 6.17 25.32
N THR A 3 12.90 5.48 24.89
CA THR A 3 13.00 4.09 24.38
C THR A 3 12.88 3.93 22.85
N SER A 4 13.27 2.72 22.43
CA SER A 4 12.95 2.19 21.09
C SER A 4 12.38 0.77 21.24
N VAL A 5 11.17 0.76 21.79
CA VAL A 5 10.43 -0.49 22.10
C VAL A 5 9.03 -0.51 21.49
N MET A 6 8.88 -1.46 20.58
CA MET A 6 7.63 -1.83 19.88
C MET A 6 6.31 -1.30 20.47
N LYS A 7 5.83 -0.21 19.86
CA LYS A 7 4.54 0.39 20.25
C LYS A 7 3.51 0.40 19.12
N LYS A 8 2.70 -0.66 19.14
CA LYS A 8 1.63 -0.90 18.15
C LYS A 8 0.29 -0.86 18.92
N GLY A 9 -0.36 0.29 18.79
CA GLY A 9 -1.68 0.54 19.40
C GLY A 9 -2.75 -0.08 18.51
N GLY A 10 -3.56 0.80 17.92
CA GLY A 10 -4.59 0.42 16.95
C GLY A 10 -5.33 1.64 16.40
N ILE A 11 -6.62 1.45 16.24
CA ILE A 11 -7.58 2.47 15.74
C ILE A 11 -8.85 2.49 16.61
N PHE A 12 -10.00 2.83 16.02
CA PHE A 12 -11.30 2.73 16.72
C PHE A 12 -12.00 1.39 16.39
N SER A 13 -12.28 1.20 15.10
CA SER A 13 -13.09 0.06 14.63
C SER A 13 -12.25 -1.15 14.23
N ALA A 14 -12.25 -2.11 15.16
CA ALA A 14 -11.58 -3.41 14.98
C ALA A 14 -12.13 -4.23 13.79
N GLU A 15 -13.41 -4.04 13.49
CA GLU A 15 -14.08 -4.62 12.31
C GLU A 15 -13.68 -3.93 10.99
N PHE A 16 -13.39 -2.63 11.04
CA PHE A 16 -12.72 -1.95 9.90
C PHE A 16 -11.28 -2.47 9.73
N LEU A 17 -10.53 -2.60 10.83
CA LEU A 17 -9.19 -3.19 10.78
C LEU A 17 -9.18 -4.61 10.15
N LYS A 18 -10.24 -5.36 10.43
CA LYS A 18 -10.54 -6.69 9.83
C LYS A 18 -10.65 -6.69 8.29
N VAL A 19 -11.12 -5.59 7.68
CA VAL A 19 -11.07 -5.41 6.21
C VAL A 19 -9.75 -4.83 5.67
N PHE A 20 -9.22 -3.84 6.40
CA PHE A 20 -8.00 -3.09 6.03
C PHE A 20 -6.80 -3.95 5.60
N LEU A 21 -6.32 -4.82 6.50
CA LEU A 21 -5.20 -5.73 6.18
C LEU A 21 -5.43 -6.57 4.90
N PRO A 22 -6.51 -7.35 4.75
CA PRO A 22 -6.80 -8.11 3.50
C PRO A 22 -6.67 -7.27 2.22
N SER A 23 -7.32 -6.11 2.18
CA SER A 23 -7.29 -5.24 0.99
C SER A 23 -5.91 -4.63 0.72
N LEU A 24 -5.27 -4.10 1.76
CA LEU A 24 -3.87 -3.63 1.74
C LEU A 24 -2.93 -4.71 1.16
N LEU A 25 -2.92 -5.88 1.80
CA LEU A 25 -2.11 -7.05 1.40
C LEU A 25 -2.33 -7.47 -0.06
N LEU A 26 -3.59 -7.67 -0.42
CA LEU A 26 -4.02 -8.01 -1.80
C LEU A 26 -3.51 -6.98 -2.83
N SER A 27 -3.77 -5.70 -2.57
CA SER A 27 -3.32 -4.60 -3.46
C SER A 27 -1.80 -4.57 -3.67
N HIS A 28 -1.03 -4.85 -2.61
CA HIS A 28 0.42 -5.03 -2.72
C HIS A 28 0.84 -6.24 -3.59
N LEU A 29 0.23 -7.39 -3.34
CA LEU A 29 0.46 -8.62 -4.11
C LEU A 29 0.16 -8.46 -5.62
N LEU A 30 -0.97 -7.83 -5.92
CA LEU A 30 -1.33 -7.46 -7.31
C LEU A 30 -0.42 -6.41 -7.94
N ALA A 31 0.06 -5.47 -7.13
CA ALA A 31 1.09 -4.48 -7.54
C ALA A 31 2.42 -5.15 -7.93
N ILE A 32 2.84 -6.14 -7.15
CA ILE A 32 3.97 -7.03 -7.49
C ILE A 32 3.67 -7.75 -8.82
N GLY A 33 2.47 -8.34 -8.92
CA GLY A 33 1.94 -8.97 -10.15
C GLY A 33 2.09 -8.08 -11.41
N LEU A 34 1.55 -6.87 -11.29
CA LEU A 34 1.72 -5.77 -12.26
C LEU A 34 3.20 -5.58 -12.69
N GLY A 35 4.05 -5.38 -11.69
CA GLY A 35 5.51 -5.25 -11.89
C GLY A 35 6.13 -6.42 -12.68
N ILE A 36 5.78 -7.65 -12.27
CA ILE A 36 6.28 -8.88 -12.93
C ILE A 36 5.91 -8.87 -14.43
N TYR A 37 4.63 -8.61 -14.68
CA TYR A 37 4.10 -8.46 -16.05
C TYR A 37 4.88 -7.42 -16.86
N ILE A 38 5.00 -6.19 -16.35
CA ILE A 38 5.75 -5.11 -17.02
C ILE A 38 7.19 -5.55 -17.35
N GLY A 39 7.91 -5.97 -16.30
CA GLY A 39 9.31 -6.46 -16.38
C GLY A 39 9.52 -7.46 -17.53
N ARG A 40 8.74 -8.53 -17.46
CA ARG A 40 8.77 -9.61 -18.47
C ARG A 40 8.29 -9.18 -19.87
N ARG A 41 7.11 -8.57 -19.93
CA ARG A 41 6.44 -8.19 -21.19
C ARG A 41 7.29 -7.30 -22.11
N LEU A 42 7.96 -6.32 -21.52
CA LEU A 42 8.90 -5.43 -22.23
C LEU A 42 10.05 -6.20 -22.89
N THR A 43 10.67 -7.11 -22.12
CA THR A 43 11.70 -8.03 -22.64
C THR A 43 11.14 -8.98 -23.72
N THR A 44 9.93 -9.47 -23.52
CA THR A 44 9.20 -10.25 -24.55
C THR A 44 8.22 -9.38 -25.36
N SER A 45 8.74 -8.30 -25.90
CA SER A 45 8.07 -7.37 -26.83
C SER A 45 7.68 -8.07 -28.16
N ARG B 1 -22.54 12.68 7.51
CA ARG B 1 -21.66 13.41 6.59
C ARG B 1 -20.35 12.63 6.48
N ASN B 2 -19.77 12.57 5.28
CA ASN B 2 -18.46 11.91 5.08
C ASN B 2 -17.32 12.87 5.48
N THR B 3 -17.19 13.04 6.78
CA THR B 3 -16.15 13.93 7.34
C THR B 3 -14.85 13.15 7.56
N SER B 4 -13.76 13.74 7.07
CA SER B 4 -12.41 13.19 7.19
C SER B 4 -12.01 12.77 8.62
N VAL B 5 -12.18 13.64 9.61
CA VAL B 5 -11.92 13.27 11.03
C VAL B 5 -13.18 12.64 11.66
N MET B 6 -13.36 11.37 11.33
CA MET B 6 -14.42 10.50 11.86
C MET B 6 -13.89 9.10 12.20
N LYS B 7 -14.30 8.63 13.39
CA LYS B 7 -13.78 7.40 14.01
C LYS B 7 -13.85 6.14 13.13
N LYS B 8 -15.04 5.82 12.63
CA LYS B 8 -15.21 4.78 11.59
C LYS B 8 -15.31 5.43 10.19
N GLY B 9 -16.08 6.51 10.11
CA GLY B 9 -16.36 7.30 8.89
C GLY B 9 -15.15 7.55 7.98
N GLY B 10 -14.22 8.35 8.47
CA GLY B 10 -13.01 8.74 7.71
C GLY B 10 -11.75 8.12 8.33
N ILE B 11 -10.96 9.00 8.93
CA ILE B 11 -9.78 8.68 9.75
C ILE B 11 -9.98 8.93 11.26
N PHE B 12 -9.28 8.12 12.03
CA PHE B 12 -9.19 8.23 13.48
C PHE B 12 -8.28 9.42 13.90
N SER B 13 -7.14 9.55 13.21
CA SER B 13 -6.12 10.56 13.54
C SER B 13 -5.51 11.30 12.34
N ALA B 14 -5.34 12.61 12.53
CA ALA B 14 -4.64 13.48 11.57
C ALA B 14 -3.15 13.15 11.44
N GLU B 15 -2.46 12.93 12.57
CA GLU B 15 -1.08 12.39 12.61
C GLU B 15 -0.90 11.16 11.72
N PHE B 16 -1.81 10.19 11.86
CA PHE B 16 -1.88 8.97 11.02
C PHE B 16 -2.16 9.30 9.54
N LEU B 17 -3.11 10.21 9.29
CA LEU B 17 -3.49 10.61 7.92
C LEU B 17 -2.31 11.08 7.05
N LYS B 18 -1.44 11.91 7.62
CA LYS B 18 -0.25 12.44 6.91
C LYS B 18 0.79 11.35 6.53
N VAL B 19 0.65 10.19 7.17
CA VAL B 19 1.44 8.97 6.85
C VAL B 19 0.66 8.10 5.83
N PHE B 20 -0.61 7.86 6.11
CA PHE B 20 -1.51 6.96 5.34
C PHE B 20 -1.30 6.94 3.81
N LEU B 21 -1.69 8.02 3.15
CA LEU B 21 -1.50 8.13 1.68
C LEU B 21 -0.05 7.96 1.19
N PRO B 22 0.96 8.62 1.78
CA PRO B 22 2.39 8.32 1.49
C PRO B 22 2.76 6.85 1.72
N SER B 23 2.46 6.32 2.90
CA SER B 23 2.72 4.90 3.28
C SER B 23 2.14 3.92 2.24
N LEU B 24 0.89 4.13 1.87
CA LEU B 24 0.23 3.40 0.76
C LEU B 24 1.02 3.52 -0.54
N LEU B 25 1.08 4.75 -1.07
CA LEU B 25 1.84 5.13 -2.28
C LEU B 25 3.24 4.48 -2.41
N LEU B 26 4.09 4.79 -1.43
CA LEU B 26 5.48 4.32 -1.35
C LEU B 26 5.64 2.80 -1.24
N SER B 27 4.72 2.16 -0.51
CA SER B 27 4.74 0.69 -0.34
C SER B 27 4.19 -0.07 -1.54
N HIS B 28 3.19 0.49 -2.23
CA HIS B 28 2.73 -0.03 -3.54
C HIS B 28 3.80 0.16 -4.63
N LEU B 29 4.48 1.32 -4.64
CA LEU B 29 5.69 1.54 -5.47
C LEU B 29 6.76 0.45 -5.24
N LEU B 30 7.11 0.24 -3.96
CA LEU B 30 8.00 -0.86 -3.51
C LEU B 30 7.58 -2.23 -4.08
N ALA B 31 6.28 -2.52 -3.97
CA ALA B 31 5.66 -3.73 -4.54
C ALA B 31 5.84 -3.88 -6.06
N ILE B 32 5.49 -2.84 -6.82
CA ILE B 32 5.66 -2.82 -8.30
C ILE B 32 7.14 -2.97 -8.68
N GLY B 33 8.01 -2.28 -7.96
CA GLY B 33 9.48 -2.38 -8.08
C GLY B 33 9.99 -3.82 -7.89
N LEU B 34 9.58 -4.46 -6.80
CA LEU B 34 9.80 -5.91 -6.57
C LEU B 34 9.38 -6.79 -7.76
N GLY B 35 8.21 -6.47 -8.32
CA GLY B 35 7.69 -7.12 -9.54
C GLY B 35 8.67 -7.03 -10.72
N ILE B 36 9.03 -5.79 -11.06
CA ILE B 36 10.09 -5.45 -12.04
C ILE B 36 11.36 -6.27 -11.78
N TYR B 37 11.84 -6.20 -10.52
CA TYR B 37 12.98 -7.00 -10.04
C TYR B 37 12.89 -8.48 -10.41
N ILE B 38 11.77 -9.13 -10.15
CA ILE B 38 11.52 -10.52 -10.59
C ILE B 38 11.56 -10.62 -12.13
N GLY B 39 10.61 -9.93 -12.77
CA GLY B 39 10.41 -9.89 -14.23
C GLY B 39 11.70 -9.73 -15.04
N ARG B 40 12.48 -8.70 -14.71
CA ARG B 40 13.79 -8.48 -15.35
C ARG B 40 14.97 -9.03 -14.51
N ARG B 41 15.42 -8.30 -13.50
CA ARG B 41 16.70 -8.58 -12.80
C ARG B 41 16.94 -10.01 -12.31
N LEU B 42 16.02 -10.53 -11.49
CA LEU B 42 16.06 -11.89 -10.93
C LEU B 42 16.00 -12.96 -12.03
N THR B 43 15.16 -12.77 -13.06
CA THR B 43 15.16 -13.69 -14.22
C THR B 43 16.51 -13.61 -14.96
N THR B 44 16.96 -12.42 -15.32
CA THR B 44 18.22 -12.19 -16.07
C THR B 44 19.51 -12.25 -15.24
N SER B 45 19.47 -12.99 -14.13
CA SER B 45 20.65 -13.23 -13.26
C SER B 45 21.42 -14.48 -13.74
N ARG A 1 -21.97 13.79 8.07
CA ARG A 1 -21.03 14.88 8.41
C ARG A 1 -19.74 14.71 7.64
N ASN A 2 -19.13 15.79 7.24
CA ASN A 2 -17.81 15.83 6.56
C ASN A 2 -16.71 15.24 7.49
N THR A 3 -15.51 15.14 6.82
CA THR A 3 -14.30 14.52 7.35
C THR A 3 -13.86 14.87 8.78
N SER A 4 -13.64 13.82 9.53
CA SER A 4 -13.18 13.75 10.94
C SER A 4 -11.84 14.49 11.12
N VAL A 5 -11.72 15.20 12.25
CA VAL A 5 -10.57 16.11 12.47
C VAL A 5 -9.47 15.37 13.25
N MET A 6 -8.52 14.88 12.45
CA MET A 6 -7.52 13.90 12.87
C MET A 6 -6.09 14.47 12.84
N LYS A 7 -5.94 15.66 13.41
CA LYS A 7 -4.67 16.40 13.35
C LYS A 7 -3.45 15.61 13.85
N LYS A 8 -3.54 15.05 15.06
CA LYS A 8 -2.57 14.04 15.53
C LYS A 8 -3.00 12.62 15.11
N GLY A 9 -4.24 12.24 15.41
CA GLY A 9 -4.79 10.90 15.13
C GLY A 9 -5.24 10.66 13.68
N GLY A 10 -4.27 10.71 12.76
CA GLY A 10 -4.49 10.66 11.30
C GLY A 10 -4.70 9.24 10.82
N ILE A 11 -3.60 8.50 10.75
CA ILE A 11 -3.67 7.03 10.63
C ILE A 11 -3.94 6.46 12.03
N PHE A 12 -5.22 6.41 12.31
CA PHE A 12 -5.84 6.24 13.66
C PHE A 12 -5.27 5.13 14.54
N SER A 13 -4.90 4.02 13.92
CA SER A 13 -4.20 2.91 14.58
C SER A 13 -3.47 1.97 13.62
N ALA A 14 -2.34 1.47 14.09
CA ALA A 14 -1.68 0.30 13.48
C ALA A 14 -2.51 -0.99 13.61
N GLU A 15 -3.32 -1.08 14.65
CA GLU A 15 -4.36 -2.13 14.87
C GLU A 15 -5.17 -2.35 13.58
N PHE A 16 -5.71 -1.25 13.06
CA PHE A 16 -6.35 -1.18 11.73
C PHE A 16 -5.53 -1.89 10.62
N LEU A 17 -4.29 -1.41 10.44
CA LEU A 17 -3.36 -1.96 9.43
C LEU A 17 -3.13 -3.47 9.56
N LYS A 18 -2.72 -3.90 10.75
CA LYS A 18 -2.45 -5.33 11.04
C LYS A 18 -3.67 -6.24 10.77
N VAL A 19 -4.85 -5.78 11.21
CA VAL A 19 -6.11 -6.52 11.09
C VAL A 19 -6.74 -6.51 9.68
N PHE A 20 -6.36 -5.52 8.87
CA PHE A 20 -6.75 -5.37 7.46
C PHE A 20 -5.71 -5.86 6.43
N LEU A 21 -4.64 -6.50 6.90
CA LEU A 21 -3.60 -7.07 6.00
C LEU A 21 -4.04 -7.97 4.83
N PRO A 22 -5.19 -8.67 4.88
CA PRO A 22 -5.80 -9.25 3.67
C PRO A 22 -5.96 -8.21 2.54
N SER A 23 -6.89 -7.27 2.68
CA SER A 23 -7.12 -6.20 1.69
C SER A 23 -5.88 -5.35 1.35
N LEU A 24 -5.10 -5.00 2.38
CA LEU A 24 -3.81 -4.30 2.22
C LEU A 24 -2.82 -5.04 1.32
N LEU A 25 -2.41 -6.26 1.71
CA LEU A 25 -1.48 -7.07 0.90
C LEU A 25 -2.08 -7.63 -0.40
N LEU A 26 -3.41 -7.65 -0.51
CA LEU A 26 -4.10 -7.87 -1.80
C LEU A 26 -3.91 -6.69 -2.79
N SER A 27 -3.98 -5.46 -2.28
CA SER A 27 -3.59 -4.24 -3.05
C SER A 27 -2.10 -4.27 -3.46
N HIS A 28 -1.26 -4.84 -2.60
CA HIS A 28 0.16 -5.08 -2.91
C HIS A 28 0.36 -6.23 -3.91
N LEU A 29 -0.42 -7.31 -3.80
CA LEU A 29 -0.48 -8.37 -4.84
C LEU A 29 -0.76 -7.77 -6.23
N LEU A 30 -1.74 -6.87 -6.32
CA LEU A 30 -1.97 -6.03 -7.52
C LEU A 30 -0.67 -5.35 -8.01
N ALA A 31 -0.04 -4.59 -7.12
CA ALA A 31 1.24 -3.89 -7.40
C ALA A 31 2.39 -4.81 -7.88
N ILE A 32 2.66 -5.87 -7.12
CA ILE A 32 3.67 -6.91 -7.47
C ILE A 32 3.35 -7.52 -8.86
N GLY A 33 2.08 -7.88 -9.06
CA GLY A 33 1.53 -8.35 -10.34
C GLY A 33 1.88 -7.42 -11.52
N LEU A 34 1.48 -6.16 -11.36
CA LEU A 34 1.77 -5.07 -12.31
C LEU A 34 3.28 -4.95 -12.63
N GLY A 35 4.09 -4.99 -11.58
CA GLY A 35 5.57 -4.95 -11.66
C GLY A 35 6.17 -5.87 -12.73
N ILE A 36 5.82 -7.15 -12.61
CA ILE A 36 6.29 -8.20 -13.55
C ILE A 36 5.83 -7.85 -14.99
N TYR A 37 4.53 -7.61 -15.11
CA TYR A 37 3.88 -7.24 -16.39
C TYR A 37 4.57 -6.06 -17.11
N ILE A 38 4.64 -4.92 -16.42
CA ILE A 38 5.22 -3.69 -17.01
C ILE A 38 6.69 -3.80 -17.43
N GLY A 39 7.49 -4.53 -16.65
CA GLY A 39 8.91 -4.80 -16.95
C GLY A 39 9.11 -5.54 -18.28
N ARG A 40 8.32 -6.59 -18.44
CA ARG A 40 8.24 -7.39 -19.68
C ARG A 40 7.83 -6.53 -20.89
N ARG A 41 6.73 -5.78 -20.71
CA ARG A 41 6.21 -4.80 -21.69
C ARG A 41 7.25 -3.76 -22.14
N LEU A 42 7.91 -3.11 -21.18
CA LEU A 42 8.94 -2.08 -21.43
C LEU A 42 10.21 -2.54 -22.19
N THR A 43 10.59 -3.79 -21.95
CA THR A 43 11.75 -4.43 -22.61
C THR A 43 11.37 -5.03 -23.97
N THR A 44 10.39 -5.94 -24.00
CA THR A 44 9.89 -6.52 -25.25
C THR A 44 8.47 -6.08 -25.60
N SER A 45 8.39 -5.55 -26.79
CA SER A 45 7.24 -4.97 -27.53
C SER A 45 7.81 -4.47 -28.87
N ARG B 1 -24.05 1.49 10.30
CA ARG B 1 -23.62 2.85 10.75
C ARG B 1 -23.70 3.88 9.60
N ASN B 2 -24.50 4.92 9.80
CA ASN B 2 -24.65 5.97 8.76
C ASN B 2 -23.55 7.04 8.77
N THR B 3 -23.21 7.43 7.54
CA THR B 3 -22.22 8.49 7.25
C THR B 3 -22.66 9.90 7.67
N SER B 4 -23.98 10.09 7.78
CA SER B 4 -24.58 11.34 8.30
C SER B 4 -24.23 11.66 9.76
N VAL B 5 -24.30 10.67 10.65
CA VAL B 5 -23.89 10.89 12.06
C VAL B 5 -22.36 10.79 12.23
N MET B 6 -21.76 9.80 11.56
CA MET B 6 -20.29 9.69 11.43
C MET B 6 -19.69 10.93 10.76
N LYS B 7 -18.37 11.09 10.97
CA LYS B 7 -17.64 12.19 10.35
C LYS B 7 -16.85 11.74 9.10
N LYS B 8 -17.69 11.40 8.10
CA LYS B 8 -17.25 10.81 6.84
C LYS B 8 -17.97 11.49 5.64
N GLY B 9 -17.15 12.10 4.82
CA GLY B 9 -17.57 12.68 3.52
C GLY B 9 -16.89 11.91 2.39
N GLY B 10 -17.45 10.72 2.11
CA GLY B 10 -16.90 9.75 1.12
C GLY B 10 -15.79 8.89 1.74
N ILE B 11 -14.80 9.62 2.23
CA ILE B 11 -13.66 9.12 3.04
C ILE B 11 -13.71 9.76 4.45
N PHE B 12 -13.10 9.07 5.41
CA PHE B 12 -13.15 9.48 6.83
C PHE B 12 -12.44 10.78 7.22
N SER B 13 -11.20 10.98 6.73
CA SER B 13 -10.44 12.21 7.07
C SER B 13 -9.43 12.66 6.02
N ALA B 14 -9.38 13.97 5.85
CA ALA B 14 -8.35 14.67 5.02
C ALA B 14 -6.94 14.33 5.52
N GLU B 15 -6.70 14.57 6.81
CA GLU B 15 -5.47 14.19 7.55
C GLU B 15 -5.06 12.73 7.29
N PHE B 16 -6.02 11.83 7.44
CA PHE B 16 -5.86 10.39 7.15
C PHE B 16 -5.31 10.13 5.74
N LEU B 17 -6.00 10.64 4.72
CA LEU B 17 -5.54 10.55 3.32
C LEU B 17 -4.13 11.14 3.11
N LYS B 18 -3.92 12.35 3.63
CA LYS B 18 -2.63 13.09 3.61
C LYS B 18 -1.42 12.32 4.17
N VAL B 19 -1.66 11.44 5.14
CA VAL B 19 -0.61 10.57 5.72
C VAL B 19 -0.56 9.15 5.11
N PHE B 20 -1.73 8.58 4.85
CA PHE B 20 -1.87 7.18 4.41
C PHE B 20 -1.63 6.95 2.91
N LEU B 21 -2.18 7.83 2.06
CA LEU B 21 -1.92 7.77 0.61
C LEU B 21 -0.42 7.81 0.25
N PRO B 22 0.43 8.65 0.89
CA PRO B 22 1.91 8.53 0.76
C PRO B 22 2.44 7.13 1.08
N SER B 23 2.09 6.58 2.24
CA SER B 23 2.42 5.19 2.62
C SER B 23 2.00 4.15 1.58
N LEU B 24 0.75 4.23 1.10
CA LEU B 24 0.26 3.42 -0.04
C LEU B 24 1.20 3.54 -1.26
N LEU B 25 1.36 4.78 -1.73
CA LEU B 25 2.26 5.15 -2.86
C LEU B 25 3.69 4.60 -2.73
N LEU B 26 4.37 4.97 -1.64
CA LEU B 26 5.73 4.49 -1.31
C LEU B 26 5.85 2.95 -1.35
N SER B 27 4.97 2.28 -0.63
CA SER B 27 4.93 0.82 -0.54
C SER B 27 4.53 0.14 -1.88
N HIS B 28 3.54 0.69 -2.56
CA HIS B 28 3.10 0.20 -3.88
C HIS B 28 4.18 0.35 -4.96
N LEU B 29 4.87 1.49 -4.99
CA LEU B 29 6.07 1.65 -5.86
C LEU B 29 7.15 0.59 -5.56
N LEU B 30 7.46 0.39 -4.29
CA LEU B 30 8.32 -0.73 -3.84
C LEU B 30 7.81 -2.12 -4.26
N ALA B 31 6.51 -2.34 -4.14
CA ALA B 31 5.83 -3.58 -4.57
C ALA B 31 5.85 -3.83 -6.10
N ILE B 32 5.60 -2.78 -6.89
CA ILE B 32 5.83 -2.79 -8.36
C ILE B 32 7.30 -3.18 -8.64
N GLY B 33 8.20 -2.53 -7.91
CA GLY B 33 9.64 -2.87 -7.87
C GLY B 33 9.89 -4.36 -7.59
N LEU B 34 9.30 -4.87 -6.51
CA LEU B 34 9.35 -6.29 -6.13
C LEU B 34 8.88 -7.26 -7.23
N GLY B 35 7.81 -6.89 -7.92
CA GLY B 35 7.33 -7.60 -9.12
C GLY B 35 8.42 -7.78 -10.18
N ILE B 36 9.02 -6.65 -10.55
CA ILE B 36 10.21 -6.58 -11.43
C ILE B 36 11.35 -7.48 -10.88
N TYR B 37 11.71 -7.27 -9.62
CA TYR B 37 12.77 -7.99 -8.87
C TYR B 37 12.65 -9.54 -8.95
N ILE B 38 11.45 -10.07 -8.67
CA ILE B 38 11.18 -11.52 -8.79
C ILE B 38 11.20 -12.05 -10.23
N GLY B 39 10.66 -11.28 -11.17
CA GLY B 39 10.79 -11.55 -12.63
C GLY B 39 12.26 -11.67 -13.05
N ARG B 40 13.07 -10.75 -12.53
CA ARG B 40 14.54 -10.72 -12.72
C ARG B 40 15.29 -11.95 -12.19
N ARG B 41 14.83 -12.48 -11.05
CA ARG B 41 15.30 -13.77 -10.52
C ARG B 41 15.05 -14.93 -11.49
N LEU B 42 13.78 -15.15 -11.81
CA LEU B 42 13.35 -16.28 -12.66
C LEU B 42 13.87 -16.24 -14.12
N THR B 43 13.48 -15.18 -14.85
CA THR B 43 13.68 -15.12 -16.30
C THR B 43 14.39 -13.88 -16.89
N THR B 44 14.12 -12.67 -16.39
CA THR B 44 14.56 -11.45 -17.09
C THR B 44 15.60 -10.60 -16.34
N SER B 45 16.83 -10.89 -16.71
CA SER B 45 18.03 -10.08 -16.36
C SER B 45 18.97 -9.97 -17.56
N ARG A 1 -18.36 5.26 23.28
CA ARG A 1 -16.94 5.63 23.13
C ARG A 1 -16.70 6.00 21.65
N ASN A 2 -15.74 6.89 21.38
CA ASN A 2 -15.49 7.36 20.00
C ASN A 2 -14.43 6.48 19.30
N THR A 3 -14.67 6.23 17.97
CA THR A 3 -13.75 5.49 17.11
C THR A 3 -12.50 6.30 16.63
N SER A 4 -11.83 6.90 17.71
CA SER A 4 -10.61 7.69 17.55
C SER A 4 -9.52 6.98 16.76
N VAL A 5 -9.19 7.56 15.61
CA VAL A 5 -8.15 7.02 14.71
C VAL A 5 -7.02 8.03 14.51
N MET A 6 -6.09 7.98 15.45
CA MET A 6 -4.94 8.92 15.56
C MET A 6 -4.06 8.90 14.32
N LYS A 7 -4.04 10.07 13.69
CA LYS A 7 -3.41 10.30 12.37
C LYS A 7 -1.91 9.96 12.29
N LYS A 8 -1.18 10.16 13.39
CA LYS A 8 0.25 9.77 13.46
C LYS A 8 0.48 8.27 13.70
N GLY A 9 -0.57 7.58 14.16
CA GLY A 9 -0.51 6.18 14.60
C GLY A 9 -1.25 5.95 15.92
N GLY A 10 -1.50 4.68 16.17
CA GLY A 10 -2.28 4.20 17.34
C GLY A 10 -3.79 4.42 17.14
N ILE A 11 -4.45 3.38 16.64
CA ILE A 11 -5.90 3.42 16.37
C ILE A 11 -6.72 2.80 17.50
N PHE A 12 -7.96 3.28 17.62
CA PHE A 12 -8.97 2.57 18.42
C PHE A 12 -9.91 1.68 17.59
N SER A 13 -10.35 2.14 16.41
CA SER A 13 -11.25 1.35 15.55
C SER A 13 -10.61 0.04 15.04
N ALA A 14 -11.01 -1.03 15.72
CA ALA A 14 -10.56 -2.40 15.44
C ALA A 14 -11.05 -2.90 14.07
N GLU A 15 -12.33 -2.69 13.78
CA GLU A 15 -12.95 -3.05 12.48
C GLU A 15 -12.22 -2.45 11.26
N PHE A 16 -11.71 -1.23 11.45
CA PHE A 16 -10.88 -0.51 10.46
C PHE A 16 -9.53 -1.20 10.20
N LEU A 17 -8.75 -1.46 11.24
CA LEU A 17 -7.46 -2.16 11.08
C LEU A 17 -7.62 -3.62 10.62
N LYS A 18 -8.70 -4.28 11.04
CA LYS A 18 -9.12 -5.59 10.49
C LYS A 18 -9.21 -5.57 8.95
N VAL A 19 -10.05 -4.67 8.42
CA VAL A 19 -10.25 -4.53 6.96
C VAL A 19 -9.03 -4.01 6.16
N PHE A 20 -8.14 -3.31 6.86
CA PHE A 20 -6.81 -2.94 6.33
C PHE A 20 -5.99 -4.15 5.82
N LEU A 21 -5.90 -5.21 6.64
CA LEU A 21 -5.09 -6.40 6.34
C LEU A 21 -5.38 -7.03 4.96
N PRO A 22 -6.63 -7.42 4.59
CA PRO A 22 -6.93 -7.91 3.23
C PRO A 22 -6.63 -6.89 2.15
N SER A 23 -7.18 -5.67 2.29
CA SER A 23 -6.95 -4.57 1.35
C SER A 23 -5.47 -4.28 1.03
N LEU A 24 -4.63 -4.22 2.05
CA LEU A 24 -3.17 -4.12 1.88
C LEU A 24 -2.60 -5.32 1.11
N LEU A 25 -2.67 -6.50 1.73
CA LEU A 25 -2.11 -7.75 1.19
C LEU A 25 -2.44 -8.01 -0.28
N LEU A 26 -3.74 -7.96 -0.58
CA LEU A 26 -4.29 -8.16 -1.94
C LEU A 26 -3.84 -7.12 -2.96
N SER A 27 -3.86 -5.84 -2.60
CA SER A 27 -3.38 -4.75 -3.48
C SER A 27 -1.87 -4.72 -3.69
N HIS A 28 -1.12 -4.94 -2.61
CA HIS A 28 0.35 -5.15 -2.69
C HIS A 28 0.73 -6.34 -3.59
N LEU A 29 0.00 -7.45 -3.47
CA LEU A 29 0.09 -8.60 -4.40
C LEU A 29 -0.16 -8.21 -5.87
N LEU A 30 -1.29 -7.55 -6.13
CA LEU A 30 -1.60 -6.99 -7.46
C LEU A 30 -0.44 -6.16 -8.03
N ALA A 31 0.10 -5.28 -7.19
CA ALA A 31 1.28 -4.44 -7.49
C ALA A 31 2.52 -5.22 -7.93
N ILE A 32 2.88 -6.25 -7.17
CA ILE A 32 3.99 -7.19 -7.51
C ILE A 32 3.71 -7.88 -8.87
N GLY A 33 2.50 -8.41 -9.02
CA GLY A 33 2.00 -9.03 -10.28
C GLY A 33 2.19 -8.09 -11.48
N LEU A 34 1.71 -6.86 -11.32
CA LEU A 34 1.90 -5.76 -12.29
C LEU A 34 3.37 -5.50 -12.60
N GLY A 35 4.20 -5.44 -11.57
CA GLY A 35 5.67 -5.36 -11.69
C GLY A 35 6.26 -6.40 -12.66
N ILE A 36 5.92 -7.67 -12.43
CA ILE A 36 6.34 -8.78 -13.30
C ILE A 36 5.84 -8.53 -14.75
N TYR A 37 4.54 -8.24 -14.86
CA TYR A 37 3.88 -7.89 -16.14
C TYR A 37 4.61 -6.77 -16.91
N ILE A 38 4.81 -5.61 -16.26
CA ILE A 38 5.52 -4.46 -16.86
C ILE A 38 6.97 -4.80 -17.29
N GLY A 39 7.73 -5.43 -16.37
CA GLY A 39 9.10 -5.93 -16.64
C GLY A 39 9.16 -6.77 -17.93
N ARG A 40 8.31 -7.78 -17.97
CA ARG A 40 8.09 -8.66 -19.13
C ARG A 40 7.71 -7.92 -20.42
N ARG A 41 6.77 -6.98 -20.31
CA ARG A 41 6.34 -6.15 -21.45
C ARG A 41 7.40 -5.22 -22.03
N LEU A 42 8.36 -4.81 -21.22
CA LEU A 42 9.55 -4.04 -21.68
C LEU A 42 10.59 -4.93 -22.35
N THR A 43 10.99 -6.01 -21.67
CA THR A 43 12.07 -6.91 -22.11
C THR A 43 11.60 -8.17 -22.85
N THR A 44 10.90 -9.06 -22.13
CA THR A 44 10.55 -10.41 -22.59
C THR A 44 9.06 -10.61 -22.98
N SER A 45 8.74 -9.90 -24.09
CA SER A 45 7.46 -9.96 -24.83
C SER A 45 7.70 -9.36 -26.23
N ARG B 1 -26.85 13.93 2.23
CA ARG B 1 -25.46 14.28 2.55
C ARG B 1 -24.57 14.26 1.31
N ASN B 2 -23.65 15.25 1.26
CA ASN B 2 -22.74 15.48 0.12
C ASN B 2 -21.29 15.74 0.59
N THR B 3 -21.06 16.89 1.22
CA THR B 3 -19.72 17.29 1.72
C THR B 3 -19.16 16.34 2.79
N SER B 4 -20.05 15.93 3.68
CA SER B 4 -19.75 14.98 4.78
C SER B 4 -20.49 13.66 4.53
N VAL B 5 -19.74 12.65 4.10
CA VAL B 5 -20.30 11.32 3.80
C VAL B 5 -19.61 10.21 4.63
N MET B 6 -20.41 9.52 5.42
CA MET B 6 -19.98 8.45 6.35
C MET B 6 -20.56 7.05 6.06
N LYS B 7 -21.45 6.98 5.08
CA LYS B 7 -22.21 5.79 4.65
C LYS B 7 -21.42 4.46 4.64
N LYS B 8 -22.08 3.44 5.19
CA LYS B 8 -21.55 2.06 5.24
C LYS B 8 -21.50 1.38 3.86
N GLY B 9 -20.26 1.17 3.43
CA GLY B 9 -19.92 0.65 2.10
C GLY B 9 -18.69 1.42 1.57
N GLY B 10 -17.55 0.96 2.03
CA GLY B 10 -16.24 1.56 1.70
C GLY B 10 -15.41 1.92 2.95
N ILE B 11 -14.53 2.91 2.79
CA ILE B 11 -13.56 3.21 3.85
C ILE B 11 -14.17 3.76 5.14
N PHE B 12 -13.78 3.17 6.28
CA PHE B 12 -14.30 3.54 7.60
C PHE B 12 -13.84 4.90 8.14
N SER B 13 -12.61 5.30 7.80
CA SER B 13 -12.12 6.66 8.01
C SER B 13 -11.29 7.18 6.83
N ALA B 14 -11.72 8.35 6.37
CA ALA B 14 -11.02 9.14 5.32
C ALA B 14 -9.71 9.80 5.80
N GLU B 15 -9.80 10.61 6.86
CA GLU B 15 -8.67 11.42 7.39
C GLU B 15 -7.38 10.63 7.67
N PHE B 16 -7.51 9.53 8.42
CA PHE B 16 -6.41 8.57 8.64
C PHE B 16 -5.76 8.08 7.34
N LEU B 17 -6.56 7.51 6.44
CA LEU B 17 -6.09 6.99 5.15
C LEU B 17 -5.40 8.07 4.28
N LYS B 18 -5.96 9.28 4.31
CA LYS B 18 -5.38 10.48 3.69
C LYS B 18 -3.98 10.80 4.23
N VAL B 19 -3.80 10.89 5.55
CA VAL B 19 -2.49 11.19 6.15
C VAL B 19 -1.39 10.10 5.93
N PHE B 20 -1.87 8.86 5.77
CA PHE B 20 -1.04 7.71 5.38
C PHE B 20 -0.84 7.50 3.86
N LEU B 21 -1.52 8.31 3.06
CA LEU B 21 -1.55 8.18 1.59
C LEU B 21 -0.16 8.13 0.88
N PRO B 22 0.86 8.89 1.30
CA PRO B 22 2.23 8.68 0.83
C PRO B 22 2.73 7.26 1.20
N SER B 23 2.88 6.94 2.48
CA SER B 23 3.25 5.56 2.93
C SER B 23 2.52 4.40 2.22
N LEU B 24 1.21 4.57 2.02
CA LEU B 24 0.39 3.66 1.17
C LEU B 24 0.99 3.51 -0.24
N LEU B 25 0.89 4.59 -1.02
CA LEU B 25 1.48 4.71 -2.37
C LEU B 25 2.94 4.23 -2.49
N LEU B 26 3.78 4.68 -1.55
CA LEU B 26 5.20 4.30 -1.44
C LEU B 26 5.42 2.79 -1.33
N SER B 27 4.74 2.16 -0.37
CA SER B 27 4.78 0.68 -0.20
C SER B 27 4.22 -0.08 -1.41
N HIS B 28 3.14 0.43 -2.02
CA HIS B 28 2.60 -0.06 -3.31
C HIS B 28 3.62 0.02 -4.46
N LEU B 29 4.32 1.14 -4.57
CA LEU B 29 5.39 1.33 -5.59
C LEU B 29 6.61 0.43 -5.34
N LEU B 30 6.98 0.26 -4.08
CA LEU B 30 7.98 -0.76 -3.64
C LEU B 30 7.57 -2.17 -4.12
N ALA B 31 6.30 -2.50 -3.92
CA ALA B 31 5.68 -3.75 -4.43
C ALA B 31 5.77 -3.91 -5.96
N ILE B 32 5.40 -2.88 -6.72
CA ILE B 32 5.58 -2.87 -8.20
C ILE B 32 7.06 -3.08 -8.57
N GLY B 33 7.94 -2.32 -7.92
CA GLY B 33 9.41 -2.45 -8.03
C GLY B 33 9.89 -3.89 -7.84
N LEU B 34 9.43 -4.52 -6.75
CA LEU B 34 9.69 -5.95 -6.43
C LEU B 34 9.33 -6.89 -7.61
N GLY B 35 8.16 -6.66 -8.20
CA GLY B 35 7.71 -7.40 -9.40
C GLY B 35 8.71 -7.33 -10.58
N ILE B 36 9.11 -6.12 -10.94
CA ILE B 36 10.09 -5.88 -12.03
C ILE B 36 11.43 -6.60 -11.68
N TYR B 37 11.86 -6.45 -10.44
CA TYR B 37 12.99 -7.19 -9.85
C TYR B 37 12.93 -8.71 -10.11
N ILE B 38 11.77 -9.31 -9.82
CA ILE B 38 11.49 -10.73 -10.12
C ILE B 38 11.61 -11.01 -11.64
N GLY B 39 10.90 -10.23 -12.46
CA GLY B 39 10.93 -10.31 -13.94
C GLY B 39 12.35 -10.29 -14.53
N ARG B 40 13.17 -9.38 -14.00
CA ARG B 40 14.59 -9.26 -14.37
C ARG B 40 15.45 -10.48 -13.94
N ARG B 41 15.28 -10.90 -12.70
CA ARG B 41 15.81 -12.19 -12.18
C ARG B 41 15.51 -13.42 -13.07
N LEU B 42 14.22 -13.56 -13.42
CA LEU B 42 13.69 -14.67 -14.24
C LEU B 42 14.44 -14.92 -15.55
N THR B 43 14.68 -13.84 -16.30
CA THR B 43 15.28 -13.92 -17.65
C THR B 43 16.61 -13.21 -17.86
N THR B 44 16.61 -11.88 -17.75
CA THR B 44 17.76 -11.02 -18.11
C THR B 44 18.88 -10.92 -17.08
N SER B 45 18.86 -11.82 -16.10
CA SER B 45 19.93 -11.96 -15.10
C SER B 45 20.51 -13.38 -15.07
N ARG A 1 20.08 12.73 24.54
CA ARG A 1 20.53 12.83 23.14
C ARG A 1 19.42 12.42 22.16
N ASN A 2 19.21 13.23 21.13
CA ASN A 2 18.20 12.97 20.07
C ASN A 2 18.85 13.03 18.70
N THR A 3 18.46 12.09 17.84
CA THR A 3 18.89 12.09 16.42
C THR A 3 17.73 11.98 15.43
N SER A 4 17.07 10.83 15.47
CA SER A 4 15.98 10.43 14.57
C SER A 4 14.60 10.84 15.13
N VAL A 5 14.50 12.15 15.27
CA VAL A 5 13.38 12.87 15.88
C VAL A 5 12.42 13.59 14.92
N MET A 6 12.92 13.98 13.74
CA MET A 6 12.23 14.94 12.88
C MET A 6 10.90 14.38 12.35
N LYS A 7 9.84 15.12 12.73
CA LYS A 7 8.43 14.78 12.49
C LYS A 7 8.07 13.48 13.23
N LYS A 8 7.47 13.70 14.40
CA LYS A 8 7.12 12.62 15.34
C LYS A 8 5.64 12.26 15.17
N GLY A 9 5.41 11.02 14.79
CA GLY A 9 4.08 10.38 14.78
C GLY A 9 4.22 8.88 15.03
N GLY A 10 4.46 8.17 13.94
CA GLY A 10 4.44 6.68 13.89
C GLY A 10 3.20 6.20 13.15
N ILE A 11 2.79 4.94 13.38
CA ILE A 11 1.51 4.48 12.81
C ILE A 11 0.31 5.22 13.40
N PHE A 12 -0.59 5.61 12.49
CA PHE A 12 -1.79 6.38 12.86
C PHE A 12 -2.91 5.59 13.54
N SER A 13 -3.31 4.47 12.95
CA SER A 13 -4.33 3.58 13.55
C SER A 13 -3.95 2.09 13.45
N ALA A 14 -3.67 1.55 14.63
CA ALA A 14 -3.53 0.10 14.86
C ALA A 14 -4.79 -0.67 14.38
N GLU A 15 -5.95 -0.10 14.66
CA GLU A 15 -7.29 -0.63 14.29
C GLU A 15 -7.39 -0.79 12.77
N PHE A 16 -7.18 0.32 12.06
CA PHE A 16 -7.13 0.32 10.59
C PHE A 16 -6.09 -0.67 10.04
N LEU A 17 -4.88 -0.68 10.61
CA LEU A 17 -3.82 -1.62 10.20
C LEU A 17 -4.24 -3.08 10.30
N LYS A 18 -4.68 -3.47 11.49
CA LYS A 18 -5.24 -4.83 11.75
C LYS A 18 -6.34 -5.24 10.77
N VAL A 19 -7.36 -4.38 10.61
CA VAL A 19 -8.49 -4.66 9.69
C VAL A 19 -8.10 -4.69 8.21
N PHE A 20 -7.25 -3.76 7.79
CA PHE A 20 -6.85 -3.59 6.38
C PHE A 20 -5.93 -4.69 5.85
N LEU A 21 -5.28 -5.43 6.75
CA LEU A 21 -4.29 -6.48 6.38
C LEU A 21 -4.62 -7.37 5.15
N PRO A 22 -5.81 -8.00 5.03
CA PRO A 22 -6.18 -8.78 3.82
C PRO A 22 -6.17 -7.92 2.54
N SER A 23 -6.99 -6.86 2.48
CA SER A 23 -7.03 -5.94 1.33
C SER A 23 -5.69 -5.24 1.02
N LEU A 24 -4.99 -4.83 2.08
CA LEU A 24 -3.62 -4.27 2.03
C LEU A 24 -2.68 -5.17 1.21
N LEU A 25 -2.49 -6.39 1.72
CA LEU A 25 -1.69 -7.45 1.07
C LEU A 25 -2.18 -7.80 -0.35
N LEU A 26 -3.50 -7.88 -0.52
CA LEU A 26 -4.18 -8.10 -1.82
C LEU A 26 -3.72 -7.07 -2.88
N SER A 27 -3.72 -5.79 -2.49
CA SER A 27 -3.27 -4.67 -3.35
C SER A 27 -1.77 -4.67 -3.68
N HIS A 28 -0.93 -5.02 -2.72
CA HIS A 28 0.52 -5.15 -2.93
C HIS A 28 0.91 -6.35 -3.83
N LEU A 29 0.16 -7.44 -3.69
CA LEU A 29 0.19 -8.57 -4.65
C LEU A 29 -0.10 -8.10 -6.08
N LEU A 30 -1.18 -7.34 -6.23
CA LEU A 30 -1.49 -6.62 -7.50
C LEU A 30 -0.32 -5.78 -8.03
N ALA A 31 0.26 -4.92 -7.19
CA ALA A 31 1.43 -4.10 -7.53
C ALA A 31 2.64 -4.95 -7.98
N ILE A 32 2.88 -6.08 -7.32
CA ILE A 32 3.82 -7.12 -7.76
C ILE A 32 3.47 -7.68 -9.16
N GLY A 33 2.21 -8.04 -9.36
CA GLY A 33 1.67 -8.47 -10.67
C GLY A 33 1.82 -7.41 -11.78
N LEU A 34 1.45 -6.18 -11.45
CA LEU A 34 1.68 -4.96 -12.26
C LEU A 34 3.17 -4.76 -12.57
N GLY A 35 4.02 -4.98 -11.58
CA GLY A 35 5.49 -5.02 -11.70
C GLY A 35 5.96 -6.07 -12.72
N ILE A 36 5.46 -7.30 -12.58
CA ILE A 36 5.67 -8.40 -13.53
C ILE A 36 5.21 -8.00 -14.96
N TYR A 37 4.02 -7.43 -15.02
CA TYR A 37 3.46 -6.82 -16.25
C TYR A 37 4.45 -5.81 -16.90
N ILE A 38 4.74 -4.76 -16.15
CA ILE A 38 5.56 -3.64 -16.66
C ILE A 38 7.04 -3.98 -16.89
N GLY A 39 7.59 -4.83 -16.03
CA GLY A 39 8.97 -5.37 -16.15
C GLY A 39 9.22 -5.97 -17.55
N ARG A 40 8.30 -6.84 -17.96
CA ARG A 40 8.38 -7.48 -19.29
C ARG A 40 8.29 -6.47 -20.45
N ARG A 41 7.45 -5.45 -20.27
CA ARG A 41 7.36 -4.29 -21.20
C ARG A 41 8.69 -3.52 -21.32
N LEU A 42 9.31 -3.24 -20.17
CA LEU A 42 10.63 -2.56 -20.12
C LEU A 42 11.76 -3.36 -20.78
N THR A 43 11.84 -4.66 -20.52
CA THR A 43 12.84 -5.53 -21.19
C THR A 43 12.55 -5.80 -22.67
N THR A 44 11.37 -6.34 -22.99
CA THR A 44 11.03 -6.71 -24.37
C THR A 44 10.06 -5.76 -25.10
N SER A 45 8.78 -5.80 -24.75
CA SER A 45 7.68 -5.06 -25.41
C SER A 45 7.57 -5.29 -26.93
N ARG B 1 -9.42 9.61 26.52
CA ARG B 1 -8.26 9.49 25.61
C ARG B 1 -8.74 9.81 24.19
N ASN B 2 -8.47 11.05 23.78
CA ASN B 2 -8.88 11.60 22.48
C ASN B 2 -8.21 10.83 21.32
N THR B 3 -8.91 10.71 20.19
CA THR B 3 -8.37 9.98 19.03
C THR B 3 -8.64 10.67 17.67
N SER B 4 -7.55 11.16 17.08
CA SER B 4 -7.56 11.76 15.71
C SER B 4 -7.75 10.77 14.54
N VAL B 5 -8.07 9.50 14.84
CA VAL B 5 -8.46 8.53 13.80
C VAL B 5 -9.96 8.26 13.86
N MET B 6 -10.64 9.19 13.16
CA MET B 6 -12.10 9.38 13.23
C MET B 6 -12.62 10.00 11.93
N LYS B 7 -13.94 9.95 11.80
CA LYS B 7 -14.66 10.54 10.65
C LYS B 7 -14.67 12.07 10.77
N LYS B 8 -14.32 12.70 9.67
CA LYS B 8 -14.26 14.18 9.60
C LYS B 8 -15.04 14.72 8.38
N GLY B 9 -16.37 14.60 8.52
CA GLY B 9 -17.35 15.07 7.52
C GLY B 9 -17.27 14.38 6.15
N GLY B 10 -16.81 13.13 6.15
CA GLY B 10 -16.61 12.33 4.91
C GLY B 10 -15.21 11.75 4.92
N ILE B 11 -14.21 12.58 4.60
CA ILE B 11 -12.80 12.18 4.77
C ILE B 11 -12.49 11.70 6.19
N PHE B 12 -11.83 10.55 6.25
CA PHE B 12 -11.47 9.92 7.54
C PHE B 12 -10.15 10.54 8.03
N SER B 13 -10.32 11.73 8.58
CA SER B 13 -9.27 12.57 9.23
C SER B 13 -8.17 13.06 8.27
N ALA B 14 -7.94 14.37 8.33
CA ALA B 14 -6.90 15.05 7.52
C ALA B 14 -5.51 14.45 7.80
N GLU B 15 -5.13 14.49 9.08
CA GLU B 15 -3.92 13.83 9.60
C GLU B 15 -3.72 12.38 9.11
N PHE B 16 -4.79 11.58 9.12
CA PHE B 16 -4.80 10.20 8.64
C PHE B 16 -4.47 10.10 7.13
N LEU B 17 -5.27 10.76 6.30
CA LEU B 17 -5.07 10.76 4.84
C LEU B 17 -3.71 11.33 4.39
N LYS B 18 -3.28 12.38 5.10
CA LYS B 18 -1.97 13.04 4.96
C LYS B 18 -0.73 12.12 5.02
N VAL B 19 -0.86 11.03 5.77
CA VAL B 19 0.19 10.01 5.95
C VAL B 19 -0.07 8.68 5.21
N PHE B 20 -1.35 8.31 5.17
CA PHE B 20 -1.88 7.10 4.52
C PHE B 20 -1.61 7.05 3.01
N LEU B 21 -1.89 8.15 2.32
CA LEU B 21 -1.62 8.26 0.87
C LEU B 21 -0.14 8.25 0.46
N PRO B 22 0.77 8.84 1.25
CA PRO B 22 2.21 8.54 1.17
C PRO B 22 2.50 7.04 1.34
N SER B 23 2.18 6.45 2.50
CA SER B 23 2.50 5.02 2.78
C SER B 23 1.94 4.04 1.74
N LEU B 24 0.70 4.25 1.30
CA LEU B 24 0.12 3.48 0.18
C LEU B 24 0.91 3.61 -1.13
N LEU B 25 1.02 4.82 -1.66
CA LEU B 25 1.77 5.11 -2.90
C LEU B 25 3.19 4.53 -2.86
N LEU B 26 3.92 4.90 -1.82
CA LEU B 26 5.33 4.45 -1.59
C LEU B 26 5.51 2.93 -1.46
N SER B 27 4.74 2.29 -0.59
CA SER B 27 4.76 0.82 -0.45
C SER B 27 4.31 0.09 -1.75
N HIS B 28 3.30 0.64 -2.42
CA HIS B 28 2.87 0.16 -3.76
C HIS B 28 4.00 0.23 -4.79
N LEU B 29 4.68 1.37 -4.86
CA LEU B 29 5.89 1.56 -5.68
C LEU B 29 6.98 0.51 -5.39
N LEU B 30 7.24 0.25 -4.11
CA LEU B 30 8.15 -0.84 -3.68
C LEU B 30 7.72 -2.22 -4.21
N ALA B 31 6.43 -2.54 -4.09
CA ALA B 31 5.85 -3.78 -4.64
C ALA B 31 5.97 -3.89 -6.17
N ILE B 32 5.74 -2.78 -6.88
CA ILE B 32 6.00 -2.72 -8.35
C ILE B 32 7.48 -3.07 -8.63
N GLY B 33 8.37 -2.44 -7.87
CA GLY B 33 9.84 -2.72 -7.88
C GLY B 33 10.15 -4.21 -7.70
N LEU B 34 9.60 -4.77 -6.61
CA LEU B 34 9.67 -6.21 -6.30
C LEU B 34 9.18 -7.11 -7.44
N GLY B 35 8.05 -6.78 -8.06
CA GLY B 35 7.47 -7.50 -9.19
C GLY B 35 8.44 -7.63 -10.38
N ILE B 36 8.97 -6.46 -10.77
CA ILE B 36 9.97 -6.32 -11.86
C ILE B 36 11.21 -7.18 -11.55
N TYR B 37 11.72 -7.07 -10.32
CA TYR B 37 12.94 -7.79 -9.92
C TYR B 37 12.79 -9.27 -9.54
N ILE B 38 11.64 -9.70 -9.01
CA ILE B 38 11.37 -11.14 -8.80
C ILE B 38 11.22 -11.88 -10.15
N GLY B 39 10.55 -11.19 -11.09
CA GLY B 39 10.46 -11.63 -12.50
C GLY B 39 11.85 -11.82 -13.12
N ARG B 40 12.72 -10.83 -12.91
CA ARG B 40 14.14 -10.93 -13.31
C ARG B 40 14.90 -12.07 -12.59
N ARG B 41 14.85 -12.07 -11.25
CA ARG B 41 15.41 -13.15 -10.41
C ARG B 41 15.06 -14.55 -10.96
N LEU B 42 13.84 -14.70 -11.45
CA LEU B 42 13.40 -15.91 -12.20
C LEU B 42 14.14 -16.07 -13.54
N THR B 43 14.05 -15.08 -14.42
CA THR B 43 14.49 -15.24 -15.82
C THR B 43 15.87 -14.66 -16.23
N THR B 44 16.07 -13.35 -16.11
CA THR B 44 17.23 -12.65 -16.69
C THR B 44 18.37 -12.23 -15.74
N SER B 45 18.34 -12.70 -14.49
CA SER B 45 19.45 -12.49 -13.53
C SER B 45 20.60 -13.49 -13.72
N ARG A 1 11.52 -19.35 28.12
CA ARG A 1 10.55 -20.42 27.81
C ARG A 1 11.31 -21.57 27.13
N ASN A 2 10.92 -22.81 27.44
CA ASN A 2 11.52 -24.00 26.84
C ASN A 2 10.72 -24.54 25.64
N THR A 3 9.38 -24.44 25.71
CA THR A 3 8.49 -24.85 24.60
C THR A 3 8.67 -24.07 23.30
N SER A 4 8.35 -24.76 22.20
CA SER A 4 8.40 -24.18 20.84
C SER A 4 7.54 -22.92 20.65
N VAL A 5 6.28 -23.01 21.05
CA VAL A 5 5.31 -21.90 20.92
C VAL A 5 5.69 -20.72 21.83
N MET A 6 5.99 -19.60 21.20
CA MET A 6 6.23 -18.32 21.90
C MET A 6 5.31 -17.21 21.37
N LYS A 7 4.61 -16.61 22.32
CA LYS A 7 3.60 -15.56 22.06
C LYS A 7 4.10 -14.24 22.66
N LYS A 8 4.63 -13.40 21.78
CA LYS A 8 5.24 -12.13 22.20
C LYS A 8 4.25 -11.03 22.63
N GLY A 9 4.78 -9.98 23.25
CA GLY A 9 3.99 -8.86 23.81
C GLY A 9 3.37 -7.92 22.77
N GLY A 10 2.36 -7.20 23.25
CA GLY A 10 1.64 -6.14 22.50
C GLY A 10 0.80 -6.66 21.32
N ILE A 11 -0.46 -6.20 21.30
CA ILE A 11 -1.40 -6.43 20.18
C ILE A 11 -0.88 -5.87 18.85
N PHE A 12 -1.14 -6.60 17.78
CA PHE A 12 -0.91 -6.08 16.42
C PHE A 12 -2.22 -5.54 15.82
N SER A 13 -3.13 -6.46 15.46
CA SER A 13 -4.39 -6.16 14.75
C SER A 13 -5.23 -5.03 15.36
N ALA A 14 -5.62 -5.23 16.62
CA ALA A 14 -6.51 -4.33 17.40
C ALA A 14 -7.64 -3.67 16.56
N GLU A 15 -8.33 -4.52 15.82
CA GLU A 15 -9.39 -4.20 14.83
C GLU A 15 -8.87 -3.44 13.58
N PHE A 16 -8.21 -2.31 13.78
CA PHE A 16 -7.84 -1.39 12.67
C PHE A 16 -6.68 -1.75 11.74
N LEU A 17 -5.85 -2.73 12.13
CA LEU A 17 -4.91 -3.36 11.19
C LEU A 17 -5.54 -4.47 10.34
N LYS A 18 -6.52 -5.18 10.91
CA LYS A 18 -7.35 -6.17 10.19
C LYS A 18 -8.21 -5.51 9.11
N VAL A 19 -8.64 -4.26 9.35
CA VAL A 19 -9.27 -3.42 8.31
C VAL A 19 -8.29 -2.41 7.63
N PHE A 20 -7.11 -2.93 7.32
CA PHE A 20 -6.04 -2.21 6.60
C PHE A 20 -5.16 -3.19 5.79
N LEU A 21 -4.40 -4.01 6.50
CA LEU A 21 -3.41 -4.93 5.89
C LEU A 21 -3.96 -5.98 4.91
N PRO A 22 -5.16 -6.58 5.08
CA PRO A 22 -5.78 -7.45 4.06
C PRO A 22 -5.93 -6.79 2.68
N SER A 23 -6.64 -5.66 2.60
CA SER A 23 -6.76 -4.87 1.35
C SER A 23 -5.40 -4.39 0.80
N LEU A 24 -4.51 -3.97 1.70
CA LEU A 24 -3.11 -3.65 1.37
C LEU A 24 -2.37 -4.78 0.64
N LEU A 25 -2.17 -5.89 1.35
CA LEU A 25 -1.49 -7.09 0.81
C LEU A 25 -2.03 -7.61 -0.54
N LEU A 26 -3.35 -7.63 -0.66
CA LEU A 26 -4.04 -8.03 -1.91
C LEU A 26 -3.76 -7.07 -3.08
N SER A 27 -3.93 -5.76 -2.84
CA SER A 27 -3.64 -4.71 -3.86
C SER A 27 -2.14 -4.54 -4.14
N HIS A 28 -1.30 -4.83 -3.14
CA HIS A 28 0.14 -5.04 -3.31
C HIS A 28 0.45 -6.15 -4.32
N LEU A 29 -0.25 -7.28 -4.21
CA LEU A 29 -0.18 -8.37 -5.22
C LEU A 29 -0.62 -7.96 -6.64
N LEU A 30 -1.63 -7.08 -6.74
CA LEU A 30 -1.94 -6.42 -8.03
C LEU A 30 -0.73 -5.66 -8.61
N ALA A 31 -0.13 -4.84 -7.76
CA ALA A 31 1.12 -4.10 -8.07
C ALA A 31 2.30 -5.01 -8.44
N ILE A 32 2.55 -6.04 -7.63
CA ILE A 32 3.58 -7.09 -7.90
C ILE A 32 3.31 -7.82 -9.23
N GLY A 33 2.07 -8.23 -9.45
CA GLY A 33 1.57 -8.82 -10.71
C GLY A 33 1.91 -7.92 -11.93
N LEU A 34 1.44 -6.68 -11.85
CA LEU A 34 1.75 -5.59 -12.80
C LEU A 34 3.25 -5.45 -13.06
N GLY A 35 4.02 -5.48 -11.96
CA GLY A 35 5.49 -5.51 -11.93
C GLY A 35 6.09 -6.54 -12.89
N ILE A 36 5.79 -7.81 -12.63
CA ILE A 36 6.34 -8.94 -13.44
C ILE A 36 5.74 -8.96 -14.86
N TYR A 37 4.48 -8.52 -14.99
CA TYR A 37 3.81 -8.29 -16.28
C TYR A 37 4.68 -7.46 -17.26
N ILE A 38 4.89 -6.20 -16.92
CA ILE A 38 5.81 -5.34 -17.70
C ILE A 38 7.30 -5.75 -17.60
N GLY A 39 7.69 -6.32 -16.47
CA GLY A 39 9.01 -6.97 -16.25
C GLY A 39 9.37 -7.97 -17.37
N ARG A 40 8.59 -9.04 -17.49
CA ARG A 40 8.74 -10.06 -18.54
C ARG A 40 8.51 -9.54 -19.98
N ARG A 41 7.78 -8.43 -20.14
CA ARG A 41 7.70 -7.73 -21.43
C ARG A 41 9.07 -7.31 -21.99
N LEU A 42 10.10 -7.17 -21.15
CA LEU A 42 11.51 -7.04 -21.55
C LEU A 42 11.90 -8.13 -22.58
N THR A 43 11.59 -9.37 -22.24
CA THR A 43 11.90 -10.55 -23.08
C THR A 43 10.80 -11.01 -24.05
N THR A 44 9.65 -10.30 -24.02
CA THR A 44 8.62 -10.40 -25.07
C THR A 44 8.27 -9.09 -25.79
N SER A 45 9.37 -8.34 -26.10
CA SER A 45 9.36 -7.19 -27.01
C SER A 45 10.69 -7.16 -27.78
N ARG B 1 2.39 9.17 19.45
CA ARG B 1 2.81 10.56 19.20
C ARG B 1 2.00 11.16 18.03
N ASN B 2 1.95 12.49 17.96
CA ASN B 2 1.30 13.32 16.91
C ASN B 2 -0.24 13.42 16.93
N THR B 3 -0.95 12.32 16.71
CA THR B 3 -2.43 12.27 16.73
C THR B 3 -2.99 11.29 17.76
N SER B 4 -4.15 11.64 18.31
CA SER B 4 -5.01 10.73 19.11
C SER B 4 -5.67 9.66 18.21
N VAL B 5 -6.32 8.65 18.78
CA VAL B 5 -6.99 7.60 17.97
C VAL B 5 -8.37 8.00 17.43
N MET B 6 -8.29 8.91 16.47
CA MET B 6 -9.43 9.51 15.75
C MET B 6 -9.91 8.61 14.60
N LYS B 7 -11.08 8.02 14.82
CA LYS B 7 -11.76 7.05 13.92
C LYS B 7 -10.97 5.72 13.83
N LYS B 8 -9.76 5.81 13.26
CA LYS B 8 -8.72 4.76 13.31
C LYS B 8 -8.25 4.59 14.76
N GLY B 9 -8.89 3.61 15.40
CA GLY B 9 -8.64 3.28 16.82
C GLY B 9 -7.93 1.94 16.98
N GLY B 10 -7.85 1.52 18.25
CA GLY B 10 -7.29 0.23 18.67
C GLY B 10 -5.76 0.09 18.56
N ILE B 11 -5.26 0.25 17.35
CA ILE B 11 -3.83 0.15 16.98
C ILE B 11 -2.88 0.86 17.97
N PHE B 12 -1.72 0.24 18.14
CA PHE B 12 -0.78 0.57 19.23
C PHE B 12 0.06 1.85 19.06
N SER B 13 0.23 2.33 17.82
CA SER B 13 0.93 3.60 17.57
C SER B 13 0.12 4.51 16.63
N ALA B 14 -0.52 5.50 17.26
CA ALA B 14 -1.46 6.43 16.59
C ALA B 14 -0.89 7.28 15.44
N GLU B 15 0.44 7.33 15.31
CA GLU B 15 1.16 7.85 14.14
C GLU B 15 0.67 7.25 12.82
N PHE B 16 0.19 6.00 12.88
CA PHE B 16 -0.55 5.29 11.82
C PHE B 16 -1.61 6.16 11.12
N LEU B 17 -2.38 6.89 11.92
CA LEU B 17 -3.41 7.87 11.45
C LEU B 17 -2.87 8.90 10.45
N LYS B 18 -1.63 9.31 10.65
CA LYS B 18 -0.91 10.25 9.76
C LYS B 18 -0.14 9.56 8.63
N VAL B 19 0.70 8.59 8.98
CA VAL B 19 1.59 7.92 7.99
C VAL B 19 0.93 6.97 6.97
N PHE B 20 -0.28 6.48 7.26
CA PHE B 20 -0.97 5.48 6.43
C PHE B 20 -1.08 5.83 4.92
N LEU B 21 -1.41 7.07 4.60
CA LEU B 21 -1.53 7.52 3.18
C LEU B 21 -0.17 7.58 2.47
N PRO B 22 0.91 8.13 3.04
CA PRO B 22 2.28 7.91 2.54
C PRO B 22 2.63 6.42 2.44
N SER B 23 2.32 5.64 3.48
CA SER B 23 2.49 4.17 3.49
C SER B 23 1.92 3.51 2.22
N LEU B 24 0.66 3.82 1.90
CA LEU B 24 -0.02 3.33 0.66
C LEU B 24 0.77 3.63 -0.62
N LEU B 25 0.96 4.93 -0.87
CA LEU B 25 1.65 5.45 -2.06
C LEU B 25 3.06 4.87 -2.26
N LEU B 26 3.87 4.95 -1.19
CA LEU B 26 5.22 4.40 -1.10
C LEU B 26 5.25 2.86 -1.30
N SER B 27 4.53 2.13 -0.46
CA SER B 27 4.56 0.65 -0.46
C SER B 27 4.03 -0.01 -1.74
N HIS B 28 2.98 0.54 -2.36
CA HIS B 28 2.50 0.05 -3.67
C HIS B 28 3.47 0.27 -4.83
N LEU B 29 4.13 1.43 -4.87
CA LEU B 29 5.24 1.68 -5.80
C LEU B 29 6.37 0.64 -5.63
N LEU B 30 6.77 0.46 -4.37
CA LEU B 30 7.73 -0.58 -3.96
C LEU B 30 7.27 -1.99 -4.33
N ALA B 31 5.98 -2.28 -4.21
CA ALA B 31 5.36 -3.55 -4.66
C ALA B 31 5.48 -3.80 -6.17
N ILE B 32 5.16 -2.80 -7.00
CA ILE B 32 5.41 -2.88 -8.47
C ILE B 32 6.90 -3.14 -8.73
N GLY B 33 7.73 -2.34 -8.05
CA GLY B 33 9.20 -2.47 -8.03
C GLY B 33 9.67 -3.91 -7.72
N LEU B 34 9.22 -4.41 -6.58
CA LEU B 34 9.39 -5.81 -6.14
C LEU B 34 9.08 -6.81 -7.27
N GLY B 35 7.88 -6.65 -7.85
CA GLY B 35 7.42 -7.41 -9.04
C GLY B 35 8.47 -7.45 -10.17
N ILE B 36 8.81 -6.26 -10.68
CA ILE B 36 9.81 -6.08 -11.76
C ILE B 36 11.16 -6.74 -11.36
N TYR B 37 11.61 -6.39 -10.17
CA TYR B 37 12.91 -6.83 -9.60
C TYR B 37 13.05 -8.35 -9.42
N ILE B 38 11.95 -9.05 -9.11
CA ILE B 38 11.92 -10.53 -9.07
C ILE B 38 12.47 -11.10 -10.40
N GLY B 39 11.91 -10.62 -11.50
CA GLY B 39 12.35 -10.94 -12.86
C GLY B 39 13.87 -10.77 -13.07
N ARG B 40 14.40 -9.64 -12.60
CA ARG B 40 15.83 -9.32 -12.70
C ARG B 40 16.72 -10.19 -11.80
N ARG B 41 16.46 -10.19 -10.50
CA ARG B 41 17.22 -10.95 -9.49
C ARG B 41 17.32 -12.45 -9.81
N LEU B 42 16.23 -13.00 -10.36
CA LEU B 42 16.20 -14.37 -10.90
C LEU B 42 17.10 -14.59 -12.13
N THR B 43 17.06 -13.66 -13.09
CA THR B 43 17.73 -13.81 -14.40
C THR B 43 19.17 -13.30 -14.53
N THR B 44 19.64 -12.51 -13.58
CA THR B 44 21.01 -11.95 -13.56
C THR B 44 22.15 -12.99 -13.50
N SER B 45 23.33 -12.62 -14.00
CA SER B 45 24.48 -13.56 -14.15
C SER B 45 25.85 -12.87 -14.27
N ARG A 1 -7.41 10.90 19.48
CA ARG A 1 -7.64 9.67 20.26
C ARG A 1 -6.36 8.80 20.36
N ASN A 2 -5.61 8.66 19.26
CA ASN A 2 -4.41 7.81 19.25
C ASN A 2 -3.15 8.69 19.22
N THR A 3 -2.54 8.78 20.41
CA THR A 3 -1.40 9.68 20.64
C THR A 3 -0.09 8.90 20.86
N SER A 4 0.75 8.97 19.84
CA SER A 4 2.03 8.22 19.76
C SER A 4 3.03 8.59 20.88
N VAL A 5 3.08 7.68 21.83
CA VAL A 5 4.04 7.71 22.96
C VAL A 5 4.87 6.41 22.96
N MET A 6 4.18 5.29 22.83
CA MET A 6 4.76 3.93 22.85
C MET A 6 4.31 3.08 21.64
N LYS A 7 5.18 2.14 21.27
CA LYS A 7 4.84 1.03 20.36
C LYS A 7 3.59 0.26 20.78
N LYS A 8 2.63 0.27 19.87
CA LYS A 8 1.29 -0.32 20.05
C LYS A 8 0.97 -1.27 18.89
N GLY A 9 1.35 -2.52 19.10
CA GLY A 9 1.03 -3.61 18.15
C GLY A 9 -0.14 -4.47 18.65
N GLY A 10 0.11 -5.16 19.75
CA GLY A 10 -0.87 -6.00 20.45
C GLY A 10 -1.88 -5.11 21.20
N ILE A 11 -2.96 -4.78 20.50
CA ILE A 11 -4.03 -3.90 21.05
C ILE A 11 -5.35 -4.65 21.32
N PHE A 12 -6.41 -3.89 21.56
CA PHE A 12 -7.73 -4.49 21.88
C PHE A 12 -8.67 -4.62 20.67
N SER A 13 -8.80 -3.55 19.89
CA SER A 13 -9.58 -3.55 18.64
C SER A 13 -8.74 -3.05 17.45
N ALA A 14 -8.70 -3.90 16.41
CA ALA A 14 -7.94 -3.67 15.18
C ALA A 14 -8.82 -3.52 13.92
N GLU A 15 -9.83 -2.64 14.14
CA GLU A 15 -10.91 -2.38 13.18
C GLU A 15 -10.45 -1.72 11.87
N PHE A 16 -9.64 -0.66 11.99
CA PHE A 16 -9.03 0.00 10.84
C PHE A 16 -7.89 -0.83 10.24
N LEU A 17 -7.12 -1.55 11.07
CA LEU A 17 -6.13 -2.55 10.60
C LEU A 17 -6.77 -3.56 9.63
N LYS A 18 -7.96 -4.03 9.99
CA LYS A 18 -8.85 -4.88 9.15
C LYS A 18 -9.15 -4.32 7.75
N VAL A 19 -9.11 -2.99 7.61
CA VAL A 19 -9.21 -2.29 6.31
C VAL A 19 -7.82 -2.14 5.71
N PHE A 20 -7.01 -1.36 6.42
CA PHE A 20 -5.62 -0.98 6.11
C PHE A 20 -4.70 -2.13 5.65
N LEU A 21 -4.57 -3.19 6.45
CA LEU A 21 -3.62 -4.27 6.13
C LEU A 21 -4.07 -5.24 5.01
N PRO A 22 -5.36 -5.66 4.94
CA PRO A 22 -5.91 -6.29 3.73
C PRO A 22 -5.74 -5.42 2.49
N SER A 23 -6.03 -4.11 2.63
CA SER A 23 -5.72 -3.09 1.60
C SER A 23 -4.25 -3.13 1.14
N LEU A 24 -3.31 -3.06 2.09
CA LEU A 24 -1.86 -3.22 1.83
C LEU A 24 -1.48 -4.53 1.12
N LEU A 25 -2.05 -5.65 1.57
CA LEU A 25 -1.90 -6.97 0.91
C LEU A 25 -2.42 -6.98 -0.54
N LEU A 26 -3.65 -6.51 -0.73
CA LEU A 26 -4.28 -6.34 -2.05
C LEU A 26 -3.43 -5.44 -2.97
N SER A 27 -2.96 -4.32 -2.41
CA SER A 27 -1.97 -3.42 -3.02
C SER A 27 -0.71 -4.14 -3.51
N HIS A 28 -0.03 -4.82 -2.59
CA HIS A 28 1.15 -5.67 -2.90
C HIS A 28 0.92 -6.62 -4.08
N LEU A 29 -0.18 -7.36 -4.00
CA LEU A 29 -0.66 -8.28 -5.05
C LEU A 29 -0.83 -7.59 -6.42
N LEU A 30 -1.64 -6.53 -6.45
CA LEU A 30 -1.87 -5.71 -7.66
C LEU A 30 -0.58 -5.16 -8.30
N ALA A 31 0.30 -4.65 -7.44
CA ALA A 31 1.56 -4.01 -7.85
C ALA A 31 2.65 -4.99 -8.33
N ILE A 32 3.00 -5.98 -7.51
CA ILE A 32 3.95 -7.06 -7.90
C ILE A 32 3.48 -7.77 -9.18
N GLY A 33 2.17 -8.01 -9.26
CA GLY A 33 1.48 -8.60 -10.44
C GLY A 33 1.82 -7.86 -11.74
N LEU A 34 1.44 -6.57 -11.77
CA LEU A 34 1.82 -5.63 -12.84
C LEU A 34 3.33 -5.66 -13.16
N GLY A 35 4.13 -5.57 -12.10
CA GLY A 35 5.61 -5.61 -12.14
C GLY A 35 6.19 -6.79 -12.93
N ILE A 36 5.93 -8.01 -12.44
CA ILE A 36 6.43 -9.26 -13.06
C ILE A 36 6.00 -9.44 -14.53
N TYR A 37 4.80 -8.96 -14.86
CA TYR A 37 4.24 -8.91 -16.22
C TYR A 37 5.02 -7.96 -17.16
N ILE A 38 5.13 -6.68 -16.79
CA ILE A 38 5.89 -5.66 -17.56
C ILE A 38 7.37 -6.08 -17.73
N GLY A 39 7.91 -6.76 -16.72
CA GLY A 39 9.28 -7.32 -16.72
C GLY A 39 9.50 -8.58 -17.56
N ARG A 40 8.77 -8.73 -18.67
CA ARG A 40 8.92 -9.88 -19.58
C ARG A 40 9.27 -9.49 -21.04
N ARG A 41 8.61 -8.45 -21.57
CA ARG A 41 8.90 -7.89 -22.90
C ARG A 41 9.42 -6.45 -22.82
N LEU A 42 8.84 -5.63 -21.92
CA LEU A 42 9.29 -4.24 -21.69
C LEU A 42 10.48 -4.19 -20.71
N THR A 43 11.49 -4.96 -21.12
CA THR A 43 12.78 -5.17 -20.47
C THR A 43 14.02 -4.84 -21.33
N THR A 44 13.80 -4.98 -22.68
CA THR A 44 14.73 -4.51 -23.70
C THR A 44 14.85 -2.97 -23.74
N SER A 45 15.49 -2.52 -22.61
CA SER A 45 15.50 -1.12 -22.19
C SER A 45 16.90 -0.70 -21.72
N ARG B 1 -20.23 -9.36 13.50
CA ARG B 1 -19.99 -9.81 12.11
C ARG B 1 -18.48 -9.95 11.84
N ASN B 2 -18.12 -10.88 10.94
CA ASN B 2 -16.69 -11.10 10.58
C ASN B 2 -15.99 -9.82 10.11
N THR B 3 -16.72 -9.01 9.36
CA THR B 3 -16.42 -7.58 9.10
C THR B 3 -17.47 -6.68 9.75
N SER B 4 -17.02 -5.83 10.67
CA SER B 4 -17.90 -4.88 11.38
C SER B 4 -18.37 -3.72 10.50
N VAL B 5 -19.70 -3.53 10.52
CA VAL B 5 -20.40 -2.70 9.50
C VAL B 5 -21.17 -1.47 10.01
N MET B 6 -21.70 -1.57 11.23
CA MET B 6 -22.55 -0.58 11.95
C MET B 6 -22.51 0.89 11.48
N LYS B 7 -21.34 1.53 11.61
CA LYS B 7 -21.09 2.94 11.21
C LYS B 7 -21.09 3.01 9.66
N LYS B 8 -22.28 3.20 9.11
CA LYS B 8 -22.51 2.96 7.68
C LYS B 8 -21.98 4.07 6.77
N GLY B 9 -20.97 3.68 5.98
CA GLY B 9 -20.22 4.59 5.09
C GLY B 9 -19.52 5.72 5.86
N GLY B 10 -18.80 5.30 6.89
CA GLY B 10 -18.13 6.20 7.85
C GLY B 10 -16.78 5.58 8.23
N ILE B 11 -15.69 6.20 7.79
CA ILE B 11 -14.34 5.72 8.12
C ILE B 11 -14.11 5.42 9.61
N PHE B 12 -13.54 4.26 9.86
CA PHE B 12 -13.26 3.80 11.24
C PHE B 12 -12.41 4.78 12.07
N SER B 13 -11.55 5.57 11.42
CA SER B 13 -10.68 6.57 12.07
C SER B 13 -10.13 7.55 11.03
N ALA B 14 -10.32 8.84 11.28
CA ALA B 14 -9.72 9.91 10.45
C ALA B 14 -8.19 9.97 10.68
N GLU B 15 -7.81 9.83 11.95
CA GLU B 15 -6.41 9.69 12.40
C GLU B 15 -5.64 8.62 11.62
N PHE B 16 -6.26 7.46 11.44
CA PHE B 16 -5.62 6.35 10.70
C PHE B 16 -5.80 6.33 9.19
N LEU B 17 -6.87 6.94 8.68
CA LEU B 17 -7.04 7.20 7.23
C LEU B 17 -5.88 8.04 6.68
N LYS B 18 -5.42 8.98 7.51
CA LYS B 18 -4.17 9.76 7.31
C LYS B 18 -2.94 8.90 6.99
N VAL B 19 -2.73 7.84 7.77
CA VAL B 19 -1.56 6.93 7.65
C VAL B 19 -1.73 6.00 6.43
N PHE B 20 -2.97 5.52 6.26
CA PHE B 20 -3.41 4.66 5.15
C PHE B 20 -2.87 5.07 3.77
N LEU B 21 -3.14 6.31 3.34
CA LEU B 21 -2.66 6.81 2.03
C LEU B 21 -1.12 6.74 1.84
N PRO B 22 -0.26 7.29 2.71
CA PRO B 22 1.21 7.11 2.61
C PRO B 22 1.65 5.64 2.61
N SER B 23 1.15 4.85 3.56
CA SER B 23 1.45 3.40 3.62
C SER B 23 1.04 2.66 2.35
N LEU B 24 -0.16 2.93 1.84
CA LEU B 24 -0.67 2.41 0.55
C LEU B 24 0.14 2.86 -0.69
N LEU B 25 0.45 4.15 -0.76
CA LEU B 25 1.35 4.72 -1.81
C LEU B 25 2.68 3.96 -1.87
N LEU B 26 3.34 3.94 -0.71
CA LEU B 26 4.61 3.23 -0.51
C LEU B 26 4.48 1.73 -0.81
N SER B 27 3.41 1.11 -0.31
CA SER B 27 3.03 -0.30 -0.61
C SER B 27 3.06 -0.62 -2.12
N HIS B 28 2.24 0.11 -2.88
CA HIS B 28 2.21 0.01 -4.35
C HIS B 28 3.58 0.21 -5.01
N LEU B 29 4.29 1.26 -4.60
CA LEU B 29 5.66 1.53 -5.08
C LEU B 29 6.70 0.44 -4.75
N LEU B 30 6.79 0.07 -3.47
CA LEU B 30 7.67 -1.02 -2.96
C LEU B 30 7.45 -2.31 -3.77
N ALA B 31 6.18 -2.71 -3.79
CA ALA B 31 5.70 -3.94 -4.44
C ALA B 31 5.97 -3.97 -5.96
N ILE B 32 5.63 -2.89 -6.68
CA ILE B 32 5.85 -2.84 -8.13
C ILE B 32 7.34 -2.90 -8.54
N GLY B 33 8.18 -2.17 -7.79
CA GLY B 33 9.64 -2.18 -7.95
C GLY B 33 10.23 -3.60 -7.83
N LEU B 34 9.82 -4.25 -6.73
CA LEU B 34 10.14 -5.66 -6.44
C LEU B 34 9.72 -6.59 -7.60
N GLY B 35 8.46 -6.44 -8.04
CA GLY B 35 7.88 -7.18 -9.19
C GLY B 35 8.76 -7.14 -10.46
N ILE B 36 9.11 -5.93 -10.88
CA ILE B 36 9.98 -5.69 -12.06
C ILE B 36 11.33 -6.41 -11.92
N TYR B 37 11.97 -6.27 -10.77
CA TYR B 37 13.22 -6.99 -10.42
C TYR B 37 13.10 -8.51 -10.63
N ILE B 38 12.05 -9.09 -10.04
CA ILE B 38 11.72 -10.52 -10.15
C ILE B 38 11.60 -10.95 -11.64
N GLY B 39 10.76 -10.23 -12.39
CA GLY B 39 10.51 -10.43 -13.83
C GLY B 39 11.80 -10.46 -14.66
N ARG B 40 12.64 -9.43 -14.46
CA ARG B 40 13.95 -9.29 -15.10
C ARG B 40 14.92 -10.46 -14.83
N ARG B 41 15.07 -10.79 -13.54
CA ARG B 41 15.90 -11.91 -13.06
C ARG B 41 15.40 -13.29 -13.50
N LEU B 42 14.09 -13.44 -13.57
CA LEU B 42 13.44 -14.70 -14.02
C LEU B 42 13.39 -14.94 -15.53
N THR B 43 13.27 -13.87 -16.29
CA THR B 43 13.41 -13.94 -17.75
C THR B 43 14.83 -14.29 -18.21
N THR B 44 15.85 -13.64 -17.66
CA THR B 44 17.24 -13.88 -18.08
C THR B 44 17.92 -15.07 -17.39
N SER B 45 18.86 -15.63 -18.15
CA SER B 45 19.75 -16.76 -17.75
C SER B 45 21.22 -16.37 -18.00
N ARG A 1 18.93 -9.58 32.39
CA ARG A 1 17.95 -8.71 33.04
C ARG A 1 18.16 -7.31 32.47
N ASN A 2 17.18 -6.85 31.68
CA ASN A 2 17.25 -5.47 31.16
C ASN A 2 16.13 -4.60 31.71
N THR A 3 16.53 -3.77 32.68
CA THR A 3 15.68 -2.68 33.22
C THR A 3 15.11 -1.83 32.06
N SER A 4 13.83 -2.09 31.88
CA SER A 4 13.03 -1.60 30.73
C SER A 4 12.86 -0.07 30.74
N VAL A 5 12.63 0.49 29.56
CA VAL A 5 12.15 1.89 29.45
C VAL A 5 10.68 1.89 29.01
N MET A 6 10.39 1.69 27.72
CA MET A 6 9.00 1.62 27.26
C MET A 6 8.71 0.60 26.16
N LYS A 7 7.60 -0.10 26.34
CA LYS A 7 7.12 -1.10 25.37
C LYS A 7 5.86 -0.62 24.62
N LYS A 8 4.82 -0.33 25.40
CA LYS A 8 3.44 -0.14 24.90
C LYS A 8 3.17 1.24 24.30
N GLY A 9 2.84 1.19 23.00
CA GLY A 9 2.49 2.37 22.18
C GLY A 9 3.26 2.44 20.86
N GLY A 10 2.93 1.51 19.97
CA GLY A 10 3.49 1.44 18.61
C GLY A 10 2.76 2.35 17.61
N ILE A 11 2.07 1.70 16.67
CA ILE A 11 1.13 2.40 15.77
C ILE A 11 -0.12 2.92 16.48
N PHE A 12 -0.66 3.97 15.86
CA PHE A 12 -1.85 4.70 16.34
C PHE A 12 -3.14 3.85 16.28
N SER A 13 -3.70 3.71 15.07
CA SER A 13 -5.04 3.11 14.87
C SER A 13 -4.99 1.64 14.43
N ALA A 14 -5.20 0.76 15.41
CA ALA A 14 -5.16 -0.71 15.20
C ALA A 14 -6.50 -1.34 14.75
N GLU A 15 -7.61 -0.66 14.99
CA GLU A 15 -8.93 -1.10 14.49
C GLU A 15 -9.06 -0.91 12.97
N PHE A 16 -8.60 0.24 12.48
CA PHE A 16 -8.41 0.57 11.04
C PHE A 16 -7.58 -0.53 10.37
N LEU A 17 -6.41 -0.78 10.96
CA LEU A 17 -5.46 -1.80 10.45
C LEU A 17 -6.05 -3.20 10.31
N LYS A 18 -6.77 -3.67 11.32
CA LYS A 18 -7.49 -4.95 11.26
C LYS A 18 -8.42 -5.05 10.04
N VAL A 19 -9.32 -4.08 9.90
CA VAL A 19 -10.28 -4.02 8.77
C VAL A 19 -9.68 -3.70 7.38
N PHE A 20 -8.45 -3.18 7.37
CA PHE A 20 -7.74 -2.90 6.10
C PHE A 20 -6.64 -3.86 5.66
N LEU A 21 -6.03 -4.60 6.59
CA LEU A 21 -5.01 -5.61 6.25
C LEU A 21 -5.36 -6.59 5.12
N PRO A 22 -6.55 -7.20 5.03
CA PRO A 22 -6.96 -7.99 3.85
C PRO A 22 -6.90 -7.17 2.54
N SER A 23 -7.64 -6.06 2.51
CA SER A 23 -7.60 -5.07 1.40
C SER A 23 -6.17 -4.71 0.93
N LEU A 24 -5.31 -4.44 1.91
CA LEU A 24 -3.87 -4.15 1.73
C LEU A 24 -3.05 -5.29 1.10
N LEU A 25 -3.14 -6.48 1.72
CA LEU A 25 -2.50 -7.70 1.22
C LEU A 25 -2.88 -7.99 -0.25
N LEU A 26 -4.17 -7.84 -0.53
CA LEU A 26 -4.73 -7.90 -1.90
C LEU A 26 -4.03 -6.96 -2.89
N SER A 27 -4.12 -5.66 -2.62
CA SER A 27 -3.58 -4.61 -3.52
C SER A 27 -2.07 -4.75 -3.77
N HIS A 28 -1.32 -5.02 -2.70
CA HIS A 28 0.14 -5.25 -2.75
C HIS A 28 0.55 -6.50 -3.52
N LEU A 29 -0.10 -7.63 -3.24
CA LEU A 29 0.07 -8.87 -4.05
C LEU A 29 -0.21 -8.67 -5.54
N LEU A 30 -1.32 -8.00 -5.84
CA LEU A 30 -1.69 -7.63 -7.21
C LEU A 30 -0.63 -6.71 -7.89
N ALA A 31 -0.17 -5.70 -7.14
CA ALA A 31 0.92 -4.80 -7.56
C ALA A 31 2.22 -5.52 -7.93
N ILE A 32 2.65 -6.46 -7.10
CA ILE A 32 3.77 -7.39 -7.39
C ILE A 32 3.61 -8.01 -8.80
N GLY A 33 2.44 -8.63 -9.03
CA GLY A 33 2.05 -9.25 -10.31
C GLY A 33 2.21 -8.29 -11.51
N LEU A 34 1.55 -7.13 -11.43
CA LEU A 34 1.65 -6.04 -12.40
C LEU A 34 3.13 -5.64 -12.66
N GLY A 35 3.88 -5.45 -11.58
CA GLY A 35 5.33 -5.12 -11.59
C GLY A 35 6.14 -6.10 -12.45
N ILE A 36 5.94 -7.39 -12.18
CA ILE A 36 6.53 -8.51 -12.95
C ILE A 36 6.19 -8.37 -14.45
N TYR A 37 4.89 -8.27 -14.73
CA TYR A 37 4.33 -8.14 -16.09
C TYR A 37 4.99 -7.00 -16.85
N ILE A 38 5.03 -5.80 -16.25
CA ILE A 38 5.71 -4.60 -16.81
C ILE A 38 7.19 -4.91 -17.09
N GLY A 39 7.94 -5.22 -16.03
CA GLY A 39 9.38 -5.59 -16.09
C GLY A 39 9.71 -6.56 -17.25
N ARG A 40 9.03 -7.71 -17.24
CA ARG A 40 9.19 -8.78 -18.25
C ARG A 40 8.83 -8.32 -19.68
N ARG A 41 7.60 -7.82 -19.83
CA ARG A 41 7.07 -7.35 -21.12
C ARG A 41 7.69 -6.07 -21.71
N LEU A 42 8.37 -5.31 -20.86
CA LEU A 42 9.18 -4.15 -21.30
C LEU A 42 10.58 -4.54 -21.84
N THR A 43 11.05 -5.69 -21.41
CA THR A 43 12.44 -6.16 -21.66
C THR A 43 12.45 -7.49 -22.42
N THR A 44 11.80 -7.45 -23.58
CA THR A 44 11.31 -8.65 -24.27
C THR A 44 12.41 -9.63 -24.72
N SER A 45 12.13 -10.91 -24.46
CA SER A 45 12.99 -12.06 -24.85
C SER A 45 12.17 -13.34 -24.74
N ARG B 1 -8.09 30.30 -8.10
CA ARG B 1 -8.98 29.74 -9.12
C ARG B 1 -9.68 28.45 -8.66
N ASN B 2 -8.91 27.35 -8.49
CA ASN B 2 -9.48 26.10 -7.95
C ASN B 2 -9.98 26.29 -6.52
N THR B 3 -11.19 25.80 -6.28
CA THR B 3 -11.91 26.09 -5.03
C THR B 3 -12.09 24.90 -4.10
N SER B 4 -12.19 25.22 -2.82
CA SER B 4 -12.31 24.24 -1.72
C SER B 4 -13.73 23.69 -1.53
N VAL B 5 -13.74 22.39 -1.28
CA VAL B 5 -14.92 21.69 -0.72
C VAL B 5 -14.56 20.98 0.59
N MET B 6 -15.44 21.15 1.56
CA MET B 6 -15.26 20.61 2.91
C MET B 6 -15.50 19.09 2.93
N LYS B 7 -14.37 18.39 3.11
CA LYS B 7 -14.33 16.91 3.15
C LYS B 7 -13.97 16.43 4.56
N LYS B 8 -15.01 15.95 5.24
CA LYS B 8 -14.89 15.49 6.63
C LYS B 8 -15.69 14.19 6.78
N GLY B 9 -14.94 13.10 6.81
CA GLY B 9 -15.49 11.73 6.98
C GLY B 9 -14.43 10.68 6.62
N GLY B 10 -13.37 10.65 7.43
CA GLY B 10 -12.20 9.78 7.22
C GLY B 10 -12.17 8.58 8.17
N ILE B 11 -12.39 7.42 7.55
CA ILE B 11 -12.35 6.07 8.15
C ILE B 11 -11.55 5.92 9.45
N PHE B 12 -12.29 5.94 10.56
CA PHE B 12 -11.80 5.77 11.95
C PHE B 12 -10.99 6.97 12.50
N SER B 13 -10.06 7.45 11.67
CA SER B 13 -9.27 8.69 11.82
C SER B 13 -8.67 9.10 10.47
N ALA B 14 -9.17 10.23 9.99
CA ALA B 14 -8.71 10.91 8.76
C ALA B 14 -7.20 11.23 8.75
N GLU B 15 -6.70 11.55 9.95
CA GLU B 15 -5.29 11.91 10.20
C GLU B 15 -4.32 10.73 9.97
N PHE B 16 -4.71 9.54 10.44
CA PHE B 16 -3.96 8.30 10.17
C PHE B 16 -3.98 7.92 8.67
N LEU B 17 -5.16 8.00 8.05
CA LEU B 17 -5.31 7.82 6.58
C LEU B 17 -4.40 8.77 5.77
N LYS B 18 -4.35 10.03 6.20
CA LYS B 18 -3.43 11.04 5.63
C LYS B 18 -1.94 10.67 5.66
N VAL B 19 -1.44 10.20 6.81
CA VAL B 19 -0.03 9.77 6.94
C VAL B 19 0.28 8.42 6.29
N PHE B 20 -0.73 7.55 6.28
CA PHE B 20 -0.71 6.28 5.51
C PHE B 20 -0.52 6.53 4.01
N LEU B 21 -1.33 7.42 3.42
CA LEU B 21 -1.32 7.72 1.97
C LEU B 21 0.03 7.81 1.25
N PRO B 22 0.96 8.72 1.57
CA PRO B 22 2.24 8.88 0.82
C PRO B 22 3.03 7.57 0.81
N SER B 23 3.31 7.05 2.00
CA SER B 23 4.00 5.77 2.24
C SER B 23 3.25 4.50 1.76
N LEU B 24 1.92 4.54 1.71
CA LEU B 24 1.07 3.55 1.03
C LEU B 24 1.31 3.51 -0.47
N LEU B 25 1.24 4.68 -1.11
CA LEU B 25 1.54 4.84 -2.55
C LEU B 25 2.97 4.38 -2.88
N LEU B 26 3.88 4.66 -1.94
CA LEU B 26 5.28 4.17 -1.98
C LEU B 26 5.46 2.68 -1.68
N SER B 27 4.63 2.10 -0.81
CA SER B 27 4.59 0.63 -0.58
C SER B 27 4.01 -0.15 -1.77
N HIS B 28 3.02 0.44 -2.43
CA HIS B 28 2.56 -0.01 -3.76
C HIS B 28 3.72 -0.05 -4.78
N LEU B 29 4.54 1.00 -4.74
CA LEU B 29 5.71 1.15 -5.61
C LEU B 29 6.88 0.23 -5.22
N LEU B 30 7.06 0.00 -3.92
CA LEU B 30 7.89 -1.08 -3.36
C LEU B 30 7.48 -2.45 -3.92
N ALA B 31 6.19 -2.79 -3.80
CA ALA B 31 5.60 -4.02 -4.39
C ALA B 31 5.83 -4.15 -5.91
N ILE B 32 5.56 -3.05 -6.65
CA ILE B 32 5.84 -2.93 -8.09
C ILE B 32 7.33 -3.05 -8.39
N GLY B 33 8.17 -2.27 -7.69
CA GLY B 33 9.64 -2.29 -7.78
C GLY B 33 10.23 -3.70 -7.64
N LEU B 34 9.84 -4.37 -6.55
CA LEU B 34 10.17 -5.78 -6.30
C LEU B 34 9.71 -6.71 -7.43
N GLY B 35 8.47 -6.52 -7.85
CA GLY B 35 7.87 -7.13 -9.06
C GLY B 35 8.75 -6.95 -10.32
N ILE B 36 9.12 -5.71 -10.62
CA ILE B 36 9.99 -5.36 -11.78
C ILE B 36 11.33 -6.11 -11.76
N TYR B 37 11.99 -6.15 -10.60
CA TYR B 37 13.26 -6.89 -10.43
C TYR B 37 13.16 -8.34 -10.91
N ILE B 38 12.17 -9.07 -10.35
CA ILE B 38 11.86 -10.45 -10.78
C ILE B 38 11.44 -10.52 -12.26
N GLY B 39 10.59 -9.59 -12.70
CA GLY B 39 10.17 -9.44 -14.12
C GLY B 39 11.36 -9.37 -15.10
N ARG B 40 12.27 -8.45 -14.80
CA ARG B 40 13.55 -8.27 -15.53
C ARG B 40 14.37 -9.57 -15.57
N ARG B 41 14.55 -10.16 -14.39
CA ARG B 41 15.34 -11.39 -14.18
C ARG B 41 14.75 -12.66 -14.85
N LEU B 42 13.43 -12.64 -15.10
CA LEU B 42 12.75 -13.61 -15.98
C LEU B 42 13.17 -13.50 -17.45
N THR B 43 13.12 -12.27 -18.00
CA THR B 43 13.62 -12.00 -19.35
C THR B 43 15.14 -12.03 -19.52
N THR B 44 15.88 -11.89 -18.41
CA THR B 44 17.32 -12.20 -18.36
C THR B 44 17.53 -13.73 -18.43
N SER B 45 18.51 -14.12 -19.23
CA SER B 45 18.86 -15.55 -19.42
C SER B 45 19.97 -16.00 -18.46
N ARG A 1 15.39 27.00 15.43
CA ARG A 1 16.13 26.34 16.51
C ARG A 1 15.77 24.86 16.64
N ASN A 2 16.75 24.02 16.35
CA ASN A 2 16.62 22.53 16.37
C ASN A 2 16.03 21.92 17.64
N THR A 3 14.93 21.20 17.44
CA THR A 3 14.34 20.32 18.46
C THR A 3 14.37 18.87 17.93
N SER A 4 14.80 17.97 18.81
CA SER A 4 14.88 16.53 18.46
C SER A 4 13.60 15.79 18.87
N VAL A 5 13.43 15.65 20.18
CA VAL A 5 12.27 14.99 20.85
C VAL A 5 11.68 13.76 20.13
N MET A 6 12.03 12.62 20.71
CA MET A 6 11.42 11.32 20.33
C MET A 6 10.00 11.29 20.89
N LYS A 7 9.11 11.91 20.11
CA LYS A 7 7.73 12.15 20.52
C LYS A 7 6.77 12.12 19.33
N LYS A 8 5.66 11.44 19.60
CA LYS A 8 4.47 11.43 18.73
C LYS A 8 3.25 11.07 19.58
N GLY A 9 2.21 11.89 19.47
CA GLY A 9 0.89 11.61 20.07
C GLY A 9 0.08 10.85 19.02
N GLY A 10 -0.75 11.63 18.33
CA GLY A 10 -1.58 11.18 17.20
C GLY A 10 -0.80 10.41 16.13
N ILE A 11 -1.32 9.22 15.85
CA ILE A 11 -0.76 8.28 14.86
C ILE A 11 -1.18 8.65 13.42
N PHE A 12 -0.26 8.44 12.50
CA PHE A 12 -0.53 8.59 11.05
C PHE A 12 -1.60 7.61 10.51
N SER A 13 -1.56 6.35 10.98
CA SER A 13 -2.55 5.29 10.67
C SER A 13 -2.26 4.01 11.48
N ALA A 14 -3.21 3.61 12.32
CA ALA A 14 -3.11 2.35 13.09
C ALA A 14 -4.33 1.43 12.86
N GLU A 15 -5.45 1.73 13.48
CA GLU A 15 -6.74 1.04 13.26
C GLU A 15 -7.18 1.20 11.80
N PHE A 16 -6.98 2.42 11.29
CA PHE A 16 -7.23 2.78 9.89
C PHE A 16 -6.49 1.86 8.89
N LEU A 17 -5.21 1.61 9.14
CA LEU A 17 -4.41 0.57 8.44
C LEU A 17 -5.05 -0.83 8.61
N LYS A 18 -5.23 -1.24 9.87
CA LYS A 18 -5.78 -2.57 10.25
C LYS A 18 -7.08 -2.97 9.52
N VAL A 19 -8.05 -2.06 9.53
CA VAL A 19 -9.36 -2.23 8.86
C VAL A 19 -9.22 -2.71 7.41
N PHE A 20 -8.31 -2.10 6.68
CA PHE A 20 -8.07 -2.43 5.26
C PHE A 20 -6.95 -3.44 4.99
N LEU A 21 -6.49 -4.16 6.02
CA LEU A 21 -5.47 -5.22 5.85
C LEU A 21 -5.72 -6.25 4.72
N PRO A 22 -6.95 -6.77 4.50
CA PRO A 22 -7.29 -7.57 3.32
C PRO A 22 -6.88 -6.85 2.01
N SER A 23 -7.54 -5.73 1.75
CA SER A 23 -7.29 -4.84 0.59
C SER A 23 -5.80 -4.50 0.41
N LEU A 24 -5.21 -3.94 1.47
CA LEU A 24 -3.78 -3.56 1.57
C LEU A 24 -2.81 -4.58 0.99
N LEU A 25 -2.97 -5.83 1.43
CA LEU A 25 -2.05 -6.91 1.03
C LEU A 25 -2.43 -7.66 -0.24
N LEU A 26 -3.72 -7.70 -0.57
CA LEU A 26 -4.18 -8.21 -1.87
C LEU A 26 -3.80 -7.28 -3.03
N SER A 27 -3.83 -5.96 -2.80
CA SER A 27 -3.27 -4.97 -3.72
C SER A 27 -1.73 -5.02 -3.79
N HIS A 28 -1.05 -5.26 -2.66
CA HIS A 28 0.41 -5.57 -2.68
C HIS A 28 0.75 -6.80 -3.54
N LEU A 29 -0.01 -7.89 -3.37
CA LEU A 29 0.07 -9.10 -4.23
C LEU A 29 -0.09 -8.76 -5.72
N LEU A 30 -1.14 -8.00 -6.01
CA LEU A 30 -1.37 -7.41 -7.35
C LEU A 30 -0.14 -6.65 -7.88
N ALA A 31 0.38 -5.70 -7.07
CA ALA A 31 1.57 -4.88 -7.41
C ALA A 31 2.77 -5.71 -7.88
N ILE A 32 3.13 -6.72 -7.09
CA ILE A 32 4.22 -7.67 -7.42
C ILE A 32 3.93 -8.40 -8.74
N GLY A 33 2.77 -9.08 -8.79
CA GLY A 33 2.29 -9.84 -9.98
C GLY A 33 2.30 -8.99 -11.26
N LEU A 34 1.70 -7.81 -11.16
CA LEU A 34 1.64 -6.79 -12.24
C LEU A 34 3.04 -6.39 -12.74
N GLY A 35 3.96 -6.19 -11.80
CA GLY A 35 5.38 -5.86 -12.08
C GLY A 35 6.09 -6.92 -12.94
N ILE A 36 5.90 -8.20 -12.57
CA ILE A 36 6.39 -9.34 -13.38
C ILE A 36 5.91 -9.25 -14.84
N TYR A 37 4.61 -8.95 -15.02
CA TYR A 37 4.04 -8.64 -16.33
C TYR A 37 4.75 -7.47 -17.04
N ILE A 38 4.83 -6.31 -16.37
CA ILE A 38 5.46 -5.08 -16.90
C ILE A 38 6.89 -5.35 -17.38
N GLY A 39 7.73 -5.85 -16.46
CA GLY A 39 9.12 -6.25 -16.73
C GLY A 39 9.25 -7.17 -17.98
N ARG A 40 8.42 -8.22 -17.98
CA ARG A 40 8.33 -9.20 -19.09
C ARG A 40 7.87 -8.59 -20.43
N ARG A 41 6.83 -7.80 -20.41
CA ARG A 41 6.28 -7.17 -21.64
C ARG A 41 7.19 -6.11 -22.28
N LEU A 42 8.03 -5.52 -21.43
CA LEU A 42 9.18 -4.72 -21.86
C LEU A 42 10.31 -5.57 -22.45
N THR A 43 10.75 -6.61 -21.72
CA THR A 43 11.86 -7.50 -22.17
C THR A 43 11.55 -8.30 -23.43
N THR A 44 10.30 -8.74 -23.54
CA THR A 44 9.67 -9.43 -24.68
C THR A 44 10.60 -10.13 -25.70
N SER A 45 10.84 -11.40 -25.37
CA SER A 45 11.63 -12.34 -26.16
C SER A 45 10.81 -13.58 -26.51
N ARG B 1 -8.51 34.39 -7.64
CA ARG B 1 -7.26 33.74 -7.26
C ARG B 1 -7.46 32.63 -6.24
N ASN B 2 -6.57 31.64 -6.34
CA ASN B 2 -6.55 30.37 -5.60
C ASN B 2 -7.77 30.06 -4.72
N THR B 3 -8.86 29.66 -5.36
CA THR B 3 -10.11 29.27 -4.66
C THR B 3 -10.47 27.82 -5.00
N SER B 4 -10.11 26.93 -4.08
CA SER B 4 -10.16 25.48 -4.33
C SER B 4 -11.56 24.84 -4.20
N VAL B 5 -11.67 23.64 -4.75
CA VAL B 5 -12.94 22.87 -4.70
C VAL B 5 -13.13 22.29 -3.28
N MET B 6 -14.30 22.56 -2.71
CA MET B 6 -14.65 22.00 -1.38
C MET B 6 -14.67 20.46 -1.41
N LYS B 7 -15.63 19.91 -2.16
CA LYS B 7 -15.87 18.46 -2.33
C LYS B 7 -15.58 17.55 -1.11
N LYS B 8 -16.62 17.45 -0.29
CA LYS B 8 -16.64 16.57 0.91
C LYS B 8 -17.68 15.44 0.81
N GLY B 9 -17.33 14.31 1.41
CA GLY B 9 -18.18 13.09 1.42
C GLY B 9 -17.39 11.81 1.11
N GLY B 10 -17.14 11.05 2.17
CA GLY B 10 -16.40 9.78 2.13
C GLY B 10 -15.54 9.59 3.38
N ILE B 11 -14.24 9.86 3.24
CA ILE B 11 -13.27 9.83 4.35
C ILE B 11 -13.72 10.59 5.62
N PHE B 12 -13.68 9.85 6.74
CA PHE B 12 -13.91 10.41 8.09
C PHE B 12 -13.04 11.64 8.43
N SER B 13 -11.76 11.58 8.08
CA SER B 13 -10.79 12.69 8.25
C SER B 13 -9.86 12.86 7.04
N ALA B 14 -10.00 14.01 6.41
CA ALA B 14 -9.08 14.47 5.33
C ALA B 14 -7.62 14.47 5.81
N GLU B 15 -7.38 15.00 7.01
CA GLU B 15 -6.06 15.00 7.68
C GLU B 15 -5.44 13.59 7.79
N PHE B 16 -6.22 12.63 8.30
CA PHE B 16 -5.79 11.22 8.40
C PHE B 16 -5.46 10.60 7.03
N LEU B 17 -6.36 10.81 6.06
CA LEU B 17 -6.18 10.43 4.65
C LEU B 17 -4.85 10.96 4.08
N LYS B 18 -4.64 12.28 4.25
CA LYS B 18 -3.40 12.98 3.86
C LYS B 18 -2.15 12.26 4.40
N VAL B 19 -2.06 12.13 5.73
CA VAL B 19 -0.89 11.53 6.40
C VAL B 19 -0.65 10.03 6.14
N PHE B 20 -1.70 9.29 5.81
CA PHE B 20 -1.52 7.88 5.41
C PHE B 20 -1.03 7.69 3.96
N LEU B 21 -1.58 8.46 3.01
CA LEU B 21 -1.24 8.34 1.57
C LEU B 21 0.24 8.18 1.18
N PRO B 22 1.22 8.91 1.73
CA PRO B 22 2.66 8.68 1.46
C PRO B 22 3.09 7.21 1.66
N SER B 23 3.05 6.71 2.90
CA SER B 23 3.39 5.30 3.21
C SER B 23 2.61 4.26 2.40
N LEU B 24 1.32 4.51 2.24
CA LEU B 24 0.40 3.69 1.42
C LEU B 24 0.88 3.55 -0.03
N LEU B 25 1.05 4.67 -0.72
CA LEU B 25 1.65 4.69 -2.08
C LEU B 25 3.06 4.10 -2.10
N LEU B 26 3.90 4.54 -1.15
CA LEU B 26 5.30 4.10 -1.01
C LEU B 26 5.47 2.56 -0.91
N SER B 27 4.64 1.92 -0.08
CA SER B 27 4.67 0.44 0.08
C SER B 27 4.35 -0.29 -1.24
N HIS B 28 3.32 0.19 -1.92
CA HIS B 28 2.87 -0.31 -3.24
C HIS B 28 3.89 -0.01 -4.35
N LEU B 29 4.52 1.16 -4.28
CA LEU B 29 5.63 1.57 -5.15
C LEU B 29 6.84 0.63 -5.04
N LEU B 30 7.29 0.38 -3.81
CA LEU B 30 8.31 -0.64 -3.52
C LEU B 30 7.89 -2.05 -3.98
N ALA B 31 6.65 -2.44 -3.68
CA ALA B 31 6.06 -3.74 -4.11
C ALA B 31 6.03 -3.93 -5.63
N ILE B 32 5.59 -2.91 -6.38
CA ILE B 32 5.62 -2.95 -7.86
C ILE B 32 7.04 -2.84 -8.42
N GLY B 33 7.88 -2.02 -7.77
CA GLY B 33 9.33 -1.93 -8.04
C GLY B 33 10.00 -3.32 -7.98
N LEU B 34 9.72 -4.02 -6.87
CA LEU B 34 10.09 -5.44 -6.71
C LEU B 34 9.52 -6.34 -7.79
N GLY B 35 8.25 -6.12 -8.16
CA GLY B 35 7.60 -6.75 -9.32
C GLY B 35 8.41 -6.60 -10.62
N ILE B 36 8.71 -5.35 -11.00
CA ILE B 36 9.54 -5.04 -12.19
C ILE B 36 10.94 -5.66 -12.03
N TYR B 37 11.50 -5.57 -10.83
CA TYR B 37 12.78 -6.21 -10.46
C TYR B 37 12.78 -7.71 -10.82
N ILE B 38 11.86 -8.47 -10.21
CA ILE B 38 11.70 -9.91 -10.50
C ILE B 38 11.35 -10.14 -11.99
N GLY B 39 10.47 -9.31 -12.56
CA GLY B 39 10.05 -9.36 -13.98
C GLY B 39 11.18 -9.22 -15.01
N ARG B 40 12.05 -8.23 -14.81
CA ARG B 40 13.27 -8.05 -15.62
C ARG B 40 14.35 -9.09 -15.26
N ARG B 41 14.46 -9.43 -13.98
CA ARG B 41 15.32 -10.52 -13.47
C ARG B 41 15.01 -11.92 -14.04
N LEU B 42 13.73 -12.14 -14.33
CA LEU B 42 13.23 -13.31 -15.10
C LEU B 42 14.07 -13.63 -16.34
N THR B 43 14.57 -12.60 -16.98
CA THR B 43 15.61 -12.70 -18.03
C THR B 43 17.03 -12.45 -17.45
N THR B 44 17.34 -11.19 -17.17
CA THR B 44 18.68 -10.76 -16.68
C THR B 44 18.92 -11.09 -15.19
N SER B 45 19.45 -12.28 -14.98
CA SER B 45 19.85 -12.84 -13.68
C SER B 45 21.03 -13.81 -13.87
N ARG A 1 18.88 21.69 13.83
CA ARG A 1 17.86 20.66 13.58
C ARG A 1 17.93 19.54 14.62
N ASN A 2 16.94 19.53 15.53
CA ASN A 2 16.81 18.45 16.53
C ASN A 2 15.32 18.10 16.72
N THR A 3 15.00 16.85 16.38
CA THR A 3 13.62 16.32 16.43
C THR A 3 13.04 16.12 17.85
N SER A 4 11.74 16.38 17.94
CA SER A 4 10.96 16.28 19.20
C SER A 4 10.77 14.84 19.72
N VAL A 5 10.17 14.74 20.91
CA VAL A 5 9.44 13.53 21.34
C VAL A 5 7.96 13.75 20.96
N MET A 6 7.39 12.76 20.31
CA MET A 6 5.98 12.82 19.88
C MET A 6 5.07 11.91 20.72
N LYS A 7 3.90 12.48 21.06
CA LYS A 7 2.86 11.78 21.85
C LYS A 7 2.01 10.84 20.98
N LYS A 8 2.50 9.61 20.93
CA LYS A 8 1.88 8.44 20.29
C LYS A 8 2.63 7.19 20.79
N GLY A 9 1.88 6.27 21.39
CA GLY A 9 2.38 4.94 21.78
C GLY A 9 2.93 4.15 20.57
N GLY A 10 2.09 3.23 20.10
CA GLY A 10 2.44 2.30 19.01
C GLY A 10 1.67 2.65 17.74
N ILE A 11 0.44 2.19 17.67
CA ILE A 11 -0.41 2.48 16.50
C ILE A 11 -1.53 3.51 16.79
N PHE A 12 -1.68 4.49 15.87
CA PHE A 12 -2.80 5.45 15.92
C PHE A 12 -4.18 4.76 16.04
N SER A 13 -4.40 3.74 15.21
CA SER A 13 -5.63 2.95 15.22
C SER A 13 -5.42 1.50 14.76
N ALA A 14 -5.47 0.62 15.77
CA ALA A 14 -5.48 -0.85 15.59
C ALA A 14 -6.74 -1.34 14.84
N GLU A 15 -7.83 -0.61 15.04
CA GLU A 15 -9.13 -0.84 14.36
C GLU A 15 -8.97 -0.73 12.82
N PHE A 16 -8.52 0.46 12.41
CA PHE A 16 -8.13 0.83 11.02
C PHE A 16 -7.24 -0.28 10.39
N LEU A 17 -6.13 -0.54 11.06
CA LEU A 17 -5.15 -1.61 10.75
C LEU A 17 -5.81 -2.93 10.29
N LYS A 18 -6.57 -3.53 11.20
CA LYS A 18 -7.29 -4.81 10.99
C LYS A 18 -8.24 -4.76 9.77
N VAL A 19 -9.08 -3.73 9.74
CA VAL A 19 -10.10 -3.56 8.68
C VAL A 19 -9.47 -3.46 7.28
N PHE A 20 -8.31 -2.81 7.19
CA PHE A 20 -7.52 -2.65 5.95
C PHE A 20 -6.65 -3.83 5.52
N LEU A 21 -6.11 -4.55 6.49
CA LEU A 21 -5.22 -5.71 6.31
C LEU A 21 -5.50 -6.61 5.07
N PRO A 22 -6.70 -7.19 4.88
CA PRO A 22 -6.95 -8.12 3.74
C PRO A 22 -6.89 -7.46 2.35
N SER A 23 -7.52 -6.29 2.22
CA SER A 23 -7.56 -5.55 0.94
C SER A 23 -6.16 -5.01 0.54
N LEU A 24 -5.41 -4.56 1.53
CA LEU A 24 -4.01 -4.14 1.33
C LEU A 24 -3.05 -5.30 0.97
N LEU A 25 -3.23 -6.45 1.61
CA LEU A 25 -2.57 -7.70 1.17
C LEU A 25 -2.79 -7.99 -0.33
N LEU A 26 -4.04 -7.88 -0.77
CA LEU A 26 -4.42 -8.01 -2.19
C LEU A 26 -3.72 -6.98 -3.10
N SER A 27 -3.85 -5.70 -2.77
CA SER A 27 -3.26 -4.59 -3.57
C SER A 27 -1.73 -4.67 -3.72
N HIS A 28 -1.03 -5.05 -2.66
CA HIS A 28 0.44 -5.25 -2.68
C HIS A 28 0.86 -6.45 -3.54
N LEU A 29 0.15 -7.56 -3.40
CA LEU A 29 0.28 -8.75 -4.27
C LEU A 29 0.02 -8.40 -5.75
N LEU A 30 -1.03 -7.63 -5.98
CA LEU A 30 -1.39 -7.06 -7.30
C LEU A 30 -0.26 -6.19 -7.89
N ALA A 31 0.27 -5.28 -7.08
CA ALA A 31 1.41 -4.41 -7.44
C ALA A 31 2.67 -5.18 -7.83
N ILE A 32 3.04 -6.19 -7.03
CA ILE A 32 4.11 -7.17 -7.37
C ILE A 32 3.82 -7.80 -8.75
N GLY A 33 2.61 -8.35 -8.90
CA GLY A 33 2.08 -8.91 -10.15
C GLY A 33 2.25 -8.00 -11.38
N LEU A 34 1.83 -6.74 -11.22
CA LEU A 34 1.99 -5.69 -12.24
C LEU A 34 3.42 -5.49 -12.76
N GLY A 35 4.37 -5.41 -11.83
CA GLY A 35 5.82 -5.33 -12.14
C GLY A 35 6.31 -6.55 -12.95
N ILE A 36 5.94 -7.73 -12.49
CA ILE A 36 6.22 -9.03 -13.16
C ILE A 36 5.64 -9.04 -14.59
N TYR A 37 4.37 -8.64 -14.70
CA TYR A 37 3.65 -8.50 -15.99
C TYR A 37 4.43 -7.68 -17.02
N ILE A 38 4.92 -6.50 -16.63
CA ILE A 38 5.74 -5.64 -17.51
C ILE A 38 6.94 -6.42 -18.10
N GLY A 39 7.69 -7.09 -17.22
CA GLY A 39 8.82 -7.98 -17.60
C GLY A 39 8.42 -9.08 -18.60
N ARG A 40 7.40 -9.85 -18.17
CA ARG A 40 6.79 -10.93 -18.98
C ARG A 40 6.31 -10.48 -20.38
N ARG A 41 5.57 -9.38 -20.40
CA ARG A 41 5.02 -8.78 -21.63
C ARG A 41 6.07 -8.36 -22.66
N LEU A 42 7.19 -7.84 -22.17
CA LEU A 42 8.31 -7.47 -23.02
C LEU A 42 8.85 -8.72 -23.77
N THR A 43 9.25 -9.72 -22.99
CA THR A 43 9.74 -11.02 -23.52
C THR A 43 8.62 -12.06 -23.75
N THR A 44 7.50 -11.57 -24.28
CA THR A 44 6.28 -12.36 -24.58
C THR A 44 6.53 -13.69 -25.32
N SER A 45 5.96 -14.74 -24.74
CA SER A 45 6.03 -16.11 -25.26
C SER A 45 4.63 -16.72 -25.37
N ARG B 1 -27.25 10.18 2.88
CA ARG B 1 -25.86 9.78 3.12
C ARG B 1 -25.55 8.42 2.49
N ASN B 2 -24.29 8.27 2.04
CA ASN B 2 -23.73 7.04 1.45
C ASN B 2 -24.68 6.32 0.48
N THR B 3 -24.62 6.74 -0.78
CA THR B 3 -25.51 6.19 -1.83
C THR B 3 -24.90 4.95 -2.51
N SER B 4 -23.66 5.12 -2.95
CA SER B 4 -22.89 4.04 -3.61
C SER B 4 -21.82 3.45 -2.67
N VAL B 5 -21.00 4.36 -2.12
CA VAL B 5 -19.79 4.01 -1.34
C VAL B 5 -20.02 4.39 0.12
N MET B 6 -19.95 3.36 0.95
CA MET B 6 -20.35 3.41 2.37
C MET B 6 -19.15 3.60 3.30
N LYS B 7 -18.82 4.88 3.43
CA LYS B 7 -17.60 5.34 4.13
C LYS B 7 -17.73 5.38 5.66
N LYS B 8 -17.66 4.18 6.22
CA LYS B 8 -17.84 3.89 7.66
C LYS B 8 -17.28 2.51 8.04
N GLY B 9 -16.55 2.48 9.14
CA GLY B 9 -15.96 1.25 9.70
C GLY B 9 -14.75 0.82 8.87
N GLY B 10 -13.73 1.67 8.95
CA GLY B 10 -12.46 1.48 8.21
C GLY B 10 -11.44 2.56 8.56
N ILE B 11 -11.76 3.79 8.18
CA ILE B 11 -10.90 4.94 8.49
C ILE B 11 -11.30 5.49 9.87
N PHE B 12 -10.80 4.74 10.87
CA PHE B 12 -10.96 5.04 12.29
C PHE B 12 -9.96 6.07 12.88
N SER B 13 -9.35 6.85 11.93
CA SER B 13 -8.47 7.97 12.28
C SER B 13 -8.08 8.74 10.99
N ALA B 14 -8.45 10.03 11.02
CA ALA B 14 -8.10 10.99 9.96
C ALA B 14 -6.61 11.37 10.10
N GLU B 15 -6.15 11.46 11.35
CA GLU B 15 -4.73 11.64 11.72
C GLU B 15 -3.83 10.52 11.18
N PHE B 16 -4.27 9.27 11.35
CA PHE B 16 -3.59 8.11 10.75
C PHE B 16 -3.63 8.15 9.22
N LEU B 17 -4.82 8.44 8.66
CA LEU B 17 -5.02 8.62 7.21
C LEU B 17 -4.06 9.63 6.56
N LYS B 18 -3.77 10.72 7.29
CA LYS B 18 -2.73 11.71 6.91
C LYS B 18 -1.39 11.05 6.55
N VAL B 19 -0.82 10.34 7.53
CA VAL B 19 0.47 9.65 7.38
C VAL B 19 0.42 8.41 6.44
N PHE B 20 -0.72 7.74 6.50
CA PHE B 20 -1.06 6.57 5.66
C PHE B 20 -0.89 6.82 4.15
N LEU B 21 -1.65 7.74 3.58
CA LEU B 21 -1.72 7.94 2.12
C LEU B 21 -0.36 7.99 1.38
N PRO B 22 0.59 8.87 1.72
CA PRO B 22 1.92 8.88 1.06
C PRO B 22 2.76 7.60 1.26
N SER B 23 2.82 7.10 2.50
CA SER B 23 3.52 5.84 2.84
C SER B 23 2.93 4.60 2.16
N LEU B 24 1.60 4.57 2.06
CA LEU B 24 0.84 3.58 1.26
C LEU B 24 1.24 3.63 -0.23
N LEU B 25 1.28 4.84 -0.79
CA LEU B 25 1.75 5.06 -2.18
C LEU B 25 3.17 4.51 -2.38
N LEU B 26 4.08 4.87 -1.47
CA LEU B 26 5.45 4.35 -1.43
C LEU B 26 5.55 2.81 -1.30
N SER B 27 4.78 2.23 -0.38
CA SER B 27 4.76 0.75 -0.19
C SER B 27 4.28 -0.02 -1.44
N HIS B 28 3.28 0.53 -2.12
CA HIS B 28 2.85 0.04 -3.45
C HIS B 28 3.95 0.17 -4.52
N LEU B 29 4.61 1.33 -4.58
CA LEU B 29 5.81 1.53 -5.43
C LEU B 29 6.90 0.49 -5.14
N LEU B 30 7.17 0.22 -3.88
CA LEU B 30 8.09 -0.84 -3.41
C LEU B 30 7.65 -2.26 -3.81
N ALA B 31 6.33 -2.51 -3.74
CA ALA B 31 5.73 -3.76 -4.24
C ALA B 31 5.90 -3.92 -5.76
N ILE B 32 5.60 -2.87 -6.54
CA ILE B 32 5.90 -2.83 -7.98
C ILE B 32 7.44 -2.99 -8.18
N GLY B 33 8.23 -2.33 -7.34
CA GLY B 33 9.70 -2.51 -7.26
C GLY B 33 10.13 -3.99 -7.17
N LEU B 34 9.55 -4.70 -6.22
CA LEU B 34 9.73 -6.16 -6.05
C LEU B 34 9.35 -6.94 -7.32
N GLY B 35 8.19 -6.56 -7.90
CA GLY B 35 7.70 -7.09 -9.19
C GLY B 35 8.64 -6.83 -10.38
N ILE B 36 8.98 -5.57 -10.60
CA ILE B 36 9.88 -5.13 -11.69
C ILE B 36 11.31 -5.71 -11.56
N TYR B 37 11.74 -5.99 -10.33
CA TYR B 37 12.95 -6.77 -10.06
C TYR B 37 12.86 -8.18 -10.70
N ILE B 38 11.78 -8.88 -10.38
CA ILE B 38 11.40 -10.17 -11.02
C ILE B 38 11.32 -9.97 -12.56
N GLY B 39 10.65 -8.89 -12.97
CA GLY B 39 10.54 -8.42 -14.36
C GLY B 39 11.89 -8.31 -15.10
N ARG B 40 12.86 -7.67 -14.44
CA ARG B 40 14.26 -7.58 -14.92
C ARG B 40 14.99 -8.92 -15.10
N ARG B 41 14.63 -9.92 -14.31
CA ARG B 41 15.10 -11.30 -14.55
C ARG B 41 14.28 -12.04 -15.63
N LEU B 42 12.99 -11.71 -15.71
CA LEU B 42 12.10 -12.13 -16.80
C LEU B 42 12.47 -11.59 -18.20
N THR B 43 13.23 -10.51 -18.25
CA THR B 43 13.79 -10.02 -19.54
C THR B 43 15.15 -10.60 -19.92
N THR B 44 16.01 -10.89 -18.94
CA THR B 44 17.39 -11.36 -19.16
C THR B 44 17.51 -12.80 -19.69
N SER B 45 18.72 -13.10 -20.14
CA SER B 45 19.13 -14.43 -20.65
C SER B 45 20.29 -14.99 -19.82
N ARG A 1 6.16 28.91 -5.01
CA ARG A 1 4.96 28.39 -5.70
C ARG A 1 4.11 27.50 -4.79
N ASN A 2 4.72 26.44 -4.24
CA ASN A 2 4.05 25.53 -3.28
C ASN A 2 4.85 25.39 -1.98
N THR A 3 4.21 25.78 -0.88
CA THR A 3 4.75 25.48 0.48
C THR A 3 3.97 24.32 1.12
N SER A 4 4.75 23.35 1.59
CA SER A 4 4.21 22.06 2.04
C SER A 4 4.91 21.45 3.26
N VAL A 5 4.12 21.16 4.30
CA VAL A 5 4.59 20.28 5.40
C VAL A 5 4.59 18.78 5.07
N MET A 6 5.75 18.19 5.26
CA MET A 6 5.98 16.75 5.02
C MET A 6 5.70 15.96 6.31
N LYS A 7 4.41 15.75 6.57
CA LYS A 7 3.92 15.15 7.83
C LYS A 7 3.79 13.63 7.88
N LYS A 8 4.37 13.11 8.97
CA LYS A 8 4.29 11.71 9.40
C LYS A 8 3.03 11.39 10.22
N GLY A 9 2.71 12.28 11.17
CA GLY A 9 1.59 12.14 12.12
C GLY A 9 0.19 12.31 11.49
N GLY A 10 -0.63 11.31 11.82
CA GLY A 10 -2.05 11.25 11.46
C GLY A 10 -2.46 9.78 11.22
N ILE A 11 -2.97 9.16 12.27
CA ILE A 11 -3.36 7.73 12.25
C ILE A 11 -4.83 7.53 12.69
N PHE A 12 -5.56 6.75 11.92
CA PHE A 12 -6.89 6.27 12.33
C PHE A 12 -6.86 4.74 12.53
N SER A 13 -7.36 4.35 13.69
CA SER A 13 -7.54 2.96 14.18
C SER A 13 -6.75 1.84 13.50
N ALA A 14 -5.79 1.32 14.25
CA ALA A 14 -5.08 0.07 13.90
C ALA A 14 -6.01 -1.16 13.81
N GLU A 15 -7.12 -1.15 14.55
CA GLU A 15 -8.22 -2.14 14.41
C GLU A 15 -8.88 -2.08 13.03
N PHE A 16 -9.28 -0.88 12.62
CA PHE A 16 -9.78 -0.56 11.27
C PHE A 16 -8.76 -0.99 10.19
N LEU A 17 -7.49 -0.61 10.40
CA LEU A 17 -6.36 -1.05 9.56
C LEU A 17 -6.22 -2.58 9.49
N LYS A 18 -6.34 -3.29 10.63
CA LYS A 18 -6.37 -4.76 10.65
C LYS A 18 -7.50 -5.39 9.84
N VAL A 19 -8.74 -4.89 10.02
CA VAL A 19 -9.91 -5.36 9.24
C VAL A 19 -9.62 -5.19 7.71
N PHE A 20 -9.10 -4.02 7.37
CA PHE A 20 -8.60 -3.70 6.01
C PHE A 20 -7.39 -4.50 5.51
N LEU A 21 -6.52 -4.94 6.43
CA LEU A 21 -5.25 -5.61 6.09
C LEU A 21 -5.26 -6.70 5.00
N PRO A 22 -6.17 -7.68 4.99
CA PRO A 22 -6.25 -8.67 3.89
C PRO A 22 -6.34 -8.01 2.50
N SER A 23 -7.30 -7.09 2.31
CA SER A 23 -7.41 -6.31 1.07
C SER A 23 -6.24 -5.37 0.77
N LEU A 24 -5.69 -4.71 1.80
CA LEU A 24 -4.43 -3.93 1.67
C LEU A 24 -3.28 -4.80 1.10
N LEU A 25 -3.10 -5.98 1.70
CA LEU A 25 -2.14 -7.00 1.27
C LEU A 25 -2.41 -7.56 -0.13
N LEU A 26 -3.68 -7.82 -0.43
CA LEU A 26 -4.13 -8.21 -1.79
C LEU A 26 -3.77 -7.16 -2.85
N SER A 27 -4.04 -5.89 -2.52
CA SER A 27 -3.60 -4.72 -3.34
C SER A 27 -2.07 -4.67 -3.51
N HIS A 28 -1.33 -4.90 -2.42
CA HIS A 28 0.14 -5.11 -2.47
C HIS A 28 0.57 -6.25 -3.41
N LEU A 29 -0.13 -7.38 -3.37
CA LEU A 29 0.13 -8.53 -4.26
C LEU A 29 -0.14 -8.18 -5.73
N LEU A 30 -1.26 -7.50 -5.99
CA LEU A 30 -1.55 -6.91 -7.31
C LEU A 30 -0.51 -5.88 -7.76
N ALA A 31 0.03 -5.10 -6.83
CA ALA A 31 1.21 -4.25 -7.07
C ALA A 31 2.46 -5.03 -7.51
N ILE A 32 2.79 -6.12 -6.82
CA ILE A 32 3.88 -7.02 -7.25
C ILE A 32 3.57 -7.62 -8.64
N GLY A 33 2.33 -8.07 -8.81
CA GLY A 33 1.78 -8.53 -10.10
C GLY A 33 2.01 -7.52 -11.25
N LEU A 34 1.57 -6.28 -11.02
CA LEU A 34 1.80 -5.13 -11.92
C LEU A 34 3.27 -5.00 -12.31
N GLY A 35 4.15 -5.07 -11.32
CA GLY A 35 5.61 -5.06 -11.49
C GLY A 35 6.13 -6.16 -12.41
N ILE A 36 5.81 -7.41 -12.07
CA ILE A 36 6.18 -8.62 -12.88
C ILE A 36 5.71 -8.45 -14.34
N TYR A 37 4.44 -8.10 -14.46
CA TYR A 37 3.74 -7.86 -15.74
C TYR A 37 4.52 -6.92 -16.67
N ILE A 38 4.68 -5.67 -16.25
CA ILE A 38 5.46 -4.66 -17.01
C ILE A 38 6.94 -5.05 -17.23
N GLY A 39 7.57 -5.58 -16.18
CA GLY A 39 8.99 -6.00 -16.14
C GLY A 39 9.39 -6.92 -17.31
N ARG A 40 8.63 -8.00 -17.47
CA ARG A 40 8.88 -8.96 -18.57
C ARG A 40 8.20 -8.53 -19.90
N ARG A 41 6.89 -8.25 -19.82
CA ARG A 41 6.03 -8.21 -21.01
C ARG A 41 6.21 -7.05 -21.99
N LEU A 42 6.63 -5.90 -21.46
CA LEU A 42 6.93 -4.68 -22.24
C LEU A 42 7.98 -4.93 -23.36
N THR A 43 8.91 -5.83 -23.08
CA THR A 43 9.86 -6.34 -24.09
C THR A 43 9.56 -7.77 -24.58
N THR A 44 9.26 -8.69 -23.66
CA THR A 44 9.01 -10.10 -23.98
C THR A 44 7.65 -10.61 -23.46
N SER A 45 6.71 -10.77 -24.38
CA SER A 45 5.44 -11.50 -24.11
C SER A 45 5.36 -12.86 -24.83
N ARG B 1 -18.66 20.93 -18.61
CA ARG B 1 -19.68 21.62 -17.83
C ARG B 1 -20.31 20.55 -16.91
N ASN B 2 -20.06 20.73 -15.62
CA ASN B 2 -20.44 19.80 -14.56
C ASN B 2 -21.95 19.91 -14.25
N THR B 3 -22.62 18.76 -14.16
CA THR B 3 -24.04 18.73 -13.75
C THR B 3 -24.16 18.41 -12.24
N SER B 4 -24.13 19.53 -11.49
CA SER B 4 -24.39 19.61 -10.03
C SER B 4 -23.35 18.87 -9.16
N VAL B 5 -22.69 19.68 -8.33
CA VAL B 5 -21.66 19.21 -7.39
C VAL B 5 -22.34 18.41 -6.26
N MET B 6 -21.78 17.23 -6.03
CA MET B 6 -22.22 16.28 -4.99
C MET B 6 -20.97 15.56 -4.43
N LYS B 7 -20.22 16.34 -3.67
CA LYS B 7 -18.99 15.85 -2.99
C LYS B 7 -19.34 15.33 -1.60
N LYS B 8 -19.02 14.05 -1.42
CA LYS B 8 -19.44 13.24 -0.27
C LYS B 8 -18.26 12.55 0.43
N GLY B 9 -18.10 12.87 1.71
CA GLY B 9 -16.93 12.45 2.51
C GLY B 9 -16.88 10.94 2.79
N GLY B 10 -17.62 10.54 3.81
CA GLY B 10 -17.70 9.14 4.27
C GLY B 10 -16.54 8.75 5.19
N ILE B 11 -15.34 9.09 4.73
CA ILE B 11 -14.07 9.05 5.48
C ILE B 11 -14.26 9.91 6.74
N PHE B 12 -14.18 9.25 7.91
CA PHE B 12 -14.31 9.94 9.21
C PHE B 12 -13.14 10.92 9.44
N SER B 13 -11.93 10.48 9.08
CA SER B 13 -10.74 11.36 9.09
C SER B 13 -10.11 11.57 7.70
N ALA B 14 -10.39 12.76 7.17
CA ALA B 14 -9.69 13.30 5.99
C ALA B 14 -8.18 13.46 6.25
N GLU B 15 -7.86 13.85 7.49
CA GLU B 15 -6.50 14.04 8.02
C GLU B 15 -5.64 12.75 7.89
N PHE B 16 -6.23 11.62 8.27
CA PHE B 16 -5.63 10.29 8.05
C PHE B 16 -5.33 10.02 6.58
N LEU B 17 -6.37 10.07 5.74
CA LEU B 17 -6.26 9.77 4.29
C LEU B 17 -5.15 10.56 3.58
N LYS B 18 -5.04 11.84 3.92
CA LYS B 18 -3.97 12.75 3.45
C LYS B 18 -2.55 12.18 3.60
N VAL B 19 -2.19 11.80 4.83
CA VAL B 19 -0.88 11.18 5.14
C VAL B 19 -0.74 9.70 4.76
N PHE B 20 -1.87 8.99 4.70
CA PHE B 20 -1.98 7.57 4.28
C PHE B 20 -1.49 7.35 2.84
N LEU B 21 -1.99 8.16 1.91
CA LEU B 21 -1.64 8.07 0.47
C LEU B 21 -0.12 7.94 0.16
N PRO B 22 0.78 8.73 0.79
CA PRO B 22 2.24 8.54 0.68
C PRO B 22 2.74 7.12 0.99
N SER B 23 2.56 6.65 2.21
CA SER B 23 3.04 5.31 2.65
C SER B 23 2.49 4.18 1.75
N LEU B 24 1.19 4.29 1.45
CA LEU B 24 0.45 3.42 0.51
C LEU B 24 1.15 3.33 -0.85
N LEU B 25 1.34 4.49 -1.47
CA LEU B 25 2.09 4.66 -2.75
C LEU B 25 3.49 4.02 -2.66
N LEU B 26 4.29 4.50 -1.70
CA LEU B 26 5.68 4.05 -1.46
C LEU B 26 5.83 2.52 -1.34
N SER B 27 5.02 1.93 -0.45
CA SER B 27 4.97 0.47 -0.21
C SER B 27 4.58 -0.31 -1.47
N HIS B 28 3.46 0.08 -2.08
CA HIS B 28 2.96 -0.52 -3.34
C HIS B 28 3.94 -0.37 -4.53
N LEU B 29 4.55 0.81 -4.64
CA LEU B 29 5.57 1.10 -5.65
C LEU B 29 6.88 0.33 -5.51
N LEU B 30 7.32 0.13 -4.25
CA LEU B 30 8.42 -0.83 -3.96
C LEU B 30 8.03 -2.30 -4.20
N ALA B 31 6.75 -2.61 -4.04
CA ALA B 31 6.17 -3.90 -4.49
C ALA B 31 6.18 -4.05 -6.02
N ILE B 32 5.81 -3.01 -6.75
CA ILE B 32 6.05 -2.89 -8.21
C ILE B 32 7.56 -3.04 -8.51
N GLY B 33 8.39 -2.38 -7.69
CA GLY B 33 9.85 -2.53 -7.66
C GLY B 33 10.32 -4.00 -7.61
N LEU B 34 9.93 -4.69 -6.53
CA LEU B 34 10.11 -6.14 -6.36
C LEU B 34 9.54 -6.95 -7.55
N GLY B 35 8.37 -6.52 -8.02
CA GLY B 35 7.73 -7.01 -9.26
C GLY B 35 8.68 -6.96 -10.46
N ILE B 36 9.15 -5.76 -10.81
CA ILE B 36 10.14 -5.56 -11.89
C ILE B 36 11.47 -6.27 -11.58
N TYR B 37 11.85 -6.39 -10.32
CA TYR B 37 12.96 -7.27 -9.89
C TYR B 37 12.82 -8.71 -10.43
N ILE B 38 11.64 -9.30 -10.20
CA ILE B 38 11.26 -10.61 -10.74
C ILE B 38 11.11 -10.53 -12.28
N GLY B 39 10.32 -9.58 -12.78
CA GLY B 39 10.10 -9.28 -14.21
C GLY B 39 11.40 -9.25 -15.05
N ARG B 40 12.37 -8.50 -14.54
CA ARG B 40 13.73 -8.43 -15.07
C ARG B 40 14.53 -9.72 -14.89
N ARG B 41 14.49 -10.31 -13.72
CA ARG B 41 15.14 -11.62 -13.46
C ARG B 41 14.58 -12.77 -14.32
N LEU B 42 13.38 -12.58 -14.86
CA LEU B 42 12.80 -13.42 -15.93
C LEU B 42 13.54 -13.27 -17.27
N THR B 43 13.86 -12.02 -17.64
CA THR B 43 14.47 -11.67 -18.94
C THR B 43 16.01 -11.51 -18.89
N THR B 44 16.46 -10.38 -18.31
CA THR B 44 17.88 -9.97 -18.25
C THR B 44 18.58 -10.32 -16.93
N SER B 45 19.91 -10.29 -16.99
CA SER B 45 20.78 -10.56 -15.84
C SER B 45 21.64 -9.35 -15.43
#